data_5A22
#
_entry.id   5A22
#
_cell.length_a   1.000
_cell.length_b   1.000
_cell.length_c   1.000
_cell.angle_alpha   90.00
_cell.angle_beta   90.00
_cell.angle_gamma   90.00
#
_symmetry.space_group_name_H-M   'P 1'
#
loop_
_entity.id
_entity.type
_entity.pdbx_description
1 polymer 'VESICULAR STOMATITIS VIRUS L POLYMERASE'
2 non-polymer 'ZINC ION'
#
_entity_poly.entity_id   1
_entity_poly.type   'polypeptide(L)'
_entity_poly.pdbx_seq_one_letter_code
;MEVHDFETDEFNDFNEDDYATREFLNPDERMTYLNHADYNLNSPLISDDIDNLIRKFNSLPIPSMWDSKNWDGVLEMLTS
CQANPISTSQMHKWMGSWLMSDNHDASQGYSFLHEVDKEAEITFDVVETFIRGWGNKPIEYIKKERWTDSFKILAYLCQK
FLDLHKLTLILNAVSEVELLNLARTFKGKVRRSSHGTNICRIRVPSLGPTFISEGWAYFKKLDILMDRNFLLMVKDVIIG
RMQTVLSMVCRIDNLFSEQDIFSLLNIYRIGDKIVERQGNFSYDLIKMVEPICNLKLMKLARESRPLVPQFPHFENHIKT
SVDEGAKIDRGIRFLHDQIMSVKTVDLTLVIYGSFRHWGHPFIDYYTGLEKLHSQVTMKKDIDVSYAKALASDLARIVLF
QQFNDHKKWFVNGDLLPHDHPFKSHVKENTWPTAAQVQDFGDKWHELPLIKCFEIPDLLDPSIIYSDKSHSMNRSEVLKH
VRMNPNTPIPSKKVLQTMLDTKATNWKEFLKEIDEKGLDDDDLIIGLKGKERELKLAGRFFSLMSWKLREYFVITEYLIK
THFVPMFKGLTMADDLTAVIKKMLDSSSGQGLKSYEAICIANHIDYEKWNNHQRKLSNGPVFRVMGQFLGYPSLIERTHE
FFEKSLIYYNGRPDLMRVHNNTLINSTSQRVCWQGQEGGLEGLRQKGWTILNLLVIQREAKIRNTAVKVLAQGDNQVICT
QYKTKKSRNVVELQGALNQMVSNNEKIMTAIKIGTGKLGLLINDDETMQSADYLNYGKIPIFRGVIRGLETKRWSRVTCV
TNDQIPTCANIMSSVSTNALTVAHFAENPINAMIQYNYFGTFARLLLMMHDPALRQSLYEVQDKIPGLHSSTFKYAMLYL
DPSIGGVSGMSLSRFLIRAFPDPVTESLSFWRFIHVHARSEHLKEMSAVFGNPEIAKFRITHIDKLVEDPTSLNIAMGMS
PANLLKTEVKKCLIESRQTIRNQVIKDATIYLYHEEDRLRSFLWSINPLFPRFLSEFKSGTFLGVADGLISLFQNSRTIR
NSFKKKYHRELDDLIVRSEVSSLTHLGKLHLRRGSCKMWTCSATHADTLRYKSWGRTVIGTTVPHPLEMLGPQHRKETPC
APCNTSGFNYVSVHCPDGIHDVFSSRGPLPAYLGSKTSESTSILQPWERESKVPLIKRATRLRDAISWFVEPDSKLAMTI
LSNIHSLTGEEWTKRQHGFKRTGSALHRFSTSRMSHGGFASQSTAALTRLMATTDTMRDLGDQNFDFLFQATLLYAQITT
TVARDGWITSCTDHYHIACKSCLRPIEEITLDSSMDYTPPDVSHVLKTWRNGEGSWGQEIKQIYPLEGNWKNLAPAEQSY
QVGRCIGFLYGDLAYRKSTHAEDSSLFPLSIQGRIRGRGFLKGLLDGLMRASCCQVIHRRSLAHLKRPANAVYGGLIYLI
DKLSVSPPFLSLTRSGPIRDELETIPHKIPTSYPTSNRDMGVIVRNYFKYQCRLIEKGKYRSHYSQLWLFSDVLSIDFIG
PFSISTTLLQILYKPFLSGKDKNELRELANLSSLLRSGEGWEDIHVKFFTKDILLCPEEIRHACKFGIAKDNNKDMSYPP
WGRESRGTITTIPVYYTTTPYPKMLEMPPRIQNPLLSGIRLGQLPTGAHYKIRSILHGMGIHYRDFLSCGDGSGGMTAAL
LRENVHSRGIFNSLLELSGSVMRGASPEPPSALETLGGDKSRCVNGETCWEYPSDLCDPRTWDYFLRLKAGLGLQIDLIV
MDMEVRDSSTSLKIETNVRNYVHRILDEQGVLIYKTYGTYICESEKNAVTILGPMFKTVDLVQTEFSSSQTSEVYMVCKG
LKKLIDEPNPDWSSINESWKNLYAFQSSEQEFARAKKVSTYFTLTGIPSQFIPDPFVNIETMLQIFGVPTGVSHAAALKS
SDRPADLLTISLFYMAIISYYNINHIRVGPIPPNPPSDGIAQNVGIAITGISFWLSLMEKDIPLYQQCLAVIQQSFPIRW
EAVSVKGGYKQKWSTRGDGLPKDTRISDSLAPIGNWIRSLELVRNQVRLNPFNEILFNQLCRTVDNHLKWSNLRRNTGMI
EWINRRISKEDRSILMLKSDLHEENSWRD
;
_entity_poly.pdbx_strand_id   A
#
loop_
_chem_comp.id
_chem_comp.type
_chem_comp.name
_chem_comp.formula
ZN non-polymer 'ZINC ION' 'Zn 2'
#
# COMPACT_ATOMS: atom_id res chain seq x y z
N ASN A 35 5.91 -35.56 -16.26
CA ASN A 35 5.25 -36.80 -16.65
C ASN A 35 5.38 -37.83 -15.53
N HIS A 36 6.59 -37.92 -14.99
CA HIS A 36 6.87 -38.82 -13.89
C HIS A 36 7.57 -38.04 -12.76
N ALA A 37 8.74 -37.49 -13.05
CA ALA A 37 9.55 -36.81 -12.06
C ALA A 37 9.90 -35.38 -12.48
N ASP A 38 10.80 -34.74 -11.73
CA ASP A 38 10.90 -33.27 -11.67
C ASP A 38 12.18 -32.62 -12.23
N TYR A 39 11.98 -31.60 -13.06
CA TYR A 39 13.04 -30.68 -13.49
C TYR A 39 13.16 -29.48 -12.55
N ASN A 40 14.37 -28.95 -12.43
CA ASN A 40 14.78 -28.14 -11.30
C ASN A 40 14.61 -28.92 -9.98
N LEU A 41 14.27 -28.28 -8.86
CA LEU A 41 14.45 -28.93 -7.55
C LEU A 41 13.19 -29.01 -6.66
N ASN A 42 12.88 -30.24 -6.26
CA ASN A 42 11.78 -30.54 -5.34
C ASN A 42 12.27 -31.58 -4.32
N SER A 43 12.16 -31.23 -3.03
CA SER A 43 12.75 -31.99 -1.92
C SER A 43 14.23 -31.62 -1.71
N PRO A 44 14.77 -31.91 -0.51
CA PRO A 44 16.10 -31.42 -0.13
C PRO A 44 17.21 -32.28 -0.69
N LEU A 45 18.42 -32.09 -0.20
CA LEU A 45 19.60 -32.76 -0.73
C LEU A 45 19.89 -34.13 -0.11
N ILE A 46 20.14 -34.17 1.19
CA ILE A 46 20.30 -35.44 1.92
C ILE A 46 21.21 -36.41 1.16
N SER A 47 22.50 -36.12 1.24
CA SER A 47 23.53 -36.89 0.55
C SER A 47 23.58 -38.38 0.94
N ASP A 48 22.90 -38.76 2.01
CA ASP A 48 22.97 -40.12 2.54
C ASP A 48 22.72 -41.19 1.46
N ASP A 49 21.82 -40.90 0.52
CA ASP A 49 21.50 -41.81 -0.58
C ASP A 49 22.74 -42.16 -1.42
N ILE A 50 23.36 -41.11 -1.93
CA ILE A 50 24.64 -41.20 -2.63
C ILE A 50 25.64 -41.97 -1.78
N ASP A 51 25.79 -41.53 -0.55
CA ASP A 51 26.77 -42.12 0.33
C ASP A 51 26.60 -43.62 0.47
N ASN A 52 25.41 -44.06 0.89
CA ASN A 52 25.17 -45.49 1.05
C ASN A 52 25.25 -46.25 -0.26
N LEU A 53 25.00 -45.60 -1.40
CA LEU A 53 25.36 -46.22 -2.68
C LEU A 53 26.89 -46.37 -2.84
N ILE A 54 27.65 -45.38 -2.39
CA ILE A 54 29.12 -45.53 -2.33
C ILE A 54 29.49 -46.70 -1.42
N ARG A 55 28.78 -46.81 -0.30
CA ARG A 55 28.94 -47.93 0.59
C ARG A 55 28.70 -49.26 -0.11
N LYS A 56 27.45 -49.52 -0.48
CA LYS A 56 27.11 -50.77 -1.16
C LYS A 56 28.04 -51.07 -2.32
N PHE A 57 28.40 -50.04 -3.10
CA PHE A 57 29.35 -50.27 -4.16
C PHE A 57 30.70 -50.72 -3.64
N ASN A 58 31.31 -49.89 -2.79
CA ASN A 58 32.74 -49.87 -2.70
C ASN A 58 33.41 -51.22 -2.39
N SER A 59 33.43 -51.63 -1.13
CA SER A 59 33.77 -53.01 -0.71
C SER A 59 32.63 -53.77 -0.04
N LEU A 60 31.45 -53.17 0.01
CA LEU A 60 30.42 -53.48 1.02
C LEU A 60 30.82 -53.13 2.46
N PRO A 61 31.18 -51.85 2.73
CA PRO A 61 31.13 -51.33 4.10
C PRO A 61 29.69 -51.35 4.66
N ILE A 62 28.72 -51.70 3.80
CA ILE A 62 27.29 -51.94 4.11
C ILE A 62 26.47 -50.66 4.16
N PRO A 63 25.24 -50.68 3.57
CA PRO A 63 24.65 -49.34 3.58
C PRO A 63 23.98 -48.93 4.90
N SER A 64 22.72 -49.33 5.07
CA SER A 64 22.12 -49.65 6.36
C SER A 64 21.03 -50.70 6.08
N MET A 65 19.86 -50.19 5.66
CA MET A 65 18.73 -50.97 5.17
C MET A 65 18.37 -50.83 3.68
N TRP A 66 19.14 -50.07 2.91
CA TRP A 66 18.75 -49.72 1.55
C TRP A 66 19.24 -50.66 0.47
N ASP A 67 19.82 -51.79 0.88
CA ASP A 67 20.13 -52.84 -0.08
C ASP A 67 18.89 -53.25 -0.87
N SER A 68 17.71 -52.95 -0.33
CA SER A 68 16.44 -53.22 -1.00
C SER A 68 16.38 -52.56 -2.38
N LYS A 69 17.06 -51.42 -2.51
CA LYS A 69 16.98 -50.61 -3.71
C LYS A 69 17.59 -51.31 -4.92
N ASN A 70 17.21 -50.82 -6.10
CA ASN A 70 17.53 -51.45 -7.37
C ASN A 70 18.88 -51.01 -7.89
N TRP A 71 19.66 -50.40 -7.01
CA TRP A 71 20.90 -49.72 -7.37
C TRP A 71 21.81 -50.50 -8.30
N ASP A 72 21.66 -51.82 -8.35
CA ASP A 72 22.56 -52.68 -9.11
C ASP A 72 22.74 -52.21 -10.55
N GLY A 73 21.82 -51.41 -11.07
CA GLY A 73 22.00 -50.79 -12.38
C GLY A 73 23.21 -49.87 -12.36
N VAL A 74 23.22 -48.95 -11.41
CA VAL A 74 24.36 -48.06 -11.22
C VAL A 74 25.62 -48.86 -10.88
N LEU A 75 25.45 -49.97 -10.16
CA LEU A 75 26.58 -50.84 -9.83
C LEU A 75 27.14 -51.46 -11.11
N GLU A 76 26.25 -51.82 -12.05
CA GLU A 76 26.69 -52.30 -13.35
C GLU A 76 27.41 -51.16 -14.08
N MET A 77 26.92 -49.93 -13.94
CA MET A 77 27.64 -48.77 -14.48
C MET A 77 29.02 -48.59 -13.82
N LEU A 78 29.06 -48.81 -12.51
CA LEU A 78 30.27 -48.69 -11.69
C LEU A 78 31.36 -49.71 -12.01
N THR A 79 30.93 -50.95 -12.26
CA THR A 79 31.85 -52.01 -12.67
C THR A 79 32.18 -51.95 -14.17
N SER A 80 31.17 -51.75 -15.02
CA SER A 80 31.39 -51.71 -16.47
C SER A 80 32.28 -50.51 -16.82
N CYS A 81 32.03 -49.38 -16.16
CA CYS A 81 32.98 -48.28 -16.20
C CYS A 81 33.55 -48.08 -14.80
N GLN A 82 34.79 -48.50 -14.58
CA GLN A 82 35.38 -48.43 -13.25
C GLN A 82 36.11 -47.11 -13.07
N ALA A 83 35.70 -46.43 -12.03
CA ALA A 83 36.09 -45.08 -11.68
C ALA A 83 35.99 -45.12 -10.18
N ASN A 84 35.85 -43.97 -9.55
CA ASN A 84 35.63 -43.98 -8.12
C ASN A 84 35.15 -42.62 -7.66
N PRO A 85 34.10 -42.64 -6.82
CA PRO A 85 33.50 -41.40 -6.33
C PRO A 85 34.37 -40.71 -5.30
N ILE A 86 33.84 -39.62 -4.73
CA ILE A 86 34.58 -38.77 -3.79
C ILE A 86 33.76 -38.58 -2.52
N SER A 87 32.45 -38.43 -2.66
CA SER A 87 31.55 -38.37 -1.51
C SER A 87 31.47 -37.05 -0.76
N THR A 88 30.47 -36.27 -1.17
CA THR A 88 29.97 -35.16 -0.36
C THR A 88 30.92 -33.97 -0.26
N SER A 89 31.47 -33.73 0.92
CA SER A 89 32.27 -32.53 1.18
C SER A 89 33.16 -32.24 0.00
N GLN A 90 33.69 -33.32 -0.55
CA GLN A 90 34.44 -33.24 -1.77
C GLN A 90 33.54 -32.89 -2.96
N MET A 91 32.34 -33.46 -3.04
CA MET A 91 31.40 -33.06 -4.11
C MET A 91 31.33 -31.56 -4.10
N HIS A 92 31.03 -30.97 -2.94
CA HIS A 92 30.88 -29.52 -2.91
C HIS A 92 32.17 -28.81 -3.25
N LYS A 93 33.30 -29.39 -2.87
CA LYS A 93 34.58 -28.86 -3.37
C LYS A 93 34.63 -28.79 -4.93
N TRP A 94 34.57 -29.95 -5.62
CA TRP A 94 34.75 -29.92 -7.09
C TRP A 94 33.67 -29.08 -7.73
N MET A 95 32.51 -29.04 -7.10
CA MET A 95 31.44 -28.15 -7.53
C MET A 95 31.98 -26.73 -7.59
N GLY A 96 32.48 -26.27 -6.45
CA GLY A 96 33.01 -24.93 -6.36
C GLY A 96 34.07 -24.67 -7.41
N SER A 97 34.99 -25.62 -7.54
CA SER A 97 36.04 -25.49 -8.53
C SER A 97 35.44 -25.30 -9.92
N TRP A 98 34.57 -26.23 -10.27
CA TRP A 98 34.03 -26.40 -11.62
C TRP A 98 33.21 -25.22 -12.11
N LEU A 99 32.48 -24.56 -11.22
CA LEU A 99 31.87 -23.29 -11.60
C LEU A 99 32.92 -22.28 -12.03
N MET A 100 32.53 -21.41 -12.97
CA MET A 100 33.38 -20.28 -13.37
C MET A 100 34.76 -20.74 -13.81
N SER A 101 34.83 -21.82 -14.57
CA SER A 101 36.11 -22.33 -15.06
C SER A 101 36.32 -22.06 -16.55
N ASP A 102 37.60 -21.88 -16.86
CA ASP A 102 38.03 -21.46 -18.18
C ASP A 102 38.55 -22.68 -18.90
N ASN A 103 39.52 -23.38 -18.31
CA ASN A 103 39.93 -24.64 -18.90
C ASN A 103 38.67 -25.47 -18.99
N HIS A 104 38.25 -25.70 -20.23
CA HIS A 104 36.84 -25.90 -20.54
C HIS A 104 36.74 -25.91 -22.05
N ASP A 105 35.53 -26.09 -22.56
CA ASP A 105 35.22 -25.61 -23.90
C ASP A 105 34.21 -24.46 -23.83
N ALA A 106 33.88 -23.91 -25.00
CA ALA A 106 33.16 -22.66 -25.11
C ALA A 106 32.00 -22.80 -26.06
N SER A 107 32.35 -23.34 -27.22
CA SER A 107 31.68 -23.13 -28.48
C SER A 107 30.16 -22.99 -28.41
N GLN A 108 29.48 -24.07 -28.02
CA GLN A 108 28.03 -24.08 -27.94
C GLN A 108 27.55 -22.87 -27.17
N GLY A 109 28.35 -22.41 -26.22
CA GLY A 109 28.05 -21.17 -25.52
C GLY A 109 27.95 -20.02 -26.50
N TYR A 110 29.05 -19.78 -27.23
CA TYR A 110 29.07 -18.70 -28.20
C TYR A 110 27.92 -18.81 -29.19
N SER A 111 27.83 -19.97 -29.84
CA SER A 111 26.80 -20.15 -30.86
C SER A 111 25.40 -19.91 -30.28
N PHE A 112 25.11 -20.59 -29.16
CA PHE A 112 23.78 -20.47 -28.53
C PHE A 112 23.45 -19.02 -28.29
N LEU A 113 24.33 -18.34 -27.59
CA LEU A 113 24.08 -16.95 -27.27
C LEU A 113 23.94 -16.07 -28.52
N HIS A 114 24.74 -16.29 -29.55
CA HIS A 114 24.59 -15.51 -30.78
C HIS A 114 23.21 -15.75 -31.40
N GLU A 115 22.77 -17.00 -31.43
CA GLU A 115 21.42 -17.31 -31.87
C GLU A 115 20.40 -16.48 -31.10
N VAL A 116 20.45 -16.61 -29.77
CA VAL A 116 19.54 -15.88 -28.90
C VAL A 116 19.56 -14.42 -29.32
N ASP A 117 20.77 -13.91 -29.52
CA ASP A 117 20.96 -12.53 -29.93
C ASP A 117 20.13 -12.21 -31.16
N LYS A 118 20.31 -13.01 -32.21
CA LYS A 118 19.57 -12.77 -33.45
C LYS A 118 18.04 -12.80 -33.29
N GLU A 119 17.56 -13.90 -32.71
CA GLU A 119 16.12 -14.04 -32.52
C GLU A 119 15.59 -12.80 -31.80
N ALA A 120 16.28 -12.47 -30.72
CA ALA A 120 15.93 -11.33 -29.91
C ALA A 120 15.94 -10.02 -30.71
N GLU A 121 16.90 -9.83 -31.63
CA GLU A 121 16.82 -8.67 -32.55
C GLU A 121 15.48 -8.61 -33.26
N ILE A 122 15.07 -9.74 -33.85
CA ILE A 122 13.76 -9.77 -34.53
C ILE A 122 12.56 -9.37 -33.61
N THR A 123 12.44 -10.14 -32.55
CA THR A 123 11.38 -9.88 -31.60
C THR A 123 11.47 -8.43 -31.08
N PHE A 124 12.70 -7.92 -31.02
CA PHE A 124 12.87 -6.54 -30.61
C PHE A 124 12.48 -5.58 -31.71
N ASP A 125 12.45 -6.02 -32.97
CA ASP A 125 11.73 -5.26 -33.99
C ASP A 125 10.31 -4.99 -33.47
N VAL A 126 9.65 -6.07 -33.05
CA VAL A 126 8.29 -5.86 -32.48
C VAL A 126 8.23 -4.86 -31.29
N VAL A 127 8.98 -5.15 -30.23
CA VAL A 127 8.99 -4.21 -29.10
C VAL A 127 9.44 -2.81 -29.51
N GLU A 128 10.37 -2.73 -30.47
CA GLU A 128 10.92 -1.46 -30.98
C GLU A 128 9.80 -0.53 -31.38
N THR A 129 8.99 -1.02 -32.33
CA THR A 129 7.85 -0.21 -32.76
C THR A 129 6.91 0.03 -31.59
N PHE A 130 6.70 -0.96 -30.74
CA PHE A 130 5.87 -0.71 -29.56
C PHE A 130 6.34 0.45 -28.67
N ILE A 131 7.47 0.28 -28.00
CA ILE A 131 7.99 1.35 -27.14
C ILE A 131 8.00 2.66 -27.89
N ARG A 132 8.66 2.66 -29.05
CA ARG A 132 8.89 3.88 -29.82
C ARG A 132 7.61 4.62 -30.20
N GLY A 133 6.55 3.86 -30.49
CA GLY A 133 5.23 4.44 -30.69
C GLY A 133 4.54 4.77 -29.38
N TRP A 134 4.91 4.05 -28.32
CA TRP A 134 4.29 4.23 -27.02
C TRP A 134 4.89 5.36 -26.20
N GLY A 135 6.12 5.14 -25.72
CA GLY A 135 6.93 6.23 -25.20
C GLY A 135 7.71 6.73 -26.38
N ASN A 136 7.81 8.04 -26.56
CA ASN A 136 8.27 8.53 -27.84
C ASN A 136 9.75 8.18 -28.07
N LYS A 137 10.44 7.79 -26.99
CA LYS A 137 11.87 7.46 -27.02
C LYS A 137 12.21 6.20 -27.82
N PRO A 138 13.03 6.33 -28.89
CA PRO A 138 13.45 5.14 -29.64
C PRO A 138 14.60 4.38 -28.97
N ILE A 139 14.74 3.11 -29.35
CA ILE A 139 15.76 2.21 -28.82
C ILE A 139 16.48 1.50 -29.95
N GLU A 140 17.73 1.14 -29.73
CA GLU A 140 18.42 0.20 -30.62
C GLU A 140 18.69 -1.10 -29.86
N TYR A 141 18.74 -2.21 -30.58
CA TYR A 141 18.95 -3.48 -29.93
C TYR A 141 20.43 -3.59 -29.58
N ILE A 142 20.71 -3.61 -28.29
CA ILE A 142 22.07 -3.73 -27.83
C ILE A 142 22.34 -5.21 -27.73
N LYS A 143 23.34 -5.72 -28.46
CA LYS A 143 23.65 -7.14 -28.38
C LYS A 143 24.24 -7.46 -27.01
N LYS A 144 24.51 -8.73 -26.75
CA LYS A 144 25.20 -9.10 -25.52
C LYS A 144 26.66 -9.42 -25.78
N GLU A 145 27.08 -9.34 -27.03
CA GLU A 145 28.47 -9.58 -27.36
C GLU A 145 29.29 -8.35 -27.06
N ARG A 146 28.59 -7.24 -26.83
CA ARG A 146 29.22 -5.92 -26.73
C ARG A 146 30.32 -5.80 -25.66
N TRP A 147 30.10 -6.38 -24.48
CA TRP A 147 31.08 -6.27 -23.38
C TRP A 147 32.12 -7.38 -23.40
N THR A 148 32.16 -8.21 -24.44
CA THR A 148 33.30 -9.11 -24.60
C THR A 148 33.46 -10.11 -23.42
N ASP A 149 34.42 -9.85 -22.53
CA ASP A 149 34.72 -10.75 -21.42
C ASP A 149 33.47 -11.24 -20.73
N SER A 150 32.53 -10.34 -20.47
CA SER A 150 31.23 -10.76 -19.95
C SER A 150 30.68 -11.89 -20.81
N PHE A 151 30.66 -11.69 -22.12
CA PHE A 151 30.13 -12.68 -23.05
C PHE A 151 30.93 -13.98 -22.97
N LYS A 152 32.23 -13.87 -22.76
CA LYS A 152 33.05 -15.08 -22.56
C LYS A 152 32.64 -15.86 -21.33
N ILE A 153 32.55 -15.13 -20.21
CA ILE A 153 32.13 -15.69 -18.94
C ILE A 153 30.78 -16.39 -19.10
N LEU A 154 29.84 -15.63 -19.64
CA LEU A 154 28.51 -16.10 -19.92
C LEU A 154 28.48 -17.26 -20.92
N ALA A 155 29.41 -17.27 -21.86
CA ALA A 155 29.51 -18.40 -22.78
C ALA A 155 29.95 -19.66 -22.02
N TYR A 156 30.92 -19.54 -21.11
CA TYR A 156 31.30 -20.70 -20.29
C TYR A 156 30.14 -21.19 -19.42
N LEU A 157 29.50 -20.26 -18.71
CA LEU A 157 28.29 -20.63 -17.98
C LEU A 157 27.23 -21.27 -18.89
N CYS A 158 27.06 -20.75 -20.10
CA CYS A 158 26.01 -21.28 -20.97
C CYS A 158 26.41 -22.66 -21.43
N GLN A 159 27.68 -22.82 -21.75
CA GLN A 159 28.20 -24.10 -22.12
C GLN A 159 27.80 -25.08 -21.02
N LYS A 160 28.24 -24.76 -19.80
CA LYS A 160 27.96 -25.61 -18.64
C LYS A 160 26.46 -25.81 -18.40
N PHE A 161 25.65 -24.76 -18.53
CA PHE A 161 24.25 -24.86 -18.15
C PHE A 161 23.55 -25.70 -19.18
N LEU A 162 23.82 -25.38 -20.44
CA LEU A 162 23.15 -26.02 -21.54
C LEU A 162 23.43 -27.53 -21.49
N ASP A 163 24.70 -27.92 -21.27
CA ASP A 163 24.95 -29.37 -21.17
C ASP A 163 24.39 -29.95 -19.85
N LEU A 164 24.30 -29.14 -18.79
CA LEU A 164 23.53 -29.58 -17.62
C LEU A 164 22.03 -29.67 -17.92
N HIS A 165 21.55 -28.89 -18.89
CA HIS A 165 20.15 -28.95 -19.28
C HIS A 165 19.95 -30.28 -20.01
N LYS A 166 20.94 -30.63 -20.83
CA LYS A 166 20.98 -31.97 -21.44
C LYS A 166 20.96 -33.08 -20.41
N LEU A 167 21.90 -33.05 -19.46
CA LEU A 167 21.96 -34.11 -18.44
C LEU A 167 20.65 -34.18 -17.61
N THR A 168 20.10 -33.02 -17.27
CA THR A 168 18.76 -32.92 -16.67
C THR A 168 17.79 -33.75 -17.48
N LEU A 169 17.67 -33.34 -18.74
CA LEU A 169 16.77 -33.96 -19.68
C LEU A 169 16.95 -35.47 -19.75
N ILE A 170 18.16 -35.95 -19.97
CA ILE A 170 18.41 -37.39 -20.07
C ILE A 170 18.04 -38.12 -18.81
N LEU A 171 18.66 -37.76 -17.69
CA LEU A 171 18.54 -38.58 -16.49
C LEU A 171 17.13 -38.48 -15.93
N ASN A 172 16.42 -37.41 -16.29
CA ASN A 172 14.99 -37.41 -16.09
C ASN A 172 14.27 -37.59 -17.42
N ALA A 173 14.08 -38.86 -17.78
CA ALA A 173 13.15 -39.30 -18.81
C ALA A 173 12.89 -40.77 -18.53
N VAL A 174 11.65 -41.22 -18.65
CA VAL A 174 11.35 -42.64 -18.53
C VAL A 174 11.52 -43.37 -19.86
N SER A 175 11.05 -42.74 -20.93
CA SER A 175 10.88 -43.44 -22.21
C SER A 175 12.17 -43.66 -22.97
N GLU A 176 12.36 -44.91 -23.40
CA GLU A 176 13.50 -45.30 -24.22
C GLU A 176 13.55 -44.46 -25.48
N VAL A 177 12.37 -44.01 -25.89
CA VAL A 177 12.21 -43.15 -27.04
C VAL A 177 12.83 -41.79 -26.77
N GLU A 178 12.47 -41.16 -25.65
CA GLU A 178 13.11 -39.92 -25.23
C GLU A 178 14.60 -40.14 -25.18
N LEU A 179 15.01 -41.28 -24.63
CA LEU A 179 16.43 -41.63 -24.55
C LEU A 179 17.10 -41.68 -25.92
N LEU A 180 16.47 -42.35 -26.88
CA LEU A 180 17.06 -42.48 -28.21
C LEU A 180 17.08 -41.16 -28.97
N ASN A 181 16.01 -40.38 -28.83
CA ASN A 181 15.96 -39.08 -29.47
C ASN A 181 16.97 -38.10 -28.89
N LEU A 182 17.06 -38.06 -27.57
CA LEU A 182 18.10 -37.27 -26.92
C LEU A 182 19.48 -37.81 -27.29
N ALA A 183 19.60 -39.12 -27.42
CA ALA A 183 20.87 -39.74 -27.80
C ALA A 183 21.31 -39.27 -29.18
N ARG A 184 20.40 -39.29 -30.14
CA ARG A 184 20.72 -38.77 -31.48
C ARG A 184 20.94 -37.25 -31.48
N THR A 185 20.12 -36.51 -30.75
CA THR A 185 20.21 -35.04 -30.73
C THR A 185 21.50 -34.53 -30.10
N PHE A 186 21.82 -35.08 -28.93
CA PHE A 186 22.91 -34.60 -28.08
C PHE A 186 24.21 -35.35 -28.33
N LYS A 187 24.23 -36.15 -29.40
CA LYS A 187 25.43 -36.79 -29.93
C LYS A 187 25.77 -38.06 -29.12
N GLY A 188 25.09 -38.24 -27.99
CA GLY A 188 25.36 -39.38 -27.13
C GLY A 188 24.85 -40.69 -27.70
N LYS A 189 24.87 -41.74 -26.88
CA LYS A 189 24.40 -43.05 -27.33
C LYS A 189 23.83 -43.87 -26.17
N VAL A 190 22.93 -44.79 -26.51
CA VAL A 190 22.39 -45.72 -25.53
C VAL A 190 23.33 -46.90 -25.31
N ARG A 191 23.46 -47.33 -24.05
CA ARG A 191 24.18 -48.56 -23.73
C ARG A 191 23.30 -49.40 -22.82
N ARG A 192 22.88 -50.56 -23.28
CA ARG A 192 22.00 -51.42 -22.49
C ARG A 192 22.82 -52.24 -21.48
N SER A 193 22.37 -52.27 -20.23
CA SER A 193 23.04 -53.02 -19.17
C SER A 193 22.21 -54.22 -18.73
N SER A 194 22.96 -55.25 -18.35
CA SER A 194 22.50 -56.63 -18.32
C SER A 194 21.14 -56.85 -17.66
N HIS A 195 20.80 -56.02 -16.69
CA HIS A 195 19.56 -56.19 -15.95
C HIS A 195 18.37 -55.56 -16.68
N GLY A 196 18.61 -55.08 -17.89
CA GLY A 196 17.59 -54.40 -18.68
C GLY A 196 17.57 -52.93 -18.35
N THR A 197 18.73 -52.40 -17.94
CA THR A 197 18.82 -51.02 -17.48
C THR A 197 19.62 -50.21 -18.48
N ASN A 198 19.05 -49.14 -18.99
CA ASN A 198 19.75 -48.36 -19.98
C ASN A 198 20.70 -47.36 -19.36
N ILE A 199 21.98 -47.58 -19.60
CA ILE A 199 23.02 -46.63 -19.29
C ILE A 199 23.26 -45.81 -20.55
N CYS A 200 22.89 -44.54 -20.52
CA CYS A 200 23.26 -43.67 -21.63
C CYS A 200 24.71 -43.25 -21.40
N ARG A 201 25.44 -43.12 -22.51
CA ARG A 201 26.77 -42.54 -22.46
C ARG A 201 26.72 -41.25 -23.23
N ILE A 202 27.21 -40.19 -22.61
CA ILE A 202 27.16 -38.86 -23.23
C ILE A 202 28.52 -38.19 -23.15
N ARG A 203 28.87 -37.50 -24.22
CA ARG A 203 30.05 -36.66 -24.29
C ARG A 203 29.58 -35.21 -24.24
N VAL A 204 30.00 -34.48 -23.21
CA VAL A 204 29.61 -33.09 -23.09
C VAL A 204 30.86 -32.24 -22.86
N PRO A 205 30.89 -31.04 -23.46
CA PRO A 205 32.10 -30.23 -23.63
C PRO A 205 32.71 -29.67 -22.34
N SER A 206 31.92 -29.67 -21.27
CA SER A 206 32.40 -29.19 -19.98
C SER A 206 33.33 -30.20 -19.35
N LEU A 207 32.72 -31.34 -19.03
CA LEU A 207 33.34 -32.46 -18.32
C LEU A 207 33.80 -33.65 -19.16
N GLY A 208 33.64 -33.61 -20.48
CA GLY A 208 33.99 -34.74 -21.31
C GLY A 208 32.99 -35.90 -21.21
N PRO A 209 33.48 -37.13 -20.96
CA PRO A 209 32.57 -38.29 -20.98
C PRO A 209 31.72 -38.38 -19.72
N THR A 210 30.53 -38.95 -19.82
CA THR A 210 29.67 -39.22 -18.66
C THR A 210 28.77 -40.46 -18.87
N PHE A 211 28.47 -41.16 -17.78
CA PHE A 211 27.54 -42.29 -17.87
C PHE A 211 26.31 -42.07 -16.98
N ILE A 212 25.12 -42.31 -17.55
CA ILE A 212 23.83 -41.94 -16.93
C ILE A 212 22.85 -43.12 -16.92
N SER A 213 22.24 -43.38 -15.77
CA SER A 213 21.30 -44.49 -15.62
C SER A 213 20.17 -44.07 -14.68
N GLU A 214 19.35 -45.00 -14.23
CA GLU A 214 18.11 -44.60 -13.55
C GLU A 214 18.43 -43.65 -12.41
N GLY A 215 18.05 -42.38 -12.62
CA GLY A 215 18.22 -41.32 -11.63
C GLY A 215 19.65 -41.03 -11.20
N TRP A 216 20.63 -41.74 -11.77
CA TRP A 216 22.00 -41.69 -11.25
C TRP A 216 22.94 -41.32 -12.37
N ALA A 217 24.05 -40.67 -12.02
CA ALA A 217 24.89 -40.08 -13.05
C ALA A 217 26.41 -40.10 -12.86
N TYR A 218 27.02 -39.81 -14.01
CA TYR A 218 28.38 -39.31 -14.17
C TYR A 218 29.51 -40.35 -14.10
N PHE A 219 30.30 -40.34 -13.03
CA PHE A 219 31.64 -40.96 -12.90
C PHE A 219 32.78 -40.26 -13.60
N LYS A 220 33.38 -40.88 -14.61
CA LYS A 220 34.77 -40.59 -14.99
C LYS A 220 35.00 -39.17 -15.59
N LYS A 221 36.24 -38.92 -16.05
CA LYS A 221 36.86 -37.59 -16.06
C LYS A 221 36.91 -37.12 -14.59
N LEU A 222 36.21 -36.05 -14.22
CA LEU A 222 36.15 -35.69 -12.81
C LEU A 222 35.39 -36.82 -12.18
N ASP A 223 35.99 -37.55 -11.25
CA ASP A 223 35.39 -38.84 -10.89
C ASP A 223 34.39 -38.66 -9.77
N ILE A 224 33.12 -38.59 -10.15
CA ILE A 224 32.08 -38.26 -9.17
C ILE A 224 30.78 -38.95 -9.50
N LEU A 225 30.05 -39.37 -8.46
CA LEU A 225 28.72 -39.89 -8.64
C LEU A 225 27.76 -38.80 -8.30
N MET A 226 26.70 -38.66 -9.08
CA MET A 226 25.64 -37.74 -8.65
C MET A 226 24.27 -38.24 -8.99
N ASP A 227 23.31 -37.87 -8.15
CA ASP A 227 21.91 -38.13 -8.43
C ASP A 227 21.23 -36.87 -8.97
N ARG A 228 19.96 -37.05 -9.30
CA ARG A 228 19.13 -35.99 -9.83
C ARG A 228 19.14 -34.78 -8.90
N ASN A 229 19.06 -35.03 -7.60
CA ASN A 229 18.95 -33.92 -6.65
C ASN A 229 20.19 -33.04 -6.74
N PHE A 230 21.36 -33.67 -6.57
CA PHE A 230 22.60 -32.90 -6.56
C PHE A 230 22.84 -32.22 -7.90
N LEU A 231 22.77 -33.00 -8.97
CA LEU A 231 22.95 -32.44 -10.30
C LEU A 231 22.03 -31.22 -10.50
N LEU A 232 20.76 -31.39 -10.19
CA LEU A 232 19.78 -30.33 -10.42
C LEU A 232 20.09 -29.10 -9.60
N MET A 233 20.44 -29.24 -8.34
CA MET A 233 20.77 -28.04 -7.58
C MET A 233 21.97 -27.35 -8.25
N VAL A 234 22.90 -28.12 -8.80
CA VAL A 234 23.99 -27.48 -9.56
C VAL A 234 23.47 -26.73 -10.80
N LYS A 235 22.55 -27.36 -11.54
CA LYS A 235 21.88 -26.69 -12.64
C LYS A 235 21.25 -25.36 -12.17
N ASP A 236 20.58 -25.40 -11.00
CA ASP A 236 19.99 -24.19 -10.42
C ASP A 236 21.07 -23.14 -10.21
N VAL A 237 22.20 -23.56 -9.64
CA VAL A 237 23.30 -22.64 -9.43
C VAL A 237 23.75 -21.97 -10.72
N ILE A 238 24.26 -22.79 -11.62
CA ILE A 238 24.85 -22.26 -12.82
C ILE A 238 23.83 -21.40 -13.58
N ILE A 239 22.57 -21.84 -13.64
CA ILE A 239 21.57 -21.05 -14.38
C ILE A 239 21.22 -19.76 -13.63
N GLY A 240 21.32 -19.78 -12.31
CA GLY A 240 21.22 -18.54 -11.58
C GLY A 240 22.28 -17.58 -12.07
N ARG A 241 23.55 -17.98 -11.99
CA ARG A 241 24.66 -17.07 -12.36
C ARG A 241 24.46 -16.56 -13.79
N MET A 242 24.18 -17.52 -14.66
CA MET A 242 23.79 -17.27 -16.04
C MET A 242 22.77 -16.15 -16.19
N GLN A 243 21.57 -16.39 -15.67
CA GLN A 243 20.45 -15.50 -15.91
C GLN A 243 20.65 -14.14 -15.25
N THR A 244 21.34 -14.10 -14.13
CA THR A 244 21.65 -12.82 -13.50
C THR A 244 22.64 -11.98 -14.33
N VAL A 245 23.80 -12.56 -14.68
CA VAL A 245 24.75 -11.86 -15.55
C VAL A 245 24.03 -11.40 -16.80
N LEU A 246 23.28 -12.33 -17.40
CA LEU A 246 22.49 -12.03 -18.57
C LEU A 246 21.63 -10.79 -18.31
N SER A 247 20.80 -10.88 -17.27
CA SER A 247 19.80 -9.85 -16.97
C SER A 247 20.41 -8.46 -16.86
N MET A 248 21.54 -8.37 -16.16
CA MET A 248 22.14 -7.05 -15.97
C MET A 248 23.02 -6.53 -17.12
N VAL A 249 23.81 -7.40 -17.76
CA VAL A 249 24.98 -6.95 -18.55
C VAL A 249 24.77 -5.77 -19.53
N CYS A 250 23.64 -5.76 -20.21
CA CYS A 250 23.25 -4.65 -21.06
C CYS A 250 21.81 -4.30 -20.80
N ARG A 251 21.58 -3.11 -20.28
CA ARG A 251 20.23 -2.64 -20.07
C ARG A 251 20.10 -1.37 -20.85
N ILE A 252 18.88 -0.83 -20.87
CA ILE A 252 18.65 0.45 -21.49
C ILE A 252 19.19 1.52 -20.57
N ASP A 253 18.78 1.47 -19.30
CA ASP A 253 19.47 2.23 -18.28
C ASP A 253 20.80 1.53 -18.13
N ASN A 254 21.90 2.27 -18.06
CA ASN A 254 23.13 1.61 -17.69
C ASN A 254 23.25 1.71 -16.19
N LEU A 255 22.91 0.61 -15.52
CA LEU A 255 23.09 0.52 -14.09
C LEU A 255 24.33 -0.29 -13.81
N PHE A 256 24.96 -0.75 -14.89
CA PHE A 256 26.07 -1.66 -14.74
C PHE A 256 27.12 -1.49 -15.83
N SER A 257 28.35 -1.79 -15.47
CA SER A 257 29.40 -1.96 -16.45
C SER A 257 30.17 -3.23 -16.17
N GLU A 258 30.82 -3.69 -17.23
CA GLU A 258 31.54 -4.94 -17.23
C GLU A 258 32.52 -5.03 -16.07
N GLN A 259 32.90 -3.87 -15.54
CA GLN A 259 33.68 -3.83 -14.33
C GLN A 259 32.83 -4.26 -13.12
N ASP A 260 31.64 -3.68 -12.99
CA ASP A 260 30.72 -4.06 -11.91
C ASP A 260 30.43 -5.55 -11.97
N ILE A 261 30.13 -5.99 -13.18
CA ILE A 261 29.91 -7.41 -13.38
C ILE A 261 31.15 -8.19 -12.99
N PHE A 262 32.32 -7.69 -13.39
CA PHE A 262 33.58 -8.28 -12.97
C PHE A 262 33.64 -8.39 -11.44
N SER A 263 33.12 -7.39 -10.74
CA SER A 263 33.10 -7.41 -9.28
C SER A 263 32.15 -8.48 -8.72
N LEU A 264 30.92 -8.55 -9.23
CA LEU A 264 30.04 -9.64 -8.82
C LEU A 264 30.65 -11.02 -9.13
N LEU A 265 31.15 -11.19 -10.34
CA LEU A 265 31.88 -12.40 -10.71
C LEU A 265 32.94 -12.72 -9.69
N ASN A 266 33.72 -11.71 -9.31
CA ASN A 266 34.65 -11.88 -8.22
C ASN A 266 33.94 -12.44 -6.98
N ILE A 267 32.83 -11.83 -6.56
CA ILE A 267 32.06 -12.37 -5.42
C ILE A 267 31.74 -13.84 -5.58
N TYR A 268 31.34 -14.24 -6.78
CA TYR A 268 31.15 -15.66 -7.03
C TYR A 268 32.46 -16.38 -6.82
N ARG A 269 33.57 -15.82 -7.32
CA ARG A 269 34.87 -16.48 -7.21
C ARG A 269 35.18 -16.72 -5.75
N ILE A 270 35.05 -15.68 -4.94
CA ILE A 270 35.25 -15.81 -3.51
C ILE A 270 34.32 -16.87 -2.91
N GLY A 271 33.01 -16.75 -3.14
CA GLY A 271 32.06 -17.72 -2.62
C GLY A 271 32.46 -19.14 -2.95
N ASP A 272 32.89 -19.31 -4.19
CA ASP A 272 33.43 -20.57 -4.63
C ASP A 272 34.59 -20.93 -3.71
N LYS A 273 35.58 -20.04 -3.63
CA LYS A 273 36.79 -20.28 -2.86
C LYS A 273 36.48 -20.74 -1.43
N ILE A 274 35.44 -20.18 -0.84
CA ILE A 274 34.93 -20.70 0.44
C ILE A 274 34.51 -22.17 0.30
N VAL A 275 33.47 -22.39 -0.52
CA VAL A 275 32.91 -23.73 -0.66
C VAL A 275 33.94 -24.64 -1.35
N GLU A 276 35.03 -24.03 -1.81
CA GLU A 276 36.12 -24.78 -2.40
C GLU A 276 36.92 -25.31 -1.23
N ARG A 277 37.48 -24.38 -0.46
CA ARG A 277 38.32 -24.68 0.68
C ARG A 277 37.72 -25.76 1.56
N GLN A 278 36.42 -25.69 1.82
CA GLN A 278 35.77 -26.85 2.46
C GLN A 278 34.39 -27.11 1.90
N GLY A 279 33.83 -28.24 2.30
CA GLY A 279 32.56 -28.69 1.81
C GLY A 279 31.44 -27.98 2.54
N ASN A 280 30.37 -28.73 2.79
CA ASN A 280 29.11 -28.16 3.23
C ASN A 280 29.20 -27.07 4.31
N PHE A 281 30.29 -27.06 5.06
CA PHE A 281 30.39 -26.18 6.22
C PHE A 281 30.39 -24.70 5.85
N SER A 282 30.63 -24.40 4.59
CA SER A 282 30.70 -23.01 4.12
C SER A 282 29.41 -22.22 4.24
N TYR A 283 28.32 -22.96 4.32
CA TYR A 283 27.03 -22.36 4.18
C TYR A 283 26.66 -21.68 5.47
N ASP A 284 27.43 -21.95 6.51
CA ASP A 284 27.47 -21.10 7.68
C ASP A 284 27.83 -19.68 7.22
N LEU A 285 28.93 -19.59 6.49
CA LEU A 285 29.47 -18.31 6.05
C LEU A 285 28.58 -17.65 4.97
N ILE A 286 27.86 -18.47 4.23
CA ILE A 286 26.87 -17.93 3.29
C ILE A 286 25.60 -17.38 4.02
N LYS A 287 25.11 -18.20 4.94
CA LYS A 287 24.09 -17.74 5.84
C LYS A 287 24.57 -16.41 6.43
N MET A 288 25.89 -16.24 6.56
CA MET A 288 26.44 -14.89 6.79
C MET A 288 26.34 -13.94 5.58
N VAL A 289 26.60 -14.42 4.35
CA VAL A 289 26.53 -13.50 3.18
C VAL A 289 25.27 -12.65 3.15
N GLU A 290 24.10 -13.27 3.28
CA GLU A 290 22.92 -12.42 3.02
C GLU A 290 22.71 -11.31 4.11
N PRO A 291 22.97 -11.59 5.40
CA PRO A 291 22.95 -10.41 6.29
C PRO A 291 24.10 -9.42 6.07
N ILE A 292 25.32 -9.85 5.74
CA ILE A 292 26.35 -8.86 5.40
C ILE A 292 25.77 -7.90 4.35
N CYS A 293 25.08 -8.50 3.38
CA CYS A 293 24.41 -7.71 2.34
C CYS A 293 23.41 -6.75 2.96
N ASN A 294 22.58 -7.28 3.85
CA ASN A 294 21.65 -6.46 4.59
C ASN A 294 22.37 -5.24 5.22
N LEU A 295 23.55 -5.51 5.78
CA LEU A 295 24.37 -4.50 6.49
C LEU A 295 25.03 -3.44 5.60
N LYS A 296 25.45 -3.84 4.40
CA LYS A 296 25.87 -2.86 3.40
C LYS A 296 24.70 -1.98 2.94
N LEU A 297 23.54 -2.61 2.76
CA LEU A 297 22.34 -1.87 2.44
C LEU A 297 22.01 -0.81 3.48
N MET A 298 21.87 -1.25 4.72
CA MET A 298 21.70 -0.34 5.84
C MET A 298 22.73 0.78 5.81
N LYS A 299 24.01 0.43 5.68
CA LYS A 299 25.05 1.45 5.60
C LYS A 299 24.80 2.51 4.50
N LEU A 300 24.42 2.09 3.30
CA LEU A 300 24.05 3.07 2.25
C LEU A 300 22.82 3.93 2.60
N ALA A 301 21.70 3.24 2.85
CA ALA A 301 20.48 3.95 3.18
C ALA A 301 20.69 4.80 4.44
N ARG A 302 21.75 4.52 5.21
CA ARG A 302 22.14 5.41 6.29
C ARG A 302 22.94 6.61 5.75
N GLU A 303 23.84 6.35 4.80
CA GLU A 303 24.55 7.43 4.13
C GLU A 303 23.57 8.47 3.60
N SER A 304 22.36 8.02 3.30
CA SER A 304 21.23 8.92 2.95
C SER A 304 21.06 10.26 3.74
N ARG A 305 20.67 10.20 5.01
CA ARG A 305 20.52 11.40 5.84
C ARG A 305 21.51 11.33 7.00
N PRO A 306 22.76 11.73 6.72
CA PRO A 306 23.98 11.31 7.44
C PRO A 306 23.90 11.38 8.96
N LEU A 307 23.24 12.38 9.53
CA LEU A 307 23.36 12.53 10.97
C LEU A 307 22.25 11.71 11.61
N VAL A 308 22.64 10.50 11.96
CA VAL A 308 21.87 9.60 12.76
C VAL A 308 22.94 8.77 13.43
N PRO A 309 22.75 8.39 14.69
CA PRO A 309 23.71 7.41 15.22
C PRO A 309 23.49 6.01 14.62
N GLN A 310 24.58 5.36 14.20
CA GLN A 310 24.47 3.98 13.75
C GLN A 310 24.17 3.14 14.98
N PHE A 311 23.60 1.97 14.76
CA PHE A 311 23.34 1.05 15.86
C PHE A 311 24.42 -0.02 15.87
N PRO A 312 25.37 0.08 16.82
CA PRO A 312 26.56 -0.77 16.78
C PRO A 312 26.22 -2.24 16.81
N HIS A 313 25.03 -2.53 17.33
CA HIS A 313 24.57 -3.89 17.52
C HIS A 313 24.81 -4.76 16.31
N PHE A 314 24.14 -4.42 15.21
CA PHE A 314 24.14 -5.34 14.08
C PHE A 314 25.52 -5.49 13.42
N GLU A 315 26.10 -4.37 12.99
CA GLU A 315 27.46 -4.42 12.44
C GLU A 315 28.43 -5.18 13.34
N ASN A 316 28.37 -4.91 14.65
CA ASN A 316 29.24 -5.58 15.61
C ASN A 316 29.06 -7.10 15.59
N HIS A 317 27.80 -7.53 15.71
CA HIS A 317 27.48 -8.94 15.57
C HIS A 317 28.08 -9.53 14.31
N ILE A 318 27.82 -8.87 13.18
CA ILE A 318 28.36 -9.32 11.91
C ILE A 318 29.89 -9.49 11.96
N LYS A 319 30.57 -8.44 12.39
CA LYS A 319 32.02 -8.46 12.56
C LYS A 319 32.44 -9.71 13.32
N THR A 320 31.78 -9.96 14.43
CA THR A 320 32.03 -11.17 15.21
C THR A 320 31.84 -12.45 14.40
N SER A 321 30.77 -12.51 13.61
CA SER A 321 30.53 -13.68 12.77
C SER A 321 31.59 -13.85 11.69
N VAL A 322 32.15 -12.75 11.23
CA VAL A 322 33.29 -12.80 10.32
C VAL A 322 34.58 -13.20 11.04
N ASP A 323 34.73 -12.77 12.28
CA ASP A 323 35.88 -13.17 13.08
C ASP A 323 35.84 -14.68 13.30
N GLU A 324 34.72 -15.19 13.82
CA GLU A 324 34.57 -16.63 13.98
C GLU A 324 34.64 -17.37 12.65
N GLY A 325 33.92 -16.88 11.64
CA GLY A 325 34.02 -17.45 10.32
C GLY A 325 35.46 -17.56 9.86
N ALA A 326 36.23 -16.49 10.09
CA ALA A 326 37.64 -16.45 9.69
C ALA A 326 38.54 -17.19 10.70
N LYS A 327 38.01 -17.49 11.88
CA LYS A 327 38.66 -18.45 12.76
C LYS A 327 38.57 -19.86 12.18
N ILE A 328 37.44 -20.20 11.57
CA ILE A 328 37.37 -21.45 10.79
C ILE A 328 38.12 -21.31 9.46
N ASP A 329 37.58 -20.51 8.55
CA ASP A 329 38.19 -20.29 7.24
C ASP A 329 38.06 -18.84 6.84
N ARG A 330 39.19 -18.20 6.53
CA ARG A 330 39.17 -16.82 6.12
C ARG A 330 38.74 -16.73 4.69
N GLY A 331 38.81 -15.52 4.16
CA GLY A 331 38.37 -15.25 2.83
C GLY A 331 36.90 -14.92 2.83
N ILE A 332 36.18 -15.45 3.82
CA ILE A 332 34.89 -14.89 4.18
C ILE A 332 35.24 -13.45 4.55
N ARG A 333 36.38 -13.29 5.19
CA ARG A 333 36.92 -11.97 5.49
C ARG A 333 36.97 -11.14 4.20
N PHE A 334 37.64 -11.65 3.17
CA PHE A 334 37.80 -10.91 1.91
C PHE A 334 36.43 -10.69 1.29
N LEU A 335 35.54 -11.67 1.45
CA LEU A 335 34.17 -11.60 0.93
C LEU A 335 33.45 -10.41 1.52
N HIS A 336 33.24 -10.49 2.82
CA HIS A 336 32.62 -9.41 3.56
C HIS A 336 33.23 -8.10 3.11
N ASP A 337 34.55 -8.06 3.08
CA ASP A 337 35.26 -6.85 2.69
C ASP A 337 34.88 -6.37 1.29
N GLN A 338 34.96 -7.26 0.30
CA GLN A 338 34.70 -6.81 -1.06
C GLN A 338 33.22 -6.39 -1.18
N ILE A 339 32.33 -7.12 -0.52
CA ILE A 339 30.90 -6.75 -0.54
C ILE A 339 30.75 -5.34 -0.04
N MET A 340 31.20 -5.11 1.19
CA MET A 340 31.08 -3.77 1.75
C MET A 340 31.97 -2.79 0.98
N SER A 341 32.85 -3.30 0.13
CA SER A 341 33.58 -2.45 -0.82
C SER A 341 32.71 -2.07 -2.04
N VAL A 342 31.74 -2.88 -2.39
CA VAL A 342 30.75 -2.49 -3.42
C VAL A 342 30.17 -1.10 -3.18
N LYS A 343 30.22 -0.25 -4.21
CA LYS A 343 29.91 1.17 -4.06
C LYS A 343 28.48 1.59 -4.48
N THR A 344 27.65 0.65 -4.91
CA THR A 344 26.36 0.95 -5.54
C THR A 344 25.19 0.35 -4.77
N VAL A 345 23.98 0.89 -4.95
CA VAL A 345 22.77 0.26 -4.42
C VAL A 345 22.45 -1.01 -5.18
N ASP A 346 22.34 -0.87 -6.49
CA ASP A 346 21.98 -1.96 -7.37
C ASP A 346 22.85 -3.18 -7.13
N LEU A 347 24.16 -3.09 -7.38
CA LEU A 347 25.02 -4.27 -7.30
C LEU A 347 24.88 -5.01 -5.96
N THR A 348 24.77 -4.24 -4.88
CA THR A 348 24.54 -4.80 -3.56
C THR A 348 23.25 -5.62 -3.59
N LEU A 349 22.20 -4.94 -4.04
CA LEU A 349 20.88 -5.54 -4.07
C LEU A 349 20.83 -6.83 -4.89
N VAL A 350 21.57 -6.84 -6.00
CA VAL A 350 21.81 -8.07 -6.75
C VAL A 350 22.44 -9.17 -5.88
N ILE A 351 23.58 -8.88 -5.27
CA ILE A 351 24.22 -9.88 -4.42
C ILE A 351 23.22 -10.46 -3.40
N TYR A 352 22.58 -9.56 -2.65
CA TYR A 352 21.50 -9.96 -1.73
C TYR A 352 20.40 -10.70 -2.47
N GLY A 353 20.24 -10.35 -3.75
CA GLY A 353 19.30 -11.04 -4.61
C GLY A 353 19.74 -12.46 -4.89
N SER A 354 21.04 -12.69 -4.94
CA SER A 354 21.49 -14.06 -5.11
C SER A 354 21.56 -14.79 -3.79
N PHE A 355 22.68 -14.59 -3.09
CA PHE A 355 23.05 -15.36 -1.89
C PHE A 355 22.83 -16.87 -1.98
N ARG A 356 21.94 -17.32 -2.86
CA ARG A 356 21.57 -18.71 -2.96
C ARG A 356 22.38 -19.32 -4.06
N HIS A 357 23.04 -18.47 -4.83
CA HIS A 357 23.94 -18.93 -5.86
C HIS A 357 25.07 -19.61 -5.13
N TRP A 358 25.74 -20.50 -5.85
CA TRP A 358 26.87 -21.23 -5.31
C TRP A 358 26.42 -21.89 -4.01
N GLY A 359 25.11 -22.14 -3.92
CA GLY A 359 24.47 -22.52 -2.67
C GLY A 359 23.95 -23.94 -2.51
N HIS A 360 23.02 -24.08 -1.56
CA HIS A 360 22.32 -25.34 -1.25
C HIS A 360 23.21 -26.53 -0.86
N PRO A 361 23.63 -26.60 0.42
CA PRO A 361 24.47 -27.69 0.88
C PRO A 361 23.64 -28.91 1.30
N PHE A 362 24.29 -30.02 1.64
CA PHE A 362 23.57 -31.21 2.09
C PHE A 362 23.04 -31.07 3.51
N ILE A 363 21.78 -31.44 3.74
CA ILE A 363 21.19 -31.36 5.08
C ILE A 363 21.54 -32.60 5.91
N ASP A 364 21.92 -32.38 7.18
CA ASP A 364 22.03 -33.48 8.13
C ASP A 364 20.82 -33.47 9.05
N TYR A 365 19.90 -34.39 8.79
CA TYR A 365 18.64 -34.33 9.46
C TYR A 365 18.83 -34.78 10.90
N TYR A 366 19.89 -35.54 11.15
CA TYR A 366 20.21 -35.94 12.50
C TYR A 366 20.39 -34.76 13.44
N THR A 367 21.43 -33.99 13.18
CA THR A 367 21.67 -32.77 13.93
C THR A 367 20.43 -31.88 13.87
N GLY A 368 19.79 -31.79 12.70
CA GLY A 368 18.56 -31.03 12.60
C GLY A 368 17.57 -31.39 13.69
N LEU A 369 17.26 -32.69 13.80
CA LEU A 369 16.26 -33.18 14.73
C LEU A 369 16.69 -33.00 16.16
N GLU A 370 17.97 -33.22 16.42
CA GLU A 370 18.50 -32.96 17.76
C GLU A 370 18.22 -31.53 18.17
N LYS A 371 18.69 -30.60 17.33
CA LYS A 371 18.49 -29.18 17.58
C LYS A 371 17.00 -28.87 17.78
N LEU A 372 16.17 -29.34 16.88
CA LEU A 372 14.74 -29.15 17.01
C LEU A 372 14.24 -29.63 18.38
N HIS A 373 14.33 -30.94 18.61
CA HIS A 373 13.80 -31.54 19.83
C HIS A 373 14.26 -30.81 21.08
N SER A 374 15.52 -30.40 21.10
CA SER A 374 16.01 -29.63 22.24
C SER A 374 15.28 -28.29 22.35
N GLN A 375 15.21 -27.57 21.24
CA GLN A 375 14.52 -26.28 21.21
C GLN A 375 13.05 -26.39 21.61
N VAL A 376 12.46 -27.57 21.37
CA VAL A 376 11.15 -27.90 21.93
C VAL A 376 11.16 -28.13 23.42
N THR A 377 12.04 -29.05 23.82
CA THR A 377 12.10 -29.55 25.19
C THR A 377 12.43 -28.45 26.16
N MET A 378 13.10 -27.41 25.66
CA MET A 378 13.49 -26.28 26.51
C MET A 378 12.36 -25.82 27.42
N LYS A 379 12.72 -25.68 28.70
CA LYS A 379 11.79 -25.34 29.77
C LYS A 379 11.81 -23.84 30.01
N LYS A 380 10.64 -23.24 29.98
CA LYS A 380 10.50 -21.80 29.91
C LYS A 380 9.87 -21.19 31.17
N ASP A 381 10.48 -20.11 31.65
CA ASP A 381 9.89 -19.30 32.70
C ASP A 381 8.73 -18.49 32.13
N ILE A 382 7.59 -18.52 32.81
CA ILE A 382 6.39 -17.89 32.29
C ILE A 382 5.64 -17.18 33.41
N ASP A 383 5.19 -15.97 33.11
CA ASP A 383 4.64 -15.06 34.11
C ASP A 383 3.13 -15.16 34.25
N VAL A 384 2.51 -16.01 33.45
CA VAL A 384 1.10 -16.33 33.63
C VAL A 384 0.32 -15.02 33.59
N SER A 385 -0.06 -14.53 34.77
CA SER A 385 -0.91 -13.36 34.91
C SER A 385 -0.51 -12.28 33.93
N TYR A 386 0.77 -12.23 33.57
CA TYR A 386 1.17 -11.46 32.41
C TYR A 386 0.34 -11.89 31.18
N ALA A 387 0.55 -13.12 30.73
CA ALA A 387 -0.22 -13.63 29.61
C ALA A 387 -1.71 -13.40 29.83
N LYS A 388 -2.17 -13.58 31.06
CA LYS A 388 -3.59 -13.39 31.34
C LYS A 388 -3.96 -11.95 31.05
N ALA A 389 -3.05 -11.04 31.36
CA ALA A 389 -3.30 -9.63 31.10
C ALA A 389 -3.36 -9.38 29.61
N LEU A 390 -2.52 -10.08 28.86
CA LEU A 390 -2.62 -10.00 27.40
C LEU A 390 -4.01 -10.46 26.97
N ALA A 391 -4.36 -11.67 27.38
CA ALA A 391 -5.64 -12.26 27.04
C ALA A 391 -6.78 -11.27 27.31
N SER A 392 -6.74 -10.65 28.49
CA SER A 392 -7.72 -9.64 28.81
C SER A 392 -7.66 -8.53 27.76
N ASP A 393 -6.46 -8.00 27.48
CA ASP A 393 -6.34 -6.93 26.50
C ASP A 393 -7.04 -7.30 25.18
N LEU A 394 -6.84 -8.53 24.75
CA LEU A 394 -7.52 -9.02 23.55
C LEU A 394 -9.05 -9.01 23.67
N ALA A 395 -9.55 -9.64 24.72
CA ALA A 395 -10.99 -9.64 24.97
C ALA A 395 -11.54 -8.22 24.87
N ARG A 396 -10.85 -7.29 25.55
CA ARG A 396 -11.19 -5.89 25.44
C ARG A 396 -11.29 -5.50 23.98
N ILE A 397 -10.22 -5.76 23.23
CA ILE A 397 -10.20 -5.42 21.81
C ILE A 397 -11.47 -5.86 21.10
N VAL A 398 -11.71 -7.15 21.00
CA VAL A 398 -12.78 -7.54 20.09
C VAL A 398 -14.15 -7.22 20.69
N LEU A 399 -14.23 -7.10 22.01
CA LEU A 399 -15.48 -6.62 22.59
C LEU A 399 -15.76 -5.21 22.11
N PHE A 400 -14.73 -4.37 22.15
CA PHE A 400 -14.84 -3.00 21.66
C PHE A 400 -15.28 -3.05 20.22
N GLN A 401 -14.56 -3.79 19.39
CA GLN A 401 -14.88 -3.85 17.96
C GLN A 401 -16.31 -4.29 17.69
N GLN A 402 -16.66 -5.47 18.21
CA GLN A 402 -18.00 -5.98 18.03
C GLN A 402 -19.00 -4.95 18.54
N PHE A 403 -18.73 -4.39 19.71
CA PHE A 403 -19.65 -3.44 20.30
C PHE A 403 -19.61 -2.11 19.60
N ASN A 404 -18.60 -1.88 18.76
CA ASN A 404 -18.61 -0.73 17.87
C ASN A 404 -19.13 -1.13 16.50
N ASP A 405 -19.32 -2.42 16.27
CA ASP A 405 -20.01 -2.86 15.07
C ASP A 405 -21.52 -2.94 15.31
N HIS A 406 -21.95 -3.94 16.06
CA HIS A 406 -23.37 -4.19 16.25
C HIS A 406 -23.90 -3.48 17.47
N LYS A 407 -23.00 -2.84 18.22
CA LYS A 407 -23.38 -2.06 19.39
C LYS A 407 -24.19 -2.95 20.32
N LYS A 408 -23.87 -4.23 20.23
CA LYS A 408 -24.42 -5.21 21.14
C LYS A 408 -23.28 -5.86 21.90
N TRP A 409 -23.19 -5.55 23.19
CA TRP A 409 -22.24 -6.21 24.07
C TRP A 409 -22.41 -7.70 23.89
N PHE A 410 -21.31 -8.43 23.74
CA PHE A 410 -21.45 -9.86 23.49
C PHE A 410 -21.25 -10.76 24.72
N VAL A 411 -21.10 -10.15 25.88
CA VAL A 411 -21.01 -10.89 27.12
C VAL A 411 -22.39 -11.36 27.59
N ASN A 412 -22.40 -12.37 28.46
CA ASN A 412 -23.61 -12.83 29.13
C ASN A 412 -24.08 -11.84 30.20
N GLY A 413 -25.39 -11.81 30.45
CA GLY A 413 -25.94 -11.08 31.56
C GLY A 413 -25.85 -11.89 32.84
N ASP A 414 -25.17 -13.03 32.75
CA ASP A 414 -24.89 -13.85 33.90
C ASP A 414 -23.55 -13.41 34.47
N LEU A 415 -23.61 -12.67 35.57
CA LEU A 415 -22.41 -12.07 36.13
C LEU A 415 -22.74 -11.45 37.46
N LEU A 416 -21.74 -10.82 38.07
CA LEU A 416 -21.86 -10.29 39.42
C LEU A 416 -22.31 -8.81 39.36
N PRO A 417 -23.42 -8.47 40.07
CA PRO A 417 -24.07 -7.16 39.89
C PRO A 417 -23.19 -5.99 40.31
N HIS A 418 -22.06 -5.84 39.63
CA HIS A 418 -21.03 -4.88 40.02
C HIS A 418 -20.20 -4.42 38.83
N ASP A 419 -19.15 -3.67 39.14
CA ASP A 419 -18.18 -3.14 38.19
C ASP A 419 -18.91 -2.42 37.04
N HIS A 420 -18.36 -2.46 35.83
CA HIS A 420 -19.11 -2.02 34.66
C HIS A 420 -20.18 -3.05 34.20
N PRO A 421 -19.87 -4.37 34.25
CA PRO A 421 -20.66 -5.34 33.46
C PRO A 421 -22.18 -5.26 33.61
N PHE A 422 -22.69 -5.25 34.84
CA PHE A 422 -24.15 -5.29 35.05
C PHE A 422 -24.80 -4.13 34.33
N LYS A 423 -24.43 -2.95 34.79
CA LYS A 423 -24.89 -1.72 34.19
C LYS A 423 -24.76 -1.84 32.69
N SER A 424 -23.57 -2.24 32.24
CA SER A 424 -23.23 -2.33 30.81
C SER A 424 -24.21 -3.12 29.98
N HIS A 425 -24.16 -4.43 30.15
CA HIS A 425 -24.98 -5.27 29.30
C HIS A 425 -26.46 -4.94 29.50
N VAL A 426 -26.89 -4.60 30.72
CA VAL A 426 -28.30 -4.28 30.91
C VAL A 426 -28.68 -3.04 30.10
N LYS A 427 -27.91 -1.97 30.24
CA LYS A 427 -28.19 -0.73 29.51
C LYS A 427 -28.12 -0.99 28.02
N GLU A 428 -27.15 -1.82 27.65
CA GLU A 428 -26.70 -2.04 26.26
C GLU A 428 -25.61 -1.03 25.90
N ASN A 429 -25.40 -0.04 26.75
CA ASN A 429 -24.08 0.57 26.88
C ASN A 429 -23.78 1.10 28.29
N THR A 430 -22.83 0.49 29.01
CA THR A 430 -22.03 1.21 30.00
C THR A 430 -20.67 1.42 29.40
N TRP A 431 -20.50 1.02 28.13
CA TRP A 431 -19.18 0.72 27.61
C TRP A 431 -18.25 1.83 28.02
N PRO A 432 -17.25 1.50 28.84
CA PRO A 432 -16.88 2.52 29.83
C PRO A 432 -15.90 3.59 29.36
N THR A 433 -15.45 4.37 30.33
CA THR A 433 -14.51 5.44 30.08
C THR A 433 -13.18 5.06 30.73
N ALA A 434 -12.19 5.92 30.57
CA ALA A 434 -10.88 5.73 31.18
C ALA A 434 -11.02 5.42 32.67
N ALA A 435 -11.98 6.09 33.32
CA ALA A 435 -12.22 5.91 34.74
C ALA A 435 -12.57 4.46 35.05
N GLN A 436 -13.63 3.99 34.40
CA GLN A 436 -14.14 2.66 34.66
C GLN A 436 -13.24 1.57 34.06
N VAL A 437 -12.41 1.96 33.10
CA VAL A 437 -11.39 1.08 32.55
C VAL A 437 -10.19 0.91 33.51
N GLN A 438 -9.72 2.01 34.08
CA GLN A 438 -8.72 1.97 35.15
C GLN A 438 -9.25 1.14 36.31
N ASP A 439 -10.42 1.53 36.80
CA ASP A 439 -11.11 0.78 37.86
C ASP A 439 -11.09 -0.70 37.52
N PHE A 440 -11.75 -1.06 36.43
CA PHE A 440 -11.78 -2.46 36.00
C PHE A 440 -10.34 -2.92 35.83
N GLY A 441 -9.98 -3.97 36.54
CA GLY A 441 -8.64 -4.53 36.40
C GLY A 441 -8.59 -5.10 35.00
N ASP A 442 -7.49 -5.70 34.60
CA ASP A 442 -7.55 -6.33 33.30
C ASP A 442 -8.07 -7.72 33.63
N LYS A 443 -9.40 -7.75 33.69
CA LYS A 443 -10.20 -8.94 33.90
C LYS A 443 -11.01 -9.26 32.66
N TRP A 444 -10.82 -8.47 31.61
CA TRP A 444 -11.59 -8.60 30.39
C TRP A 444 -11.59 -10.03 29.91
N HIS A 445 -10.54 -10.76 30.29
CA HIS A 445 -10.43 -12.18 29.98
C HIS A 445 -11.29 -13.04 30.91
N GLU A 446 -11.71 -12.45 32.02
CA GLU A 446 -12.70 -13.09 32.90
C GLU A 446 -14.08 -12.43 32.79
N LEU A 447 -14.95 -13.13 32.07
CA LEU A 447 -16.34 -12.73 31.82
C LEU A 447 -17.03 -13.96 31.27
N PRO A 448 -18.35 -13.87 31.05
CA PRO A 448 -19.09 -14.93 30.36
C PRO A 448 -19.28 -14.68 28.85
N LEU A 449 -18.27 -14.94 28.03
CA LEU A 449 -18.30 -14.47 26.65
C LEU A 449 -19.01 -15.44 25.70
N ILE A 450 -19.81 -14.87 24.79
CA ILE A 450 -20.70 -15.64 23.92
C ILE A 450 -20.13 -15.89 22.51
N LYS A 451 -20.98 -16.42 21.63
CA LYS A 451 -20.67 -16.71 20.22
C LYS A 451 -19.90 -15.64 19.46
N CYS A 452 -20.47 -14.46 19.30
CA CYS A 452 -19.87 -13.45 18.43
C CYS A 452 -19.70 -14.02 17.03
N PHE A 453 -18.46 -14.16 16.58
CA PHE A 453 -18.16 -14.66 15.25
C PHE A 453 -18.78 -16.03 15.01
N GLU A 454 -19.55 -16.12 13.93
CA GLU A 454 -20.23 -17.35 13.55
C GLU A 454 -19.33 -18.15 12.62
N ILE A 455 -19.30 -19.47 12.77
CA ILE A 455 -18.40 -20.29 11.96
C ILE A 455 -18.88 -20.28 10.51
N PRO A 456 -18.08 -19.68 9.60
CA PRO A 456 -18.51 -19.65 8.20
C PRO A 456 -18.78 -21.04 7.68
N ASP A 457 -19.70 -21.15 6.73
CA ASP A 457 -19.96 -22.45 6.14
C ASP A 457 -18.79 -22.79 5.26
N LEU A 458 -18.20 -23.96 5.49
CA LEU A 458 -17.21 -24.48 4.56
C LEU A 458 -17.91 -25.51 3.72
N LEU A 459 -18.22 -25.12 2.49
CA LEU A 459 -18.77 -26.04 1.50
C LEU A 459 -17.85 -25.98 0.32
N ASP A 460 -17.67 -27.14 -0.32
CA ASP A 460 -16.59 -27.37 -1.28
C ASP A 460 -15.27 -27.39 -0.52
N PRO A 461 -14.29 -28.09 -1.07
CA PRO A 461 -12.97 -28.21 -0.44
C PRO A 461 -12.11 -26.93 -0.46
N SER A 462 -12.40 -26.00 -1.36
CA SER A 462 -11.53 -24.85 -1.62
C SER A 462 -11.14 -24.10 -0.36
N ILE A 463 -12.07 -23.99 0.56
CA ILE A 463 -11.88 -23.20 1.77
C ILE A 463 -11.00 -23.95 2.78
N ILE A 464 -10.88 -25.26 2.58
CA ILE A 464 -10.14 -26.12 3.50
C ILE A 464 -8.89 -26.64 2.83
N TYR A 465 -9.12 -27.43 1.78
CA TYR A 465 -8.10 -28.34 1.26
C TYR A 465 -7.24 -27.74 0.14
N SER A 466 -5.97 -28.12 0.18
CA SER A 466 -5.02 -27.91 -0.89
C SER A 466 -4.46 -29.28 -1.18
N ASP A 467 -3.42 -29.38 -2.00
CA ASP A 467 -2.79 -30.67 -2.24
C ASP A 467 -1.62 -31.01 -1.30
N LYS A 468 -1.36 -30.18 -0.30
CA LYS A 468 -0.36 -30.53 0.70
C LYS A 468 -0.75 -31.88 1.28
N SER A 469 0.24 -32.65 1.70
CA SER A 469 0.00 -33.97 2.29
C SER A 469 -0.12 -33.95 3.81
N HIS A 470 -0.06 -35.14 4.39
CA HIS A 470 -0.24 -35.32 5.82
C HIS A 470 -0.04 -36.80 6.13
N SER A 471 0.25 -37.09 7.40
CA SER A 471 0.50 -38.46 7.83
C SER A 471 -0.75 -39.29 7.98
N MET A 472 -0.57 -40.59 7.82
CA MET A 472 -1.57 -41.59 8.17
C MET A 472 -1.63 -41.75 9.68
N ASN A 473 -2.71 -42.34 10.16
CA ASN A 473 -3.00 -42.37 11.59
C ASN A 473 -2.02 -43.26 12.36
N ARG A 474 -2.19 -43.31 13.68
CA ARG A 474 -1.15 -43.81 14.57
C ARG A 474 -0.93 -45.30 14.43
N SER A 475 -2.01 -46.06 14.47
CA SER A 475 -1.99 -47.49 14.28
C SER A 475 -1.29 -47.87 12.96
N GLU A 476 -1.56 -47.09 11.93
CA GLU A 476 -1.04 -47.35 10.60
C GLU A 476 0.44 -46.99 10.46
N VAL A 477 0.84 -45.79 10.91
CA VAL A 477 2.27 -45.43 10.88
C VAL A 477 3.07 -46.41 11.73
N LEU A 478 2.56 -46.66 12.93
CA LEU A 478 3.21 -47.58 13.84
C LEU A 478 3.33 -48.96 13.19
N LYS A 479 2.25 -49.42 12.55
CA LYS A 479 2.30 -50.69 11.83
C LYS A 479 3.18 -50.62 10.58
N HIS A 480 3.40 -49.44 10.01
CA HIS A 480 4.35 -49.32 8.87
C HIS A 480 5.79 -49.17 9.34
N VAL A 481 5.99 -48.89 10.62
CA VAL A 481 7.30 -49.12 11.23
C VAL A 481 7.52 -50.61 11.60
N ARG A 482 6.53 -51.23 12.26
CA ARG A 482 6.60 -52.66 12.62
C ARG A 482 6.75 -53.53 11.38
N MET A 483 5.84 -53.33 10.43
CA MET A 483 5.92 -53.92 9.09
C MET A 483 6.96 -53.12 8.33
N ASN A 484 6.94 -53.13 7.00
CA ASN A 484 8.16 -52.89 6.23
C ASN A 484 8.91 -51.63 6.69
N PRO A 485 10.05 -51.82 7.42
CA PRO A 485 10.84 -50.80 8.12
C PRO A 485 11.79 -49.95 7.28
N ASN A 486 12.42 -50.58 6.30
CA ASN A 486 13.52 -49.95 5.55
C ASN A 486 13.07 -48.76 4.72
N THR A 487 11.78 -48.79 4.38
CA THR A 487 11.16 -47.84 3.46
C THR A 487 10.49 -46.67 4.19
N PRO A 488 10.81 -45.42 3.80
CA PRO A 488 10.14 -44.28 4.44
C PRO A 488 8.64 -44.36 4.30
N ILE A 489 7.89 -43.93 5.32
CA ILE A 489 6.43 -44.03 5.26
C ILE A 489 5.87 -42.87 4.46
N PRO A 490 4.90 -43.16 3.57
CA PRO A 490 4.42 -42.09 2.68
C PRO A 490 3.52 -41.06 3.35
N SER A 491 3.36 -39.93 2.69
CA SER A 491 2.40 -38.92 3.11
C SER A 491 1.11 -39.12 2.32
N LYS A 492 0.00 -39.23 3.03
CA LYS A 492 -1.29 -39.38 2.39
C LYS A 492 -1.84 -38.05 1.93
N LYS A 493 -2.02 -37.89 0.63
CA LYS A 493 -2.41 -36.59 0.05
C LYS A 493 -3.78 -36.14 0.53
N VAL A 494 -3.85 -34.85 0.85
CA VAL A 494 -5.01 -34.30 1.53
C VAL A 494 -6.26 -34.63 0.76
N LEU A 495 -6.15 -34.58 -0.56
CA LEU A 495 -7.32 -34.80 -1.38
C LEU A 495 -7.69 -36.28 -1.42
N GLN A 496 -6.69 -37.14 -1.60
CA GLN A 496 -6.94 -38.59 -1.65
C GLN A 496 -7.66 -39.05 -0.37
N THR A 497 -7.25 -38.50 0.76
CA THR A 497 -7.96 -38.78 2.02
C THR A 497 -9.30 -38.04 2.15
N MET A 498 -9.39 -36.84 1.58
CA MET A 498 -10.65 -36.11 1.55
C MET A 498 -11.72 -36.90 0.82
N LEU A 499 -11.33 -37.55 -0.27
CA LEU A 499 -12.26 -38.43 -0.99
C LEU A 499 -12.50 -39.74 -0.26
N ASP A 500 -11.44 -40.41 0.16
CA ASP A 500 -11.60 -41.74 0.75
C ASP A 500 -12.17 -41.77 2.18
N THR A 501 -12.11 -40.67 2.92
CA THR A 501 -12.68 -40.63 4.28
C THR A 501 -13.98 -39.83 4.37
N LYS A 502 -14.89 -40.30 5.22
CA LYS A 502 -16.15 -39.59 5.47
C LYS A 502 -15.85 -38.16 5.91
N ALA A 503 -16.72 -37.23 5.52
CA ALA A 503 -16.40 -35.82 5.66
C ALA A 503 -16.42 -35.39 7.10
N THR A 504 -16.21 -34.09 7.30
CA THR A 504 -16.18 -33.54 8.62
C THR A 504 -17.53 -32.94 8.93
N ASN A 505 -17.99 -33.20 10.13
CA ASN A 505 -19.06 -32.43 10.72
C ASN A 505 -18.32 -31.33 11.44
N TRP A 506 -18.38 -30.11 10.93
CA TRP A 506 -17.59 -29.06 11.53
C TRP A 506 -18.08 -28.78 12.93
N LYS A 507 -19.40 -28.75 13.08
CA LYS A 507 -20.01 -28.52 14.38
C LYS A 507 -19.63 -29.58 15.41
N GLU A 508 -19.91 -30.86 15.11
CA GLU A 508 -19.59 -31.91 16.07
C GLU A 508 -18.09 -32.08 16.26
N PHE A 509 -17.33 -31.86 15.18
CA PHE A 509 -15.87 -31.89 15.23
C PHE A 509 -15.39 -30.92 16.30
N LEU A 510 -15.66 -29.64 16.07
CA LEU A 510 -15.23 -28.61 16.99
C LEU A 510 -15.81 -28.84 18.39
N LYS A 511 -17.08 -29.24 18.44
CA LYS A 511 -17.73 -29.48 19.72
C LYS A 511 -17.04 -30.56 20.54
N GLU A 512 -16.71 -31.68 19.88
CA GLU A 512 -16.15 -32.82 20.58
C GLU A 512 -14.68 -32.60 20.87
N ILE A 513 -13.99 -31.91 19.97
CA ILE A 513 -12.61 -31.50 20.23
C ILE A 513 -12.58 -30.55 21.42
N ASP A 514 -13.49 -29.58 21.39
CA ASP A 514 -13.67 -28.67 22.51
C ASP A 514 -13.80 -29.48 23.78
N GLU A 515 -14.88 -30.24 23.92
CA GLU A 515 -15.12 -30.92 25.18
C GLU A 515 -14.06 -32.01 25.53
N LYS A 516 -13.92 -33.06 24.72
CA LYS A 516 -13.10 -34.21 25.12
C LYS A 516 -11.75 -34.32 24.42
N GLY A 517 -11.48 -33.42 23.48
CA GLY A 517 -10.24 -33.43 22.72
C GLY A 517 -10.13 -34.60 21.73
N LEU A 518 -9.02 -34.64 21.01
CA LEU A 518 -8.78 -35.68 20.02
C LEU A 518 -8.33 -37.00 20.65
N ASP A 519 -8.56 -38.08 19.90
CA ASP A 519 -8.15 -39.43 20.27
C ASP A 519 -6.68 -39.67 19.93
N ASP A 520 -6.07 -40.61 20.65
CA ASP A 520 -4.65 -40.92 20.51
C ASP A 520 -4.25 -41.21 19.06
N ASP A 521 -5.10 -41.92 18.34
CA ASP A 521 -4.73 -42.44 17.02
C ASP A 521 -4.62 -41.37 15.95
N ASP A 522 -5.07 -40.15 16.26
CA ASP A 522 -4.91 -39.00 15.37
C ASP A 522 -3.80 -38.02 15.74
N LEU A 523 -3.04 -38.28 16.81
CA LEU A 523 -1.96 -37.36 17.17
C LEU A 523 -0.59 -37.88 16.75
N ILE A 524 -0.19 -37.44 15.57
CA ILE A 524 1.06 -37.86 14.93
C ILE A 524 1.49 -36.69 14.07
N ILE A 525 2.79 -36.42 14.04
CA ILE A 525 3.30 -35.43 13.10
C ILE A 525 4.54 -35.94 12.37
N GLY A 526 4.43 -35.98 11.05
CA GLY A 526 5.56 -36.32 10.19
C GLY A 526 6.39 -35.10 9.85
N LEU A 527 7.71 -35.30 9.74
CA LEU A 527 8.61 -34.24 9.28
C LEU A 527 9.33 -34.50 7.95
N LYS A 528 9.40 -33.46 7.14
CA LYS A 528 10.15 -33.47 5.88
C LYS A 528 11.11 -32.31 5.88
N GLY A 529 12.38 -32.56 5.61
CA GLY A 529 13.34 -31.48 5.47
C GLY A 529 12.92 -30.70 4.25
N LYS A 530 12.66 -29.40 4.40
CA LYS A 530 12.31 -28.57 3.26
C LYS A 530 13.61 -28.27 2.52
N GLU A 531 13.50 -28.02 1.22
CA GLU A 531 14.65 -28.18 0.35
C GLU A 531 15.66 -27.02 0.31
N ARG A 532 15.17 -25.78 0.31
CA ARG A 532 15.99 -24.64 -0.08
C ARG A 532 16.88 -24.05 1.01
N GLU A 533 16.74 -24.56 2.23
CA GLU A 533 17.08 -23.79 3.43
C GLU A 533 18.48 -23.20 3.53
N LEU A 534 19.48 -23.82 2.90
CA LEU A 534 20.85 -23.37 3.04
C LEU A 534 21.43 -23.61 4.45
N LYS A 535 20.59 -23.88 5.44
CA LYS A 535 21.10 -24.25 6.76
C LYS A 535 21.53 -25.71 6.74
N LEU A 536 22.70 -25.98 7.29
CA LEU A 536 23.14 -27.36 7.43
C LEU A 536 22.23 -28.10 8.42
N ALA A 537 21.40 -27.35 9.14
CA ALA A 537 20.42 -27.88 10.09
C ALA A 537 19.22 -28.55 9.40
N GLY A 538 18.61 -27.84 8.45
CA GLY A 538 17.51 -28.34 7.65
C GLY A 538 16.10 -28.02 8.11
N ARG A 539 15.87 -27.84 9.41
CA ARG A 539 14.61 -27.27 9.92
C ARG A 539 13.34 -27.79 9.21
N PHE A 540 12.92 -28.97 9.62
CA PHE A 540 11.90 -29.77 8.92
C PHE A 540 10.51 -29.18 8.92
N PHE A 541 9.87 -29.14 7.74
CA PHE A 541 8.47 -28.71 7.63
C PHE A 541 7.59 -29.91 7.97
N SER A 542 6.36 -29.62 8.40
CA SER A 542 5.54 -30.60 9.11
C SER A 542 4.35 -31.07 8.31
N LEU A 543 3.90 -32.28 8.60
CA LEU A 543 2.64 -32.76 8.05
C LEU A 543 1.91 -33.63 9.09
N MET A 544 0.63 -33.35 9.27
CA MET A 544 -0.16 -33.85 10.39
C MET A 544 -0.81 -35.21 10.12
N SER A 545 -1.77 -35.56 10.98
CA SER A 545 -2.73 -36.63 10.69
C SER A 545 -4.11 -36.03 10.51
N TRP A 546 -4.93 -36.71 9.72
CA TRP A 546 -6.13 -36.15 9.10
C TRP A 546 -6.98 -35.25 9.99
N LYS A 547 -7.20 -35.69 11.22
CA LYS A 547 -7.95 -34.88 12.19
C LYS A 547 -7.16 -33.66 12.62
N LEU A 548 -5.85 -33.82 12.81
CA LEU A 548 -5.01 -32.69 13.15
C LEU A 548 -4.99 -31.73 11.97
N ARG A 549 -4.83 -32.28 10.76
CA ARG A 549 -4.86 -31.49 9.53
C ARG A 549 -6.06 -30.59 9.60
N GLU A 550 -7.23 -31.22 9.53
CA GLU A 550 -8.47 -30.49 9.51
C GLU A 550 -8.57 -29.52 10.67
N TYR A 551 -8.28 -29.99 11.87
CA TYR A 551 -8.24 -29.11 13.03
C TYR A 551 -7.50 -27.81 12.76
N PHE A 552 -6.20 -27.92 12.51
CA PHE A 552 -5.39 -26.73 12.34
C PHE A 552 -5.88 -25.86 11.21
N VAL A 553 -6.34 -26.49 10.13
CA VAL A 553 -6.86 -25.68 9.03
C VAL A 553 -8.09 -24.90 9.49
N ILE A 554 -9.14 -25.58 9.96
CA ILE A 554 -10.39 -24.88 10.29
C ILE A 554 -10.16 -23.81 11.38
N THR A 555 -9.29 -24.08 12.34
CA THR A 555 -9.05 -23.07 13.36
C THR A 555 -8.23 -21.91 12.80
N GLU A 556 -7.22 -22.21 11.99
CA GLU A 556 -6.47 -21.20 11.27
C GLU A 556 -7.41 -20.28 10.49
N TYR A 557 -8.39 -20.89 9.82
CA TYR A 557 -9.37 -20.16 9.02
C TYR A 557 -10.35 -19.32 9.85
N LEU A 558 -10.77 -19.83 11.01
CA LEU A 558 -11.52 -18.99 11.96
C LEU A 558 -10.68 -17.78 12.43
N ILE A 559 -9.44 -18.03 12.82
CA ILE A 559 -8.50 -16.96 13.12
C ILE A 559 -8.54 -15.93 12.02
N LYS A 560 -7.99 -16.28 10.86
CA LYS A 560 -7.84 -15.35 9.73
C LYS A 560 -9.13 -14.68 9.29
N THR A 561 -10.25 -15.39 9.31
CA THR A 561 -11.51 -14.79 8.91
C THR A 561 -12.02 -13.77 9.93
N HIS A 562 -11.97 -14.11 11.21
CA HIS A 562 -12.56 -13.24 12.22
C HIS A 562 -11.55 -12.29 12.87
N PHE A 563 -10.52 -12.86 13.49
CA PHE A 563 -9.65 -12.08 14.37
C PHE A 563 -8.54 -11.31 13.67
N VAL A 564 -7.94 -11.90 12.63
CA VAL A 564 -6.86 -11.27 11.88
C VAL A 564 -7.15 -9.79 11.59
N PRO A 565 -8.35 -9.49 11.06
CA PRO A 565 -8.70 -8.11 10.69
C PRO A 565 -8.86 -7.16 11.87
N MET A 566 -8.99 -7.68 13.09
CA MET A 566 -9.16 -6.82 14.28
C MET A 566 -7.81 -6.22 14.68
N PHE A 567 -6.78 -6.55 13.89
CA PHE A 567 -5.42 -6.11 14.16
C PHE A 567 -4.73 -5.45 12.97
N LYS A 568 -4.29 -4.21 13.19
CA LYS A 568 -3.46 -3.53 12.24
C LYS A 568 -2.09 -4.18 12.26
N GLY A 569 -1.35 -4.03 11.17
CA GLY A 569 -0.18 -4.87 10.97
C GLY A 569 -0.73 -6.26 10.76
N LEU A 570 0.10 -7.28 10.99
CA LEU A 570 -0.30 -8.65 10.72
C LEU A 570 -0.86 -8.74 9.30
N THR A 571 0.03 -8.68 8.30
CA THR A 571 -0.42 -8.77 6.93
C THR A 571 -0.43 -10.23 6.47
N MET A 572 -1.62 -10.77 6.35
CA MET A 572 -1.83 -12.18 6.01
C MET A 572 -2.82 -12.26 4.88
N ALA A 573 -4.04 -11.81 5.16
CA ALA A 573 -5.10 -11.74 4.19
C ALA A 573 -4.77 -10.77 3.05
N ASP A 574 -3.80 -9.89 3.28
CA ASP A 574 -3.45 -8.84 2.33
C ASP A 574 -2.99 -9.45 0.99
N ASP A 575 -3.37 -8.82 -0.12
CA ASP A 575 -3.11 -9.40 -1.44
C ASP A 575 -1.74 -8.98 -1.99
N LEU A 576 -1.65 -7.77 -2.52
CA LEU A 576 -0.40 -7.13 -2.87
C LEU A 576 -0.51 -5.68 -2.53
N THR A 577 -1.39 -5.02 -3.28
CA THR A 577 -1.63 -3.59 -3.17
C THR A 577 -1.79 -3.19 -1.71
N ALA A 578 -2.62 -3.93 -0.99
CA ALA A 578 -2.77 -3.70 0.44
C ALA A 578 -1.38 -3.75 1.10
N VAL A 579 -0.65 -4.86 0.89
CA VAL A 579 0.68 -5.04 1.46
C VAL A 579 1.54 -3.81 1.17
N ILE A 580 1.69 -3.46 -0.10
CA ILE A 580 2.45 -2.26 -0.51
C ILE A 580 1.98 -1.02 0.24
N LYS A 581 0.68 -0.88 0.44
CA LYS A 581 0.20 0.18 1.34
C LYS A 581 0.86 0.00 2.73
N LYS A 582 0.80 -1.23 3.26
CA LYS A 582 1.45 -1.54 4.53
C LYS A 582 2.97 -1.35 4.45
N MET A 583 3.52 -1.38 3.24
CA MET A 583 4.95 -1.06 3.04
C MET A 583 5.17 0.46 3.02
N LEU A 584 4.13 1.20 2.67
CA LEU A 584 4.14 2.66 2.80
C LEU A 584 3.58 3.12 4.16
N ASP A 585 3.24 2.15 5.01
CA ASP A 585 3.21 2.38 6.47
C ASP A 585 4.62 2.55 7.07
N SER A 586 5.63 2.48 6.22
CA SER A 586 6.94 3.07 6.50
C SER A 586 7.09 4.38 5.72
N SER A 587 7.19 5.49 6.46
CA SER A 587 7.24 6.85 5.91
C SER A 587 8.69 7.26 5.58
N SER A 588 9.55 6.25 5.38
CA SER A 588 10.99 6.43 5.32
C SER A 588 11.45 7.35 4.18
N GLY A 589 12.77 7.49 4.03
CA GLY A 589 13.34 8.32 2.98
C GLY A 589 13.43 9.76 3.43
N GLN A 590 13.17 10.68 2.52
CA GLN A 590 13.18 12.11 2.82
C GLN A 590 14.54 12.58 3.32
N GLY A 591 15.51 12.62 2.41
CA GLY A 591 16.71 13.39 2.62
C GLY A 591 16.36 14.84 2.32
N LEU A 592 15.29 15.03 1.54
CA LEU A 592 14.79 16.36 1.20
C LEU A 592 14.44 17.15 2.46
N LYS A 593 13.38 16.73 3.15
CA LYS A 593 12.93 17.39 4.37
C LYS A 593 13.88 17.11 5.54
N SER A 594 14.73 16.11 5.36
CA SER A 594 15.64 15.67 6.40
C SER A 594 14.85 15.41 7.70
N TYR A 595 15.40 15.79 8.84
CA TYR A 595 15.05 15.13 10.09
C TYR A 595 13.74 15.63 10.67
N GLU A 596 13.05 16.49 9.92
CA GLU A 596 11.79 17.08 10.39
C GLU A 596 10.70 16.01 10.57
N ALA A 597 10.96 14.80 10.06
CA ALA A 597 10.18 13.63 10.44
C ALA A 597 10.99 12.32 10.25
N ILE A 598 10.85 11.37 11.16
CA ILE A 598 11.65 10.13 11.08
C ILE A 598 10.89 8.90 11.55
N CYS A 599 11.00 7.83 10.78
CA CYS A 599 10.48 6.53 11.21
C CYS A 599 11.56 5.50 11.38
N ILE A 600 11.94 5.23 12.61
CA ILE A 600 12.98 4.23 12.84
C ILE A 600 12.33 2.89 12.53
N ALA A 601 13.13 1.89 12.21
CA ALA A 601 12.56 0.59 11.89
C ALA A 601 13.31 -0.55 12.53
N ASN A 602 12.63 -1.25 13.43
CA ASN A 602 13.18 -2.46 14.03
C ASN A 602 12.73 -3.67 13.25
N HIS A 603 13.60 -4.65 13.09
CA HIS A 603 13.12 -5.97 12.71
C HIS A 603 13.78 -7.02 13.56
N ILE A 604 12.90 -7.91 13.99
CA ILE A 604 13.24 -8.94 14.94
C ILE A 604 12.97 -10.31 14.35
N ASP A 605 13.94 -11.19 14.62
CA ASP A 605 13.84 -12.63 14.44
C ASP A 605 14.17 -13.17 15.82
N TYR A 606 13.71 -14.37 16.16
CA TYR A 606 13.73 -14.79 17.56
C TYR A 606 14.75 -15.87 17.90
N GLU A 607 14.37 -17.14 17.81
CA GLU A 607 15.32 -18.20 17.52
C GLU A 607 14.61 -19.18 16.61
N LYS A 608 13.73 -19.93 17.25
CA LYS A 608 12.69 -20.67 16.57
C LYS A 608 11.44 -20.26 17.29
N TRP A 609 10.67 -19.47 16.59
CA TRP A 609 9.46 -18.84 17.11
C TRP A 609 8.44 -19.94 17.21
N ASN A 610 8.48 -20.72 16.14
CA ASN A 610 7.63 -21.86 15.91
C ASN A 610 8.13 -23.06 16.69
N ASN A 611 9.06 -22.81 17.61
CA ASN A 611 9.45 -23.82 18.59
C ASN A 611 9.18 -23.35 20.00
N HIS A 612 9.83 -22.25 20.39
CA HIS A 612 9.70 -21.72 21.73
C HIS A 612 8.29 -21.27 22.08
N GLN A 613 7.36 -21.26 21.13
CA GLN A 613 5.96 -21.24 21.54
C GLN A 613 5.64 -22.23 22.66
N ARG A 614 4.85 -21.77 23.63
CA ARG A 614 4.53 -22.54 24.83
C ARG A 614 3.08 -22.41 25.32
N LYS A 615 2.64 -23.44 26.04
CA LYS A 615 1.26 -23.56 26.48
C LYS A 615 0.94 -22.58 27.59
N LEU A 616 1.80 -22.59 28.58
CA LEU A 616 1.58 -21.85 29.81
C LEU A 616 1.58 -20.35 29.51
N SER A 617 1.90 -19.99 28.27
CA SER A 617 1.86 -18.60 27.77
C SER A 617 0.70 -18.39 26.82
N ASN A 618 0.68 -19.18 25.75
CA ASN A 618 -0.36 -19.13 24.73
C ASN A 618 -1.80 -19.47 25.23
N GLY A 619 -1.85 -20.18 26.36
CA GLY A 619 -3.08 -20.72 26.92
C GLY A 619 -4.22 -19.76 27.16
N PRO A 620 -3.98 -18.68 27.95
CA PRO A 620 -5.03 -17.69 28.23
C PRO A 620 -5.60 -16.99 27.01
N VAL A 621 -4.73 -16.53 26.12
CA VAL A 621 -5.19 -15.86 24.91
C VAL A 621 -6.04 -16.84 24.10
N PHE A 622 -5.48 -17.99 23.74
CA PHE A 622 -6.30 -18.90 22.93
C PHE A 622 -7.51 -19.40 23.74
N ARG A 623 -7.44 -19.38 25.06
CA ARG A 623 -8.62 -19.63 25.86
C ARG A 623 -9.66 -18.59 25.49
N VAL A 624 -9.24 -17.32 25.42
CA VAL A 624 -10.15 -16.23 25.05
C VAL A 624 -10.77 -16.42 23.67
N MET A 625 -9.91 -16.64 22.69
CA MET A 625 -10.35 -16.96 21.34
C MET A 625 -11.38 -18.11 21.33
N GLY A 626 -11.13 -19.11 22.17
CA GLY A 626 -12.07 -20.19 22.38
C GLY A 626 -13.39 -19.67 22.88
N GLN A 627 -13.35 -18.89 23.97
CA GLN A 627 -14.57 -18.31 24.51
C GLN A 627 -15.34 -17.74 23.35
N PHE A 628 -14.65 -16.98 22.51
CA PHE A 628 -15.31 -16.33 21.39
C PHE A 628 -15.87 -17.25 20.34
N LEU A 629 -15.10 -18.12 19.71
CA LEU A 629 -15.77 -18.79 18.60
C LEU A 629 -16.51 -19.95 19.19
N GLY A 630 -17.73 -19.67 19.65
CA GLY A 630 -18.75 -20.67 19.93
C GLY A 630 -18.39 -21.70 20.99
N TYR A 631 -17.11 -22.07 21.02
CA TYR A 631 -16.65 -23.21 21.79
C TYR A 631 -15.51 -22.81 22.69
N PRO A 632 -15.78 -22.67 24.00
CA PRO A 632 -14.65 -22.32 24.88
C PRO A 632 -13.65 -23.44 24.92
N SER A 633 -12.40 -23.18 25.29
CA SER A 633 -11.43 -24.26 25.47
C SER A 633 -11.28 -25.15 24.23
N LEU A 634 -11.50 -24.58 23.04
CA LEU A 634 -11.29 -25.30 21.79
C LEU A 634 -9.89 -25.06 21.26
N ILE A 635 -9.66 -23.82 20.88
CA ILE A 635 -8.45 -23.42 20.18
C ILE A 635 -7.23 -23.41 21.11
N GLU A 636 -7.45 -23.61 22.40
CA GLU A 636 -6.36 -23.64 23.37
C GLU A 636 -5.63 -24.99 23.37
N ARG A 637 -6.20 -25.95 22.65
CA ARG A 637 -5.75 -27.33 22.72
C ARG A 637 -4.55 -27.63 21.83
N THR A 638 -4.01 -26.60 21.20
CA THR A 638 -2.83 -26.74 20.36
C THR A 638 -1.70 -27.46 21.08
N HIS A 639 -1.14 -26.77 22.06
CA HIS A 639 0.05 -27.27 22.71
C HIS A 639 -0.27 -28.52 23.49
N GLU A 640 -1.56 -28.74 23.74
CA GLU A 640 -2.02 -30.01 24.29
C GLU A 640 -1.86 -31.14 23.25
N PHE A 641 -2.33 -30.89 22.02
CA PHE A 641 -2.21 -31.89 20.95
C PHE A 641 -0.76 -32.12 20.62
N PHE A 642 0.09 -31.12 20.79
CA PHE A 642 1.52 -31.37 20.68
C PHE A 642 2.03 -32.22 21.84
N GLU A 643 1.74 -31.80 23.06
CA GLU A 643 2.21 -32.52 24.25
C GLU A 643 1.78 -33.98 24.26
N LYS A 644 0.60 -34.27 23.74
CA LYS A 644 0.13 -35.66 23.69
C LYS A 644 0.68 -36.47 22.51
N SER A 645 0.96 -35.79 21.39
CA SER A 645 1.15 -36.48 20.11
C SER A 645 2.45 -37.27 19.98
N LEU A 646 2.61 -37.89 18.82
CA LEU A 646 3.89 -38.45 18.40
C LEU A 646 4.51 -37.52 17.38
N ILE A 647 5.84 -37.41 17.46
CA ILE A 647 6.63 -36.79 16.39
C ILE A 647 7.50 -37.84 15.72
N TYR A 648 7.60 -37.78 14.39
CA TYR A 648 8.60 -38.59 13.72
C TYR A 648 9.07 -38.02 12.37
N TYR A 649 10.26 -38.46 11.96
CA TYR A 649 10.83 -38.08 10.68
C TYR A 649 10.72 -39.22 9.72
N ASN A 650 9.79 -39.09 8.78
CA ASN A 650 9.34 -40.21 7.97
C ASN A 650 10.39 -40.62 6.96
N GLY A 651 11.50 -39.88 6.95
CA GLY A 651 12.63 -40.23 6.09
C GLY A 651 13.45 -41.41 6.57
N ARG A 652 13.45 -41.68 7.88
CA ARG A 652 14.21 -42.80 8.44
C ARG A 652 13.42 -43.60 9.50
N PRO A 653 12.44 -44.39 9.04
CA PRO A 653 11.64 -45.28 9.88
C PRO A 653 12.37 -46.52 10.38
N ASP A 654 13.44 -46.90 9.68
CA ASP A 654 14.25 -48.05 10.05
C ASP A 654 14.71 -48.00 11.51
N LEU A 655 15.04 -46.80 11.97
CA LEU A 655 15.73 -46.59 13.25
C LEU A 655 14.77 -46.52 14.43
N MET A 656 13.49 -46.36 14.15
CA MET A 656 12.48 -46.26 15.20
C MET A 656 12.06 -47.67 15.63
N ARG A 657 11.73 -47.84 16.91
CA ARG A 657 11.23 -49.12 17.42
C ARG A 657 9.84 -48.97 18.04
N VAL A 658 9.09 -50.06 17.98
CA VAL A 658 7.67 -50.07 18.31
C VAL A 658 7.38 -50.69 19.69
N HIS A 659 6.89 -49.90 20.65
CA HIS A 659 6.29 -50.51 21.83
C HIS A 659 5.32 -49.54 22.51
N ASN A 660 4.27 -50.07 23.11
CA ASN A 660 3.32 -49.26 23.87
C ASN A 660 2.72 -48.11 23.06
N ASN A 661 2.36 -48.37 21.81
CA ASN A 661 1.90 -47.32 20.90
C ASN A 661 2.87 -46.14 20.88
N THR A 662 4.15 -46.45 21.10
CA THR A 662 5.20 -45.45 21.13
C THR A 662 6.35 -45.86 20.21
N LEU A 663 6.85 -44.86 19.51
CA LEU A 663 8.06 -45.01 18.75
C LEU A 663 9.23 -44.56 19.60
N ILE A 664 10.20 -45.45 19.80
CA ILE A 664 11.38 -45.07 20.54
C ILE A 664 12.57 -45.08 19.59
N ASN A 665 13.58 -44.29 19.92
CA ASN A 665 14.69 -44.07 18.99
C ASN A 665 15.63 -45.24 18.83
N SER A 666 15.76 -46.09 19.85
CA SER A 666 16.67 -47.23 19.74
C SER A 666 18.07 -46.67 19.43
N THR A 667 18.47 -46.76 18.16
CA THR A 667 19.83 -46.44 17.70
C THR A 667 20.33 -45.05 18.13
N SER A 668 19.47 -44.28 18.81
CA SER A 668 19.91 -43.10 19.55
C SER A 668 20.36 -41.94 18.67
N GLN A 669 19.61 -41.73 17.59
CA GLN A 669 19.75 -40.53 16.77
C GLN A 669 18.68 -39.47 17.03
N ARG A 670 17.75 -39.78 17.94
CA ARG A 670 16.53 -39.00 18.09
C ARG A 670 15.87 -38.78 16.72
N VAL A 671 15.37 -39.87 16.14
CA VAL A 671 14.66 -39.82 14.87
C VAL A 671 13.16 -39.81 15.08
N CYS A 672 12.73 -39.78 16.34
CA CYS A 672 11.31 -39.68 16.67
C CYS A 672 11.09 -39.63 18.17
N TRP A 673 9.96 -39.09 18.61
CA TRP A 673 9.73 -38.99 20.05
C TRP A 673 8.30 -38.67 20.46
N GLN A 674 8.01 -39.01 21.71
CA GLN A 674 6.74 -38.69 22.32
C GLN A 674 6.84 -37.40 23.08
N GLY A 675 5.77 -36.63 22.99
CA GLY A 675 5.68 -35.42 23.77
C GLY A 675 6.34 -34.26 23.07
N GLN A 676 5.78 -33.08 23.28
CA GLN A 676 6.38 -31.86 22.80
C GLN A 676 5.83 -30.69 23.60
N GLU A 677 6.63 -29.66 23.85
CA GLU A 677 6.10 -28.46 24.49
C GLU A 677 5.62 -27.47 23.43
N GLY A 678 5.49 -27.97 22.20
CA GLY A 678 4.91 -27.20 21.12
C GLY A 678 5.87 -26.79 20.05
N GLY A 679 5.38 -26.00 19.10
CA GLY A 679 6.11 -25.65 17.90
C GLY A 679 5.75 -26.40 16.61
N LEU A 680 6.71 -26.41 15.67
CA LEU A 680 6.51 -26.80 14.25
C LEU A 680 5.72 -25.87 13.30
N GLU A 681 6.37 -24.78 12.93
CA GLU A 681 6.01 -23.96 11.77
C GLU A 681 4.52 -23.60 11.61
N GLY A 682 3.92 -24.03 10.50
CA GLY A 682 2.75 -23.37 9.92
C GLY A 682 1.46 -23.50 10.70
N LEU A 683 1.54 -24.05 11.90
CA LEU A 683 0.37 -24.23 12.75
C LEU A 683 0.18 -22.99 13.59
N ARG A 684 -1.01 -22.41 13.55
CA ARG A 684 -1.28 -21.21 14.36
C ARG A 684 -0.24 -20.15 14.15
N GLN A 685 0.23 -20.08 12.91
CA GLN A 685 1.05 -18.98 12.47
C GLN A 685 0.37 -17.74 12.95
N LYS A 686 -0.82 -17.55 12.41
CA LYS A 686 -1.63 -16.39 12.68
C LYS A 686 -1.90 -16.24 14.19
N GLY A 687 -2.17 -17.35 14.88
CA GLY A 687 -2.47 -17.29 16.30
C GLY A 687 -1.31 -16.77 17.16
N TRP A 688 -0.16 -17.43 17.06
CA TRP A 688 1.00 -17.00 17.81
C TRP A 688 1.40 -15.59 17.40
N THR A 689 1.23 -15.28 16.12
CA THR A 689 1.50 -13.94 15.63
C THR A 689 0.56 -12.90 16.28
N ILE A 690 -0.70 -13.27 16.47
CA ILE A 690 -1.62 -12.38 17.18
C ILE A 690 -1.18 -12.22 18.64
N LEU A 691 -0.71 -13.30 19.27
CA LEU A 691 -0.14 -13.18 20.64
C LEU A 691 1.01 -12.16 20.69
N ASN A 692 2.03 -12.35 19.88
CA ASN A 692 3.15 -11.41 19.84
C ASN A 692 2.64 -9.99 19.60
N LEU A 693 1.96 -9.81 18.48
CA LEU A 693 1.47 -8.49 18.08
C LEU A 693 0.70 -7.81 19.23
N LEU A 694 -0.06 -8.61 19.99
CA LEU A 694 -0.68 -8.10 21.24
C LEU A 694 0.34 -7.68 22.29
N VAL A 695 1.39 -8.48 22.50
CA VAL A 695 2.47 -8.04 23.40
C VAL A 695 2.91 -6.66 23.03
N ILE A 696 3.11 -6.47 21.72
CA ILE A 696 3.57 -5.18 21.24
C ILE A 696 2.56 -4.09 21.55
N GLN A 697 1.30 -4.28 21.14
CA GLN A 697 0.29 -3.25 21.42
C GLN A 697 0.10 -2.99 22.92
N ARG A 698 0.45 -3.95 23.77
CA ARG A 698 0.44 -3.72 25.22
C ARG A 698 1.64 -2.90 25.68
N GLU A 699 2.83 -3.25 25.21
CA GLU A 699 4.05 -2.54 25.61
C GLU A 699 4.29 -1.26 24.79
N ALA A 700 3.44 -1.01 23.81
CA ALA A 700 3.44 0.26 23.08
C ALA A 700 3.04 1.43 24.00
N LYS A 701 2.18 1.15 24.96
CA LYS A 701 1.62 2.18 25.84
C LYS A 701 2.63 2.89 26.71
N ILE A 702 3.72 2.20 27.02
CA ILE A 702 4.67 2.70 28.00
C ILE A 702 5.07 4.16 27.71
N ARG A 703 5.55 4.46 26.50
CA ARG A 703 5.93 5.84 26.15
C ARG A 703 4.97 6.62 25.23
N ASN A 704 3.86 6.00 24.80
CA ASN A 704 2.99 6.60 23.77
C ASN A 704 3.75 6.84 22.45
N THR A 705 4.83 6.08 22.24
CA THR A 705 5.66 6.24 21.04
C THR A 705 4.90 5.77 19.79
N ALA A 706 5.16 6.29 18.57
CA ALA A 706 4.27 5.82 17.52
C ALA A 706 4.75 4.44 17.07
N VAL A 707 3.92 3.42 17.29
CA VAL A 707 4.31 2.07 16.91
C VAL A 707 3.43 1.52 15.78
N LYS A 708 4.03 1.41 14.61
CA LYS A 708 3.40 0.78 13.46
C LYS A 708 4.07 -0.57 13.33
N VAL A 709 3.31 -1.59 12.94
CA VAL A 709 3.85 -2.93 12.94
C VAL A 709 3.52 -3.76 11.71
N LEU A 710 4.47 -4.61 11.31
CA LEU A 710 4.23 -5.61 10.27
C LEU A 710 4.75 -6.97 10.73
N ALA A 711 3.82 -7.89 10.90
CA ALA A 711 4.12 -9.19 11.43
C ALA A 711 3.86 -10.26 10.40
N GLN A 712 4.91 -10.85 9.86
CA GLN A 712 4.73 -11.96 8.97
C GLN A 712 5.16 -13.16 9.77
N GLY A 713 4.18 -13.89 10.28
CA GLY A 713 4.47 -15.11 11.00
C GLY A 713 5.50 -14.86 12.09
N ASP A 714 6.60 -15.59 11.95
CA ASP A 714 7.79 -15.39 12.77
C ASP A 714 8.26 -13.96 12.71
N ASN A 715 8.59 -13.47 11.51
CA ASN A 715 9.48 -12.31 11.42
C ASN A 715 8.69 -11.04 11.44
N GLN A 716 9.17 -10.07 12.21
CA GLN A 716 8.35 -8.89 12.41
C GLN A 716 9.16 -7.64 12.34
N VAL A 717 8.51 -6.56 11.95
CA VAL A 717 9.15 -5.26 11.92
C VAL A 717 8.28 -4.24 12.63
N ILE A 718 8.94 -3.35 13.34
CA ILE A 718 8.28 -2.28 14.07
C ILE A 718 8.78 -0.93 13.60
N CYS A 719 7.91 -0.20 12.91
CA CYS A 719 8.23 1.16 12.50
C CYS A 719 7.91 2.01 13.71
N THR A 720 8.89 2.78 14.17
CA THR A 720 8.71 3.66 15.32
C THR A 720 8.78 5.10 14.85
N GLN A 721 7.65 5.78 14.93
CA GLN A 721 7.56 7.11 14.37
C GLN A 721 7.75 8.17 15.44
N TYR A 722 8.53 9.15 14.99
CA TYR A 722 8.73 10.44 15.62
C TYR A 722 8.69 11.58 14.60
N LYS A 723 8.44 12.80 15.05
CA LYS A 723 8.65 13.98 14.22
C LYS A 723 9.13 15.19 15.01
N THR A 724 9.88 16.07 14.34
CA THR A 724 10.63 17.14 14.98
C THR A 724 10.04 18.51 14.66
N LYS A 725 10.23 19.48 15.57
CA LYS A 725 9.92 20.88 15.25
C LYS A 725 11.19 21.66 14.89
N LYS A 726 11.44 21.82 13.59
CA LYS A 726 12.38 22.81 13.06
C LYS A 726 13.69 22.97 13.85
N SER A 727 14.59 22.00 13.71
CA SER A 727 15.91 22.07 14.34
C SER A 727 16.64 23.35 13.97
N ARG A 728 17.49 23.82 14.88
CA ARG A 728 18.24 25.05 14.64
C ARG A 728 19.75 24.86 14.64
N ASN A 729 20.31 24.46 15.77
CA ASN A 729 21.76 24.53 15.95
C ASN A 729 22.52 23.27 15.54
N VAL A 730 21.82 22.27 15.03
CA VAL A 730 22.42 21.09 14.38
C VAL A 730 23.06 20.13 15.39
N VAL A 731 23.35 20.62 16.58
CA VAL A 731 23.76 19.74 17.67
C VAL A 731 22.47 19.22 18.31
N GLU A 732 21.42 20.00 18.14
CA GLU A 732 20.08 19.59 18.52
C GLU A 732 19.70 18.31 17.80
N LEU A 733 19.95 18.27 16.50
CA LEU A 733 19.74 17.05 15.74
C LEU A 733 20.50 15.86 16.34
N GLN A 734 21.79 16.03 16.61
CA GLN A 734 22.57 15.00 17.29
C GLN A 734 21.82 14.50 18.53
N GLY A 735 21.61 15.41 19.47
CA GLY A 735 20.97 15.05 20.74
C GLY A 735 19.57 14.48 20.60
N ALA A 736 18.68 15.26 19.98
CA ALA A 736 17.30 14.84 19.73
C ALA A 736 17.23 13.48 19.03
N LEU A 737 18.00 13.30 17.96
CA LEU A 737 17.97 12.04 17.25
C LEU A 737 18.50 10.94 18.18
N ASN A 738 19.50 11.26 18.97
CA ASN A 738 19.95 10.31 19.99
C ASN A 738 18.85 10.07 21.04
N GLN A 739 17.98 11.06 21.24
CA GLN A 739 16.81 10.87 22.11
C GLN A 739 15.77 9.93 21.45
N MET A 740 15.61 10.05 20.13
CA MET A 740 14.77 9.12 19.35
C MET A 740 15.30 7.71 19.48
N VAL A 741 16.61 7.59 19.40
CA VAL A 741 17.27 6.31 19.64
C VAL A 741 16.99 5.80 21.05
N SER A 742 17.20 6.65 22.05
CA SER A 742 16.96 6.23 23.44
C SER A 742 15.53 5.73 23.61
N ASN A 743 14.57 6.53 23.15
CA ASN A 743 13.15 6.15 23.18
C ASN A 743 12.92 4.81 22.46
N ASN A 744 13.56 4.67 21.29
CA ASN A 744 13.47 3.44 20.53
C ASN A 744 13.97 2.23 21.33
N GLU A 745 15.18 2.35 21.87
CA GLU A 745 15.81 1.30 22.65
C GLU A 745 14.98 0.96 23.91
N LYS A 746 14.39 1.97 24.56
CA LYS A 746 13.43 1.72 25.66
C LYS A 746 12.28 0.82 25.18
N ILE A 747 11.64 1.20 24.09
CA ILE A 747 10.58 0.36 23.53
C ILE A 747 11.10 -1.06 23.36
N MET A 748 12.17 -1.20 22.61
CA MET A 748 12.74 -2.53 22.34
C MET A 748 13.05 -3.33 23.59
N THR A 749 13.52 -2.65 24.63
CA THR A 749 13.86 -3.32 25.88
C THR A 749 12.58 -3.80 26.58
N ALA A 750 11.59 -2.93 26.67
CA ALA A 750 10.29 -3.31 27.21
C ALA A 750 9.76 -4.53 26.46
N ILE A 751 9.91 -4.49 25.13
CA ILE A 751 9.47 -5.59 24.28
C ILE A 751 10.30 -6.84 24.51
N LYS A 752 11.61 -6.69 24.66
CA LYS A 752 12.48 -7.82 24.94
C LYS A 752 12.06 -8.52 26.22
N ILE A 753 11.98 -7.77 27.31
CA ILE A 753 11.59 -8.31 28.61
C ILE A 753 10.20 -8.92 28.54
N GLY A 754 9.25 -8.16 28.03
CA GLY A 754 7.88 -8.60 27.91
C GLY A 754 7.75 -9.90 27.14
N THR A 755 8.28 -9.92 25.92
CA THR A 755 8.30 -11.12 25.10
C THR A 755 9.03 -12.24 25.82
N GLY A 756 10.04 -11.85 26.60
CA GLY A 756 10.83 -12.78 27.38
C GLY A 756 10.03 -13.47 28.47
N LYS A 757 9.15 -12.73 29.13
CA LYS A 757 8.26 -13.32 30.12
C LYS A 757 7.43 -14.50 29.56
N LEU A 758 7.21 -14.51 28.25
CA LEU A 758 6.41 -15.54 27.61
C LEU A 758 7.26 -16.70 27.11
N GLY A 759 8.56 -16.57 27.28
CA GLY A 759 9.52 -17.59 26.88
C GLY A 759 9.86 -17.60 25.41
N LEU A 760 10.03 -16.40 24.85
CA LEU A 760 10.53 -16.24 23.48
C LEU A 760 11.85 -15.49 23.51
N LEU A 761 12.92 -16.11 23.01
CA LEU A 761 14.23 -15.48 23.08
C LEU A 761 14.42 -14.49 21.94
N ILE A 762 14.58 -13.22 22.28
CA ILE A 762 14.89 -12.20 21.30
C ILE A 762 16.37 -11.87 21.40
N ASN A 763 16.99 -11.53 20.27
CA ASN A 763 18.44 -11.36 20.18
C ASN A 763 18.86 -9.90 20.10
N ASP A 764 20.04 -9.60 20.64
CA ASP A 764 20.64 -8.28 20.53
C ASP A 764 21.44 -8.18 19.23
N ASP A 765 21.43 -9.27 18.48
CA ASP A 765 22.02 -9.30 17.16
C ASP A 765 20.96 -9.14 16.05
N GLU A 766 19.69 -9.06 16.45
CA GLU A 766 18.59 -8.81 15.50
C GLU A 766 18.25 -7.32 15.50
N THR A 767 17.85 -6.80 14.36
CA THR A 767 18.44 -5.53 13.95
C THR A 767 17.44 -4.42 13.89
N MET A 768 17.96 -3.26 13.52
CA MET A 768 17.13 -2.10 13.31
C MET A 768 17.88 -1.16 12.42
N GLN A 769 17.15 -0.23 11.82
CA GLN A 769 17.75 0.80 11.01
C GLN A 769 17.05 2.12 11.23
N SER A 770 17.69 3.17 10.73
CA SER A 770 17.23 4.52 10.94
C SER A 770 16.01 4.72 10.08
N ALA A 771 15.61 5.97 9.91
CA ALA A 771 14.42 6.32 9.13
C ALA A 771 14.47 5.65 7.76
N ASP A 772 15.64 5.15 7.42
CA ASP A 772 15.85 4.51 6.15
C ASP A 772 16.10 3.03 6.32
N TYR A 773 15.98 2.42 5.16
CA TYR A 773 15.74 1.03 4.93
C TYR A 773 14.46 0.47 5.55
N LEU A 774 14.32 -0.84 5.34
CA LEU A 774 13.48 -1.75 6.11
C LEU A 774 13.44 -3.04 5.33
N ASN A 775 13.16 -4.15 5.99
CA ASN A 775 13.11 -5.41 5.30
C ASN A 775 11.91 -6.19 5.76
N TYR A 776 11.13 -6.69 4.83
CA TYR A 776 9.93 -7.43 5.19
C TYR A 776 9.81 -8.69 4.37
N GLY A 777 9.85 -9.83 5.04
CA GLY A 777 9.78 -11.11 4.35
C GLY A 777 10.75 -11.19 3.18
N LYS A 778 11.97 -10.71 3.39
CA LYS A 778 13.05 -10.67 2.39
C LYS A 778 12.87 -9.63 1.28
N ILE A 779 11.74 -8.93 1.23
CA ILE A 779 11.57 -7.83 0.25
C ILE A 779 12.22 -6.59 0.85
N PRO A 780 13.20 -6.00 0.16
CA PRO A 780 13.75 -4.72 0.60
C PRO A 780 12.97 -3.45 0.25
N ILE A 781 12.88 -2.58 1.25
CA ILE A 781 12.52 -1.19 1.06
C ILE A 781 13.73 -0.39 1.45
N PHE A 782 14.03 0.57 0.59
CA PHE A 782 15.23 1.34 0.64
C PHE A 782 14.80 2.78 0.55
N ARG A 783 15.40 3.60 1.39
CA ARG A 783 14.89 4.94 1.60
C ARG A 783 13.36 4.82 1.71
N GLY A 784 12.61 5.50 0.86
CA GLY A 784 11.15 5.52 0.99
C GLY A 784 10.45 4.64 -0.02
N VAL A 785 11.19 3.66 -0.56
CA VAL A 785 10.78 3.00 -1.79
C VAL A 785 10.98 1.50 -1.80
N ILE A 786 10.09 0.78 -2.47
CA ILE A 786 10.20 -0.66 -2.59
C ILE A 786 11.13 -1.02 -3.75
N ARG A 787 11.94 -2.07 -3.58
CA ARG A 787 12.70 -2.60 -4.72
C ARG A 787 12.65 -4.11 -4.76
N GLY A 788 12.58 -4.64 -5.98
CA GLY A 788 12.52 -6.08 -6.17
C GLY A 788 13.90 -6.62 -6.44
N LEU A 789 14.01 -7.94 -6.47
CA LEU A 789 15.26 -8.57 -6.85
C LEU A 789 15.08 -9.18 -8.24
N GLU A 790 15.60 -8.44 -9.20
CA GLU A 790 15.42 -8.76 -10.61
C GLU A 790 16.33 -9.94 -10.87
N THR A 791 17.45 -9.92 -10.17
CA THR A 791 18.35 -11.05 -10.07
C THR A 791 17.58 -12.32 -9.70
N LYS A 792 16.73 -12.24 -8.69
CA LYS A 792 15.98 -13.41 -8.19
C LYS A 792 14.93 -13.89 -9.20
N ARG A 793 14.05 -12.99 -9.62
CA ARG A 793 13.01 -13.36 -10.59
C ARG A 793 13.60 -13.91 -11.91
N TRP A 794 14.60 -13.19 -12.41
CA TRP A 794 15.34 -13.67 -13.55
C TRP A 794 16.25 -14.86 -13.22
N SER A 795 16.63 -15.06 -11.96
CA SER A 795 17.39 -16.27 -11.60
C SER A 795 16.47 -17.46 -11.49
N ARG A 796 15.17 -17.19 -11.41
CA ARG A 796 14.21 -18.25 -11.63
C ARG A 796 14.10 -18.49 -13.12
N VAL A 797 13.37 -17.64 -13.84
CA VAL A 797 13.08 -17.91 -15.28
C VAL A 797 12.80 -19.41 -15.53
N THR A 798 13.72 -20.07 -16.24
CA THR A 798 13.50 -21.40 -16.85
C THR A 798 13.16 -22.52 -15.86
N CYS A 799 13.31 -22.27 -14.57
CA CYS A 799 12.83 -23.22 -13.58
C CYS A 799 11.35 -23.48 -13.85
N VAL A 800 10.95 -24.75 -13.86
CA VAL A 800 9.54 -25.11 -13.95
C VAL A 800 9.09 -25.59 -12.57
N THR A 801 7.83 -25.33 -12.25
CA THR A 801 7.32 -25.64 -10.91
C THR A 801 7.17 -27.16 -10.78
N ASN A 802 6.68 -27.62 -9.64
CA ASN A 802 6.78 -29.03 -9.28
C ASN A 802 6.19 -29.96 -10.33
N ASP A 803 7.03 -30.86 -10.84
CA ASP A 803 6.58 -31.96 -11.68
C ASP A 803 5.92 -31.51 -12.99
N GLN A 804 5.76 -30.21 -13.18
CA GLN A 804 5.03 -29.70 -14.33
C GLN A 804 5.70 -30.05 -15.65
N ILE A 805 7.03 -30.08 -15.60
CA ILE A 805 7.94 -30.28 -16.75
C ILE A 805 7.85 -29.10 -17.73
N PRO A 806 8.95 -28.82 -18.44
CA PRO A 806 8.85 -27.76 -19.43
C PRO A 806 8.03 -28.14 -20.67
N THR A 807 7.13 -27.24 -21.06
CA THR A 807 6.35 -27.37 -22.28
C THR A 807 6.41 -26.05 -23.03
N CYS A 808 5.83 -25.99 -24.22
CA CYS A 808 5.78 -24.74 -24.96
C CYS A 808 5.07 -23.69 -24.11
N ALA A 809 4.08 -24.13 -23.36
CA ALA A 809 3.29 -23.25 -22.51
C ALA A 809 3.99 -22.94 -21.21
N ASN A 810 4.61 -23.95 -20.59
CA ASN A 810 5.07 -23.81 -19.23
C ASN A 810 6.30 -22.92 -19.06
N ILE A 811 7.34 -23.14 -19.85
CA ILE A 811 8.54 -22.32 -19.72
C ILE A 811 8.17 -20.88 -20.07
N MET A 812 7.37 -20.71 -21.11
CA MET A 812 6.92 -19.39 -21.47
C MET A 812 6.08 -18.80 -20.34
N SER A 813 5.26 -19.61 -19.69
CA SER A 813 4.47 -19.13 -18.58
C SER A 813 5.41 -18.62 -17.49
N SER A 814 6.49 -19.37 -17.25
CA SER A 814 7.45 -18.98 -16.20
C SER A 814 8.19 -17.67 -16.52
N VAL A 815 8.84 -17.60 -17.67
CA VAL A 815 9.49 -16.36 -18.08
C VAL A 815 8.47 -15.21 -18.01
N SER A 816 7.25 -15.48 -18.46
CA SER A 816 6.17 -14.51 -18.38
C SER A 816 5.94 -14.01 -16.95
N THR A 817 5.39 -14.88 -16.09
CA THR A 817 5.01 -14.46 -14.75
C THR A 817 6.18 -13.74 -14.11
N ASN A 818 7.38 -14.29 -14.25
CA ASN A 818 8.51 -13.69 -13.56
C ASN A 818 8.77 -12.30 -14.14
N ALA A 819 8.66 -12.18 -15.46
CA ALA A 819 8.84 -10.88 -16.13
C ALA A 819 7.81 -9.83 -15.66
N LEU A 820 6.53 -10.22 -15.60
CA LEU A 820 5.50 -9.29 -15.14
C LEU A 820 5.71 -8.94 -13.67
N THR A 821 6.29 -9.87 -12.91
CA THR A 821 6.68 -9.54 -11.54
C THR A 821 7.73 -8.44 -11.55
N VAL A 822 8.83 -8.69 -12.26
CA VAL A 822 9.89 -7.69 -12.38
C VAL A 822 9.30 -6.34 -12.76
N ALA A 823 8.47 -6.35 -13.81
CA ALA A 823 7.81 -5.13 -14.29
C ALA A 823 7.06 -4.50 -13.17
N HIS A 824 6.30 -5.33 -12.47
CA HIS A 824 5.44 -4.84 -11.41
C HIS A 824 6.26 -4.11 -10.34
N PHE A 825 7.39 -4.68 -9.92
CA PHE A 825 8.15 -4.01 -8.85
C PHE A 825 9.06 -2.88 -9.33
N ALA A 826 9.65 -2.99 -10.51
CA ALA A 826 10.59 -1.95 -10.95
C ALA A 826 9.85 -0.65 -11.28
N GLU A 827 10.59 0.34 -11.76
CA GLU A 827 10.03 1.59 -12.29
C GLU A 827 9.58 1.30 -13.71
N ASN A 828 9.62 2.31 -14.58
CA ASN A 828 9.01 2.22 -15.90
C ASN A 828 9.23 0.84 -16.54
N PRO A 829 8.12 0.10 -16.76
CA PRO A 829 8.31 -1.31 -17.07
C PRO A 829 8.85 -1.55 -18.47
N ILE A 830 10.17 -1.48 -18.59
CA ILE A 830 10.82 -1.63 -19.88
C ILE A 830 11.88 -2.72 -19.76
N ASN A 831 12.79 -2.57 -18.81
CA ASN A 831 13.82 -3.57 -18.60
C ASN A 831 13.16 -4.94 -18.60
N ALA A 832 11.94 -4.98 -18.07
CA ALA A 832 11.09 -6.19 -18.08
C ALA A 832 10.67 -6.60 -19.49
N MET A 833 10.35 -5.64 -20.33
CA MET A 833 9.99 -5.94 -21.70
C MET A 833 11.21 -6.47 -22.47
N ILE A 834 12.34 -5.77 -22.45
CA ILE A 834 13.45 -6.23 -23.28
C ILE A 834 13.99 -7.55 -22.75
N GLN A 835 14.08 -7.66 -21.43
CA GLN A 835 14.49 -8.91 -20.83
C GLN A 835 13.44 -9.95 -21.21
N TYR A 836 12.18 -9.55 -21.30
CA TYR A 836 11.15 -10.52 -21.62
C TYR A 836 11.50 -11.12 -22.96
N ASN A 837 11.63 -10.25 -23.93
CA ASN A 837 12.00 -10.64 -25.27
C ASN A 837 13.19 -11.60 -25.23
N TYR A 838 14.27 -11.18 -24.56
CA TYR A 838 15.43 -12.04 -24.46
C TYR A 838 15.10 -13.40 -23.84
N PHE A 839 14.82 -13.42 -22.54
CA PHE A 839 14.70 -14.70 -21.82
C PHE A 839 13.66 -15.57 -22.46
N GLY A 840 12.70 -14.93 -23.10
CA GLY A 840 11.73 -15.67 -23.84
C GLY A 840 12.41 -16.42 -24.96
N THR A 841 13.11 -15.69 -25.83
CA THR A 841 13.66 -16.38 -26.99
C THR A 841 14.80 -17.35 -26.58
N PHE A 842 15.45 -17.06 -25.46
CA PHE A 842 16.38 -18.00 -24.85
C PHE A 842 15.64 -19.33 -24.56
N ALA A 843 14.54 -19.22 -23.85
CA ALA A 843 13.70 -20.36 -23.55
C ALA A 843 13.26 -21.10 -24.82
N ARG A 844 12.67 -20.34 -25.74
CA ARG A 844 12.21 -20.85 -27.03
C ARG A 844 13.30 -21.68 -27.73
N LEU A 845 14.55 -21.20 -27.73
CA LEU A 845 15.66 -21.98 -28.31
C LEU A 845 15.96 -23.23 -27.50
N LEU A 846 15.85 -23.15 -26.18
CA LEU A 846 15.92 -24.36 -25.36
C LEU A 846 14.89 -25.43 -25.72
N LEU A 847 13.64 -25.02 -25.84
CA LEU A 847 12.57 -25.95 -26.24
C LEU A 847 12.68 -26.35 -27.70
N MET A 848 13.29 -25.51 -28.54
CA MET A 848 13.57 -25.90 -29.91
C MET A 848 14.64 -26.97 -29.93
N MET A 849 15.63 -26.84 -29.05
CA MET A 849 16.61 -27.90 -28.84
C MET A 849 15.92 -29.21 -28.46
N HIS A 850 15.17 -29.20 -27.35
CA HIS A 850 14.31 -30.34 -27.06
C HIS A 850 13.14 -29.96 -26.14
N ASP A 851 11.96 -30.52 -26.44
CA ASP A 851 10.76 -30.33 -25.63
C ASP A 851 10.31 -31.68 -25.09
N PRO A 852 10.44 -31.89 -23.76
CA PRO A 852 10.02 -33.15 -23.13
C PRO A 852 8.56 -33.54 -23.38
N ALA A 853 7.74 -32.57 -23.73
CA ALA A 853 6.33 -32.83 -24.01
C ALA A 853 6.18 -33.70 -25.25
N LEU A 854 6.87 -33.30 -26.32
CA LEU A 854 6.86 -34.04 -27.57
C LEU A 854 7.90 -35.15 -27.57
N ARG A 855 8.60 -35.27 -26.46
CA ARG A 855 9.53 -36.37 -26.23
C ARG A 855 10.72 -36.34 -27.20
N GLN A 856 10.68 -35.47 -28.22
CA GLN A 856 11.83 -35.30 -29.09
C GLN A 856 12.06 -33.83 -29.44
N SER A 857 13.15 -33.59 -30.16
CA SER A 857 13.55 -32.25 -30.54
C SER A 857 12.52 -31.61 -31.45
N LEU A 858 12.49 -30.28 -31.47
CA LEU A 858 11.61 -29.54 -32.37
C LEU A 858 12.27 -29.01 -33.62
N TYR A 859 13.57 -29.25 -33.75
CA TYR A 859 14.21 -29.04 -35.03
C TYR A 859 13.90 -30.26 -35.89
N GLU A 860 14.00 -31.43 -35.27
CA GLU A 860 13.76 -32.68 -35.97
C GLU A 860 12.35 -32.78 -36.48
N VAL A 861 11.42 -32.12 -35.81
CA VAL A 861 10.02 -32.17 -36.22
C VAL A 861 9.71 -30.96 -37.11
N GLN A 862 9.56 -31.27 -38.38
CA GLN A 862 9.15 -30.32 -39.41
C GLN A 862 8.08 -31.01 -40.25
N ASP A 863 8.42 -32.20 -40.73
CA ASP A 863 7.46 -33.09 -41.40
C ASP A 863 6.14 -33.13 -40.64
N LYS A 864 6.17 -33.70 -39.44
CA LYS A 864 5.05 -33.61 -38.52
C LYS A 864 4.89 -32.13 -38.15
N ILE A 865 3.64 -31.66 -38.07
CA ILE A 865 3.26 -30.27 -37.76
C ILE A 865 3.76 -29.27 -38.83
N PRO A 866 3.02 -28.16 -39.04
CA PRO A 866 3.45 -27.14 -40.01
C PRO A 866 4.61 -26.29 -39.53
N GLY A 867 5.00 -25.29 -40.33
CA GLY A 867 6.33 -24.71 -40.18
C GLY A 867 6.56 -23.97 -38.88
N LEU A 868 7.51 -24.51 -38.12
CA LEU A 868 7.83 -24.01 -36.80
C LEU A 868 8.78 -22.85 -36.87
N HIS A 869 9.60 -22.83 -37.91
CA HIS A 869 10.63 -21.82 -37.98
C HIS A 869 10.13 -20.72 -38.88
N SER A 870 9.63 -19.67 -38.25
CA SER A 870 9.12 -18.51 -38.95
C SER A 870 8.99 -17.33 -38.01
N SER A 871 8.97 -16.14 -38.61
CA SER A 871 8.67 -14.91 -37.89
C SER A 871 7.34 -15.07 -37.17
N THR A 872 6.42 -15.70 -37.90
CA THR A 872 5.10 -16.03 -37.41
C THR A 872 5.20 -16.75 -36.08
N PHE A 873 5.79 -17.93 -36.12
CA PHE A 873 5.87 -18.78 -34.94
C PHE A 873 6.60 -18.14 -33.77
N LYS A 874 7.75 -17.53 -34.04
CA LYS A 874 8.47 -16.85 -32.97
C LYS A 874 7.57 -15.83 -32.31
N TYR A 875 7.14 -14.84 -33.08
CA TYR A 875 6.31 -13.79 -32.50
C TYR A 875 5.14 -14.39 -31.73
N ALA A 876 4.44 -15.31 -32.37
CA ALA A 876 3.29 -15.94 -31.73
C ALA A 876 3.67 -16.51 -30.37
N MET A 877 4.65 -17.40 -30.35
CA MET A 877 5.08 -18.07 -29.12
C MET A 877 5.37 -17.08 -28.00
N LEU A 878 6.11 -16.02 -28.32
CA LEU A 878 6.44 -15.06 -27.27
C LEU A 878 5.50 -13.89 -27.12
N TYR A 879 4.54 -13.68 -28.03
CA TYR A 879 3.78 -12.42 -27.99
C TYR A 879 2.28 -12.48 -27.96
N LEU A 880 1.60 -13.17 -28.89
CA LEU A 880 0.14 -13.19 -28.80
C LEU A 880 -0.26 -13.78 -27.46
N ASP A 881 -1.43 -13.37 -26.96
CA ASP A 881 -1.96 -13.90 -25.71
C ASP A 881 -2.69 -15.22 -25.95
N PRO A 882 -2.98 -15.93 -24.87
CA PRO A 882 -3.84 -17.11 -24.98
C PRO A 882 -5.30 -16.75 -25.23
N SER A 883 -5.71 -15.57 -24.78
CA SER A 883 -7.10 -15.14 -24.94
C SER A 883 -7.48 -14.83 -26.40
N ILE A 884 -6.52 -14.39 -27.21
CA ILE A 884 -6.73 -14.29 -28.65
C ILE A 884 -6.63 -15.68 -29.24
N GLY A 885 -6.16 -16.62 -28.42
CA GLY A 885 -6.29 -18.03 -28.73
C GLY A 885 -5.02 -18.79 -29.02
N GLY A 886 -3.89 -18.10 -29.13
CA GLY A 886 -2.65 -18.82 -29.32
C GLY A 886 -2.07 -19.31 -28.00
N VAL A 887 -0.76 -19.54 -27.93
CA VAL A 887 -0.18 -20.32 -26.83
C VAL A 887 -0.14 -19.60 -25.49
N SER A 888 0.74 -18.61 -25.40
CA SER A 888 1.13 -18.03 -24.12
C SER A 888 2.15 -16.93 -24.34
N GLY A 889 2.59 -16.32 -23.24
CA GLY A 889 3.53 -15.21 -23.28
C GLY A 889 3.03 -13.79 -23.51
N MET A 890 2.09 -13.38 -22.68
CA MET A 890 1.63 -12.00 -22.57
C MET A 890 1.21 -11.36 -23.89
N SER A 891 1.05 -10.02 -23.93
CA SER A 891 0.97 -9.20 -25.15
C SER A 891 1.96 -8.03 -25.26
N LEU A 892 2.74 -7.81 -24.20
CA LEU A 892 3.34 -6.50 -23.88
C LEU A 892 2.30 -5.43 -23.63
N SER A 893 1.05 -5.80 -23.41
CA SER A 893 0.06 -4.83 -22.98
C SER A 893 -0.27 -5.01 -21.49
N ARG A 894 0.22 -6.11 -20.91
CA ARG A 894 -0.10 -6.45 -19.54
C ARG A 894 0.89 -5.85 -18.55
N PHE A 895 2.04 -5.39 -19.03
CA PHE A 895 2.98 -4.72 -18.16
C PHE A 895 2.39 -3.39 -17.75
N LEU A 896 1.31 -3.02 -18.42
CA LEU A 896 0.67 -1.73 -18.21
C LEU A 896 -0.35 -1.77 -17.05
N ILE A 897 -1.50 -2.40 -17.20
CA ILE A 897 -2.42 -2.50 -16.07
C ILE A 897 -2.26 -3.86 -15.42
N ARG A 898 -1.89 -3.87 -14.15
CA ARG A 898 -1.49 -5.11 -13.49
C ARG A 898 -2.56 -6.19 -13.60
N ALA A 899 -3.83 -5.81 -13.47
CA ALA A 899 -4.90 -6.80 -13.61
C ALA A 899 -5.74 -6.56 -14.88
N PHE A 900 -6.71 -5.66 -14.77
CA PHE A 900 -7.66 -5.36 -15.85
C PHE A 900 -8.55 -6.55 -16.18
N PRO A 901 -9.83 -6.29 -16.50
CA PRO A 901 -10.65 -7.47 -16.82
C PRO A 901 -11.01 -7.69 -18.30
N ASP A 902 -10.08 -7.54 -19.24
CA ASP A 902 -10.41 -7.85 -20.64
C ASP A 902 -9.22 -8.29 -21.44
N PRO A 903 -8.82 -9.55 -21.28
CA PRO A 903 -7.62 -9.98 -22.00
C PRO A 903 -7.75 -9.73 -23.51
N VAL A 904 -8.95 -10.01 -24.01
CA VAL A 904 -9.25 -9.95 -25.43
C VAL A 904 -9.07 -8.55 -25.98
N THR A 905 -9.79 -7.62 -25.38
CA THR A 905 -9.71 -6.22 -25.79
C THR A 905 -8.30 -5.71 -25.64
N GLU A 906 -7.70 -5.97 -24.49
CA GLU A 906 -6.32 -5.57 -24.21
C GLU A 906 -5.41 -5.93 -25.38
N SER A 907 -5.23 -7.23 -25.60
CA SER A 907 -4.27 -7.65 -26.62
C SER A 907 -4.69 -7.23 -28.03
N LEU A 908 -5.99 -7.26 -28.34
CA LEU A 908 -6.45 -6.92 -29.70
C LEU A 908 -6.18 -5.46 -30.00
N SER A 909 -6.37 -4.66 -28.95
CA SER A 909 -6.02 -3.25 -28.95
C SER A 909 -4.52 -3.06 -29.15
N PHE A 910 -3.73 -3.81 -28.38
CA PHE A 910 -2.29 -3.80 -28.54
C PHE A 910 -1.93 -4.05 -30.02
N TRP A 911 -2.39 -5.16 -30.57
CA TRP A 911 -2.06 -5.50 -31.94
C TRP A 911 -2.45 -4.46 -32.97
N ARG A 912 -3.69 -3.95 -32.89
CA ARG A 912 -4.06 -2.83 -33.74
C ARG A 912 -3.04 -1.70 -33.60
N PHE A 913 -2.65 -1.39 -32.36
CA PHE A 913 -1.72 -0.30 -32.08
C PHE A 913 -0.31 -0.52 -32.66
N ILE A 914 0.27 -1.68 -32.42
CA ILE A 914 1.57 -1.99 -33.03
C ILE A 914 1.45 -1.90 -34.54
N HIS A 915 0.34 -2.36 -35.10
CA HIS A 915 0.18 -2.18 -36.54
C HIS A 915 0.23 -0.74 -36.95
N VAL A 916 -0.68 0.07 -36.42
CA VAL A 916 -0.76 1.47 -36.82
C VAL A 916 0.58 2.20 -36.64
N HIS A 917 1.33 1.86 -35.59
CA HIS A 917 2.67 2.46 -35.41
C HIS A 917 3.80 1.61 -36.01
N ALA A 918 3.48 0.45 -36.56
CA ALA A 918 4.47 -0.34 -37.30
C ALA A 918 5.07 0.48 -38.43
N ARG A 919 6.39 0.58 -38.44
CA ARG A 919 7.10 1.21 -39.56
C ARG A 919 7.57 0.14 -40.55
N SER A 920 7.15 -1.11 -40.32
CA SER A 920 7.42 -2.20 -41.25
C SER A 920 6.13 -2.83 -41.78
N GLU A 921 6.30 -3.91 -42.55
CA GLU A 921 5.19 -4.59 -43.22
C GLU A 921 4.74 -5.83 -42.45
N HIS A 922 5.66 -6.77 -42.26
CA HIS A 922 5.30 -8.05 -41.68
C HIS A 922 4.71 -7.89 -40.29
N LEU A 923 4.97 -6.77 -39.62
CA LEU A 923 4.28 -6.49 -38.35
C LEU A 923 2.79 -6.28 -38.57
N LYS A 924 2.45 -5.57 -39.65
CA LYS A 924 1.06 -5.39 -40.05
C LYS A 924 0.48 -6.73 -40.40
N GLU A 925 1.25 -7.49 -41.18
CA GLU A 925 0.90 -8.86 -41.53
C GLU A 925 0.58 -9.66 -40.27
N MET A 926 1.45 -9.54 -39.27
CA MET A 926 1.27 -10.24 -38.01
C MET A 926 0.08 -9.69 -37.22
N SER A 927 -0.18 -8.40 -37.32
CA SER A 927 -1.34 -7.82 -36.63
C SER A 927 -2.64 -8.41 -37.15
N ALA A 928 -2.83 -8.38 -38.47
CA ALA A 928 -4.02 -8.99 -39.07
C ALA A 928 -4.07 -10.47 -38.72
N VAL A 929 -2.96 -11.13 -39.00
CA VAL A 929 -2.80 -12.55 -38.74
C VAL A 929 -3.27 -12.92 -37.33
N PHE A 930 -2.74 -12.20 -36.35
CA PHE A 930 -3.01 -12.47 -34.93
C PHE A 930 -4.42 -12.09 -34.48
N GLY A 931 -4.77 -10.83 -34.71
CA GLY A 931 -6.01 -10.32 -34.18
C GLY A 931 -7.21 -10.67 -35.05
N ASN A 932 -6.96 -11.49 -36.07
CA ASN A 932 -8.03 -12.29 -36.66
C ASN A 932 -7.83 -13.76 -36.35
N PRO A 933 -8.21 -14.16 -35.11
CA PRO A 933 -8.20 -15.55 -34.69
C PRO A 933 -9.30 -16.33 -35.36
N GLU A 934 -8.95 -17.53 -35.83
CA GLU A 934 -9.90 -18.36 -36.52
C GLU A 934 -10.80 -19.01 -35.48
N ILE A 935 -12.09 -18.70 -35.57
CA ILE A 935 -13.06 -19.16 -34.59
C ILE A 935 -13.64 -20.52 -34.95
N ALA A 936 -13.67 -21.41 -33.97
CA ALA A 936 -14.30 -22.71 -34.16
C ALA A 936 -15.83 -22.59 -34.05
N LYS A 937 -16.52 -23.53 -34.67
CA LYS A 937 -17.97 -23.51 -34.76
C LYS A 937 -18.61 -23.83 -33.42
N PHE A 938 -19.56 -22.98 -33.00
CA PHE A 938 -20.10 -23.00 -31.64
C PHE A 938 -20.58 -24.38 -31.19
N ARG A 939 -20.35 -24.68 -29.91
CA ARG A 939 -20.94 -25.85 -29.28
C ARG A 939 -21.22 -25.61 -27.80
N ILE A 940 -22.23 -26.32 -27.31
CA ILE A 940 -22.66 -26.14 -25.93
C ILE A 940 -21.50 -26.55 -25.01
N THR A 941 -20.62 -27.39 -25.54
CA THR A 941 -19.39 -27.73 -24.87
C THR A 941 -18.59 -26.46 -24.56
N HIS A 942 -18.25 -25.76 -25.64
CA HIS A 942 -17.46 -24.56 -25.55
C HIS A 942 -18.11 -23.58 -24.60
N ILE A 943 -19.42 -23.43 -24.70
CA ILE A 943 -20.05 -22.49 -23.77
C ILE A 943 -19.95 -22.98 -22.35
N ASP A 944 -19.97 -24.30 -22.13
CA ASP A 944 -19.73 -24.75 -20.77
C ASP A 944 -18.34 -24.25 -20.34
N LYS A 945 -17.33 -24.44 -21.19
CA LYS A 945 -15.97 -23.94 -20.86
C LYS A 945 -15.98 -22.44 -20.51
N LEU A 946 -16.55 -21.65 -21.42
CA LEU A 946 -16.44 -20.20 -21.33
C LEU A 946 -17.62 -19.55 -20.58
N VAL A 947 -18.46 -20.39 -19.99
CA VAL A 947 -19.25 -19.97 -18.83
C VAL A 947 -18.41 -20.18 -17.59
N GLU A 948 -17.75 -21.35 -17.51
CA GLU A 948 -16.89 -21.66 -16.36
C GLU A 948 -15.87 -20.54 -16.17
N ASP A 949 -15.36 -20.00 -17.27
CA ASP A 949 -14.71 -18.69 -17.18
C ASP A 949 -15.22 -17.73 -18.27
N PRO A 950 -15.41 -16.44 -17.92
CA PRO A 950 -16.00 -15.52 -18.91
C PRO A 950 -14.97 -14.79 -19.80
N THR A 951 -15.48 -13.90 -20.65
CA THR A 951 -14.69 -12.96 -21.43
C THR A 951 -14.00 -13.55 -22.66
N SER A 952 -13.84 -14.87 -22.69
CA SER A 952 -13.02 -15.50 -23.71
C SER A 952 -13.80 -15.81 -24.99
N LEU A 953 -13.19 -16.61 -25.88
CA LEU A 953 -13.67 -16.79 -27.23
C LEU A 953 -13.42 -18.22 -27.72
N ASN A 954 -14.25 -18.69 -28.65
CA ASN A 954 -14.15 -20.04 -29.19
C ASN A 954 -13.18 -20.10 -30.36
N ILE A 955 -12.13 -20.89 -30.18
CA ILE A 955 -10.95 -20.85 -31.05
C ILE A 955 -10.67 -22.23 -31.68
N ALA A 956 -9.86 -22.25 -32.74
CA ALA A 956 -9.53 -23.49 -33.46
C ALA A 956 -8.41 -24.26 -32.74
N MET A 957 -8.07 -23.76 -31.57
CA MET A 957 -7.16 -24.42 -30.63
C MET A 957 -7.65 -23.98 -29.27
N GLY A 958 -6.80 -24.14 -28.26
CA GLY A 958 -7.15 -23.73 -26.91
C GLY A 958 -7.42 -24.91 -26.01
N MET A 959 -7.01 -26.09 -26.47
CA MET A 959 -7.14 -27.28 -25.66
C MET A 959 -5.89 -27.29 -24.80
N SER A 960 -6.06 -26.89 -23.55
CA SER A 960 -4.94 -26.69 -22.66
C SER A 960 -4.69 -27.95 -21.86
N PRO A 961 -3.45 -28.18 -21.42
CA PRO A 961 -3.28 -29.29 -20.47
C PRO A 961 -4.15 -29.01 -19.24
N ALA A 962 -4.28 -27.74 -18.90
CA ALA A 962 -5.12 -27.31 -17.78
C ALA A 962 -6.56 -27.81 -17.90
N ASN A 963 -7.29 -27.24 -18.85
CA ASN A 963 -8.70 -27.57 -19.02
C ASN A 963 -8.90 -29.01 -19.46
N LEU A 964 -7.92 -29.57 -20.15
CA LEU A 964 -8.00 -30.97 -20.55
C LEU A 964 -7.89 -31.87 -19.32
N LEU A 965 -7.05 -31.48 -18.38
CA LEU A 965 -6.92 -32.25 -17.14
C LEU A 965 -8.08 -32.01 -16.21
N LYS A 966 -8.63 -30.80 -16.26
CA LYS A 966 -9.91 -30.53 -15.59
C LYS A 966 -10.97 -31.44 -16.16
N THR A 967 -11.03 -31.52 -17.48
CA THR A 967 -11.97 -32.41 -18.17
C THR A 967 -11.78 -33.84 -17.73
N GLU A 968 -10.53 -34.28 -17.72
CA GLU A 968 -10.20 -35.63 -17.31
C GLU A 968 -10.55 -35.91 -15.85
N VAL A 969 -10.28 -34.97 -14.94
CA VAL A 969 -10.55 -35.21 -13.53
C VAL A 969 -12.06 -35.09 -13.24
N LYS A 970 -12.73 -34.20 -13.95
CA LYS A 970 -14.18 -34.15 -13.95
C LYS A 970 -14.69 -35.52 -14.32
N LYS A 971 -14.26 -35.96 -15.50
CA LYS A 971 -14.66 -37.22 -16.08
C LYS A 971 -14.45 -38.37 -15.09
N CYS A 972 -13.23 -38.53 -14.61
CA CYS A 972 -12.89 -39.64 -13.69
C CYS A 972 -13.70 -39.53 -12.40
N LEU A 973 -13.69 -38.34 -11.82
CA LEU A 973 -14.41 -38.08 -10.60
C LEU A 973 -15.89 -38.42 -10.74
N ILE A 974 -16.43 -38.16 -11.94
CA ILE A 974 -17.83 -38.43 -12.22
C ILE A 974 -18.06 -39.91 -12.48
N GLU A 975 -17.18 -40.51 -13.27
CA GLU A 975 -17.34 -41.90 -13.67
C GLU A 975 -17.09 -42.84 -12.50
N SER A 976 -16.46 -42.34 -11.44
CA SER A 976 -16.64 -42.98 -10.15
C SER A 976 -17.31 -42.01 -9.16
N ARG A 977 -18.63 -42.14 -9.05
CA ARG A 977 -19.39 -41.49 -7.98
C ARG A 977 -19.80 -42.49 -6.90
N GLN A 978 -19.53 -43.77 -7.15
CA GLN A 978 -19.83 -44.85 -6.21
C GLN A 978 -18.62 -45.24 -5.35
N THR A 979 -17.45 -44.73 -5.71
CA THR A 979 -16.23 -44.96 -4.93
C THR A 979 -16.14 -44.02 -3.74
N ILE A 980 -16.63 -42.80 -3.96
CA ILE A 980 -16.41 -41.70 -3.03
C ILE A 980 -16.90 -42.04 -1.66
N ARG A 981 -16.02 -42.02 -0.66
CA ARG A 981 -16.53 -42.01 0.69
C ARG A 981 -16.38 -40.58 1.17
N ASN A 982 -17.38 -39.80 0.81
CA ASN A 982 -17.65 -38.51 1.39
C ASN A 982 -19.04 -38.20 0.88
N GLN A 983 -19.95 -37.74 1.72
CA GLN A 983 -21.30 -37.49 1.22
C GLN A 983 -21.40 -36.11 0.57
N VAL A 984 -20.66 -35.14 1.10
CA VAL A 984 -20.60 -33.81 0.48
C VAL A 984 -20.26 -34.01 -1.00
N ILE A 985 -19.16 -34.71 -1.24
CA ILE A 985 -18.64 -34.90 -2.58
C ILE A 985 -19.51 -35.86 -3.38
N LYS A 986 -19.96 -36.94 -2.74
CA LYS A 986 -20.83 -37.88 -3.44
C LYS A 986 -22.07 -37.20 -4.00
N ASP A 987 -22.77 -36.47 -3.14
CA ASP A 987 -23.99 -35.81 -3.58
C ASP A 987 -23.66 -34.72 -4.60
N ALA A 988 -22.57 -33.99 -4.40
CA ALA A 988 -22.13 -33.02 -5.41
C ALA A 988 -21.90 -33.68 -6.79
N THR A 989 -21.21 -34.81 -6.82
CA THR A 989 -20.94 -35.49 -8.09
C THR A 989 -22.22 -36.00 -8.73
N ILE A 990 -23.12 -36.55 -7.91
CA ILE A 990 -24.43 -36.97 -8.39
C ILE A 990 -25.16 -35.78 -9.05
N TYR A 991 -25.32 -34.71 -8.28
CA TYR A 991 -25.94 -33.47 -8.77
C TYR A 991 -25.35 -33.06 -10.11
N LEU A 992 -24.02 -33.06 -10.19
CA LEU A 992 -23.36 -32.78 -11.46
C LEU A 992 -23.85 -33.72 -12.55
N TYR A 993 -23.55 -35.01 -12.40
CA TYR A 993 -23.84 -36.00 -13.43
C TYR A 993 -25.29 -35.99 -13.89
N HIS A 994 -26.21 -35.61 -13.00
CA HIS A 994 -27.63 -35.53 -13.36
C HIS A 994 -28.05 -34.18 -13.96
N GLU A 995 -27.95 -33.09 -13.19
CA GLU A 995 -28.58 -31.81 -13.56
C GLU A 995 -27.68 -30.74 -14.20
N GLU A 996 -26.41 -31.09 -14.42
CA GLU A 996 -25.49 -30.17 -15.07
C GLU A 996 -26.05 -29.68 -16.40
N ASP A 997 -26.69 -30.58 -17.15
CA ASP A 997 -27.30 -30.23 -18.44
C ASP A 997 -28.39 -29.18 -18.23
N ARG A 998 -29.28 -29.47 -17.28
CA ARG A 998 -30.39 -28.58 -16.96
C ARG A 998 -29.86 -27.18 -16.72
N LEU A 999 -28.86 -27.07 -15.85
CA LEU A 999 -28.26 -25.76 -15.60
C LEU A 999 -27.61 -25.21 -16.86
N ARG A 1000 -26.94 -26.08 -17.61
CA ARG A 1000 -26.25 -25.68 -18.83
C ARG A 1000 -27.23 -24.97 -19.77
N SER A 1001 -28.22 -25.71 -20.27
CA SER A 1001 -29.19 -25.16 -21.21
C SER A 1001 -29.95 -23.97 -20.61
N PHE A 1002 -30.44 -24.13 -19.38
CA PHE A 1002 -31.16 -23.03 -18.74
C PHE A 1002 -30.33 -21.75 -18.74
N LEU A 1003 -29.07 -21.86 -18.34
CA LEU A 1003 -28.19 -20.69 -18.34
C LEU A 1003 -28.03 -20.17 -19.75
N TRP A 1004 -27.73 -21.08 -20.68
CA TRP A 1004 -27.44 -20.70 -22.06
C TRP A 1004 -28.63 -19.97 -22.69
N SER A 1005 -29.86 -20.30 -22.28
CA SER A 1005 -30.96 -19.51 -22.78
C SER A 1005 -31.20 -18.32 -21.85
N ILE A 1006 -30.46 -17.26 -22.14
CA ILE A 1006 -30.72 -15.91 -21.68
C ILE A 1006 -30.20 -15.06 -22.83
N ASN A 1007 -31.06 -14.37 -23.58
CA ASN A 1007 -30.59 -13.77 -24.83
C ASN A 1007 -29.62 -12.60 -24.63
N PRO A 1008 -29.85 -11.75 -23.61
CA PRO A 1008 -28.80 -10.74 -23.41
C PRO A 1008 -27.63 -11.40 -22.66
N LEU A 1009 -26.72 -12.05 -23.39
CA LEU A 1009 -25.83 -13.02 -22.75
C LEU A 1009 -24.85 -12.37 -21.79
N PHE A 1010 -24.98 -12.76 -20.53
CA PHE A 1010 -24.36 -12.07 -19.40
C PHE A 1010 -23.43 -13.06 -18.69
N PRO A 1011 -22.25 -13.30 -19.28
CA PRO A 1011 -21.46 -14.44 -18.83
C PRO A 1011 -21.08 -14.29 -17.36
N ARG A 1012 -20.91 -13.06 -16.91
CA ARG A 1012 -20.58 -12.83 -15.50
C ARG A 1012 -21.68 -13.39 -14.59
N PHE A 1013 -22.93 -13.10 -14.94
CA PHE A 1013 -24.07 -13.58 -14.18
C PHE A 1013 -24.22 -15.09 -14.33
N LEU A 1014 -24.09 -15.57 -15.57
CA LEU A 1014 -24.16 -17.01 -15.80
C LEU A 1014 -23.10 -17.75 -14.98
N SER A 1015 -21.93 -17.13 -14.83
CA SER A 1015 -20.83 -17.72 -14.07
C SER A 1015 -21.04 -17.62 -12.55
N GLU A 1016 -21.44 -16.44 -12.09
CA GLU A 1016 -21.69 -16.26 -10.67
C GLU A 1016 -22.81 -17.19 -10.20
N PHE A 1017 -23.89 -17.24 -10.98
CA PHE A 1017 -24.98 -18.19 -10.73
C PHE A 1017 -24.44 -19.62 -10.77
N LYS A 1018 -23.73 -19.97 -11.86
CA LYS A 1018 -23.12 -21.30 -12.00
C LYS A 1018 -22.31 -21.72 -10.77
N SER A 1019 -21.53 -20.79 -10.22
CA SER A 1019 -20.77 -21.07 -9.00
C SER A 1019 -21.71 -21.12 -7.79
N GLY A 1020 -22.64 -20.18 -7.75
CA GLY A 1020 -23.55 -20.00 -6.63
C GLY A 1020 -24.56 -21.12 -6.50
N THR A 1021 -24.75 -21.89 -7.57
CA THR A 1021 -25.54 -23.12 -7.49
C THR A 1021 -24.78 -24.16 -6.73
N PHE A 1022 -25.49 -25.15 -6.19
CA PHE A 1022 -24.88 -26.19 -5.38
C PHE A 1022 -23.71 -26.82 -6.14
N LEU A 1023 -23.69 -26.69 -7.46
CA LEU A 1023 -22.57 -27.20 -8.25
C LEU A 1023 -21.24 -26.53 -7.93
N GLY A 1024 -21.28 -25.42 -7.18
CA GLY A 1024 -20.06 -24.76 -6.76
C GLY A 1024 -19.11 -25.72 -6.10
N VAL A 1025 -19.66 -26.78 -5.50
CA VAL A 1025 -18.89 -27.87 -4.92
C VAL A 1025 -18.13 -28.61 -6.00
N ALA A 1026 -18.88 -29.07 -6.98
CA ALA A 1026 -18.32 -29.76 -8.12
C ALA A 1026 -17.17 -28.93 -8.68
N ASP A 1027 -17.45 -27.66 -8.93
CA ASP A 1027 -16.47 -26.71 -9.45
C ASP A 1027 -15.23 -26.61 -8.56
N GLY A 1028 -15.45 -26.37 -7.27
CA GLY A 1028 -14.38 -26.27 -6.32
C GLY A 1028 -13.46 -27.46 -6.41
N LEU A 1029 -14.01 -28.66 -6.28
CA LEU A 1029 -13.16 -29.85 -6.29
C LEU A 1029 -12.49 -30.10 -7.64
N ILE A 1030 -13.27 -30.15 -8.73
CA ILE A 1030 -12.70 -30.41 -10.05
C ILE A 1030 -11.53 -29.47 -10.30
N SER A 1031 -11.72 -28.19 -9.95
CA SER A 1031 -10.68 -27.20 -10.18
C SER A 1031 -9.54 -27.40 -9.20
N LEU A 1032 -9.89 -27.76 -7.98
CA LEU A 1032 -8.94 -27.82 -6.87
C LEU A 1032 -7.64 -28.52 -7.20
N PHE A 1033 -7.68 -29.54 -8.05
CA PHE A 1033 -6.46 -30.25 -8.37
C PHE A 1033 -5.53 -29.41 -9.25
N GLN A 1034 -4.32 -29.17 -8.75
CA GLN A 1034 -3.29 -28.46 -9.50
C GLN A 1034 -2.59 -29.44 -10.42
N ASN A 1035 -2.13 -28.94 -11.57
CA ASN A 1035 -1.69 -29.74 -12.71
C ASN A 1035 -0.84 -30.98 -12.31
N SER A 1036 0.35 -30.75 -11.78
CA SER A 1036 1.24 -31.83 -11.38
C SER A 1036 0.65 -32.68 -10.26
N ARG A 1037 0.11 -32.00 -9.26
CA ARG A 1037 -0.52 -32.70 -8.17
C ARG A 1037 -1.65 -33.55 -8.72
N THR A 1038 -2.37 -33.04 -9.72
CA THR A 1038 -3.45 -33.83 -10.33
C THR A 1038 -2.90 -35.07 -11.01
N ILE A 1039 -1.91 -34.91 -11.90
CA ILE A 1039 -1.35 -36.07 -12.60
C ILE A 1039 -0.78 -37.05 -11.57
N ARG A 1040 -0.40 -36.52 -10.41
CA ARG A 1040 -0.05 -37.37 -9.28
C ARG A 1040 -1.30 -37.95 -8.62
N ASN A 1041 -2.39 -37.19 -8.58
CA ASN A 1041 -3.62 -37.61 -7.91
C ASN A 1041 -4.60 -38.30 -8.84
N SER A 1042 -4.24 -38.37 -10.11
CA SER A 1042 -5.10 -38.98 -11.12
C SER A 1042 -4.81 -40.47 -11.19
N PHE A 1043 -3.86 -40.91 -10.38
CA PHE A 1043 -3.59 -42.32 -10.19
C PHE A 1043 -4.70 -43.01 -9.41
N LYS A 1044 -5.64 -42.21 -8.90
CA LYS A 1044 -6.78 -42.70 -8.13
C LYS A 1044 -7.51 -43.84 -8.84
N LYS A 1045 -7.38 -43.86 -10.17
CA LYS A 1045 -8.15 -44.77 -11.00
C LYS A 1045 -7.34 -45.23 -12.23
N LYS A 1046 -8.03 -45.79 -13.22
CA LYS A 1046 -7.41 -46.36 -14.42
C LYS A 1046 -6.62 -45.34 -15.26
N TYR A 1047 -6.66 -44.07 -14.89
CA TYR A 1047 -6.10 -43.02 -15.74
C TYR A 1047 -4.63 -42.84 -15.42
N HIS A 1048 -3.81 -43.29 -16.36
CA HIS A 1048 -2.36 -43.27 -16.23
C HIS A 1048 -1.75 -42.68 -17.50
N ARG A 1049 -1.97 -43.40 -18.60
CA ARG A 1049 -1.42 -43.05 -19.91
C ARG A 1049 -2.18 -41.92 -20.59
N GLU A 1050 -3.48 -41.88 -20.33
CA GLU A 1050 -4.39 -41.01 -21.04
C GLU A 1050 -3.97 -39.57 -20.85
N LEU A 1051 -3.57 -39.25 -19.62
CA LEU A 1051 -3.24 -37.87 -19.25
C LEU A 1051 -1.93 -37.45 -19.90
N ASP A 1052 -0.99 -38.36 -19.97
CA ASP A 1052 0.26 -38.13 -20.68
C ASP A 1052 0.02 -37.89 -22.18
N ASP A 1053 -0.64 -38.83 -22.85
CA ASP A 1053 -0.85 -38.65 -24.30
C ASP A 1053 -1.80 -37.47 -24.55
N LEU A 1054 -2.61 -37.13 -23.55
CA LEU A 1054 -3.41 -35.91 -23.58
C LEU A 1054 -2.52 -34.66 -23.54
N ILE A 1055 -1.51 -34.68 -22.67
CA ILE A 1055 -0.49 -33.63 -22.68
C ILE A 1055 0.13 -33.52 -24.09
N VAL A 1056 0.58 -34.65 -24.63
CA VAL A 1056 1.13 -34.64 -25.99
C VAL A 1056 0.12 -34.05 -26.97
N ARG A 1057 -1.14 -34.47 -26.89
CA ARG A 1057 -2.22 -33.93 -27.72
C ARG A 1057 -2.28 -32.40 -27.66
N SER A 1058 -2.37 -31.87 -26.45
CA SER A 1058 -2.44 -30.42 -26.24
C SER A 1058 -1.24 -29.74 -26.89
N GLU A 1059 -0.05 -30.23 -26.66
CA GLU A 1059 1.13 -29.57 -27.21
C GLU A 1059 1.20 -29.63 -28.74
N VAL A 1060 1.05 -30.82 -29.33
CA VAL A 1060 1.08 -30.91 -30.79
C VAL A 1060 0.02 -29.96 -31.34
N SER A 1061 -1.17 -29.95 -30.74
CA SER A 1061 -2.23 -29.07 -31.22
C SER A 1061 -1.83 -27.59 -31.13
N SER A 1062 -1.22 -27.22 -30.02
CA SER A 1062 -0.74 -25.84 -29.80
C SER A 1062 0.25 -25.40 -30.91
N LEU A 1063 1.32 -26.18 -31.04
CA LEU A 1063 2.34 -25.83 -32.00
C LEU A 1063 1.73 -25.90 -33.40
N THR A 1064 0.83 -26.86 -33.59
CA THR A 1064 0.11 -27.02 -34.84
C THR A 1064 -0.67 -25.73 -35.13
N HIS A 1065 -1.26 -25.15 -34.09
CA HIS A 1065 -1.98 -23.90 -34.26
C HIS A 1065 -1.08 -22.78 -34.71
N LEU A 1066 0.11 -22.70 -34.14
CA LEU A 1066 1.05 -21.67 -34.63
C LEU A 1066 1.56 -21.89 -36.09
N GLY A 1067 2.03 -23.09 -36.37
CA GLY A 1067 2.38 -23.45 -37.74
C GLY A 1067 1.24 -23.12 -38.69
N LYS A 1068 0.01 -23.45 -38.26
CA LYS A 1068 -1.24 -23.03 -38.91
C LYS A 1068 -1.33 -21.50 -39.02
N LEU A 1069 -0.94 -20.83 -37.95
CA LEU A 1069 -0.95 -19.37 -37.93
C LEU A 1069 0.08 -18.79 -38.88
N HIS A 1070 0.94 -19.61 -39.48
CA HIS A 1070 1.56 -19.08 -40.70
C HIS A 1070 0.65 -19.27 -41.94
N LEU A 1071 -0.26 -18.31 -42.06
CA LEU A 1071 -1.15 -18.07 -43.19
C LEU A 1071 -0.84 -16.73 -43.86
N ARG A 1072 0.28 -16.12 -43.50
CA ARG A 1072 0.41 -14.66 -43.35
C ARG A 1072 -0.35 -13.76 -44.33
N ARG A 1073 -1.00 -12.74 -43.77
CA ARG A 1073 -1.86 -11.77 -44.48
C ARG A 1073 -3.17 -12.36 -45.00
N GLY A 1074 -3.34 -13.67 -44.88
CA GLY A 1074 -4.48 -14.34 -45.46
C GLY A 1074 -5.82 -13.83 -44.95
N SER A 1075 -5.81 -13.32 -43.72
CA SER A 1075 -7.03 -12.87 -43.06
C SER A 1075 -7.33 -11.40 -43.35
N CYS A 1076 -8.27 -10.88 -42.58
CA CYS A 1076 -8.82 -9.55 -42.78
C CYS A 1076 -7.84 -8.49 -42.29
N LYS A 1077 -8.37 -7.30 -42.03
CA LYS A 1077 -7.58 -6.09 -41.93
C LYS A 1077 -7.72 -5.42 -40.56
N MET A 1078 -7.35 -4.15 -40.53
CA MET A 1078 -6.83 -3.47 -39.37
C MET A 1078 -7.88 -2.96 -38.41
N TRP A 1079 -9.02 -3.61 -38.44
CA TRP A 1079 -10.15 -3.26 -37.61
C TRP A 1079 -10.60 -1.84 -37.85
N THR A 1080 -11.28 -1.32 -36.84
CA THR A 1080 -11.32 0.08 -36.49
C THR A 1080 -11.55 -0.06 -35.01
N CYS A 1081 -10.68 0.54 -34.20
CA CYS A 1081 -10.89 0.56 -32.75
C CYS A 1081 -11.36 -0.76 -32.13
N SER A 1082 -10.40 -1.66 -31.93
CA SER A 1082 -10.64 -3.07 -31.77
C SER A 1082 -11.66 -3.47 -30.68
N ALA A 1083 -12.09 -2.55 -29.83
CA ALA A 1083 -13.09 -2.89 -28.82
C ALA A 1083 -14.40 -3.35 -29.46
N THR A 1084 -14.90 -2.56 -30.40
CA THR A 1084 -16.11 -2.93 -31.13
C THR A 1084 -15.93 -4.24 -31.90
N HIS A 1085 -14.71 -4.46 -32.35
CA HIS A 1085 -14.36 -5.66 -33.11
C HIS A 1085 -14.09 -6.85 -32.20
N ALA A 1086 -13.70 -6.58 -30.97
CA ALA A 1086 -13.57 -7.64 -29.98
C ALA A 1086 -14.97 -8.07 -29.62
N ASP A 1087 -15.87 -7.10 -29.55
CA ASP A 1087 -17.28 -7.41 -29.42
C ASP A 1087 -17.74 -8.26 -30.59
N THR A 1088 -17.56 -7.77 -31.81
CA THR A 1088 -18.06 -8.51 -32.97
C THR A 1088 -17.42 -9.87 -33.02
N LEU A 1089 -16.18 -9.96 -32.59
CA LEU A 1089 -15.48 -11.22 -32.62
C LEU A 1089 -16.03 -12.15 -31.54
N ARG A 1090 -16.39 -11.58 -30.39
CA ARG A 1090 -17.06 -12.35 -29.36
C ARG A 1090 -18.44 -12.78 -29.86
N TYR A 1091 -19.08 -11.92 -30.65
CA TYR A 1091 -20.38 -12.22 -31.24
C TYR A 1091 -20.25 -13.40 -32.20
N LYS A 1092 -19.26 -13.33 -33.07
CA LYS A 1092 -19.04 -14.36 -34.07
C LYS A 1092 -18.57 -15.62 -33.36
N SER A 1093 -17.85 -15.44 -32.27
CA SER A 1093 -17.38 -16.56 -31.47
C SER A 1093 -18.57 -17.35 -30.99
N TRP A 1094 -19.42 -16.66 -30.25
CA TRP A 1094 -20.68 -17.22 -29.80
C TRP A 1094 -21.67 -17.18 -30.94
N GLY A 1095 -22.93 -17.45 -30.62
CA GLY A 1095 -23.99 -17.15 -31.57
C GLY A 1095 -24.23 -15.65 -31.63
N ARG A 1096 -24.54 -15.10 -30.47
CA ARG A 1096 -25.19 -13.80 -30.40
C ARG A 1096 -24.26 -12.69 -29.95
N THR A 1097 -24.82 -11.48 -29.84
CA THR A 1097 -24.13 -10.39 -29.16
C THR A 1097 -24.12 -10.70 -27.68
N VAL A 1098 -23.23 -10.04 -26.99
CA VAL A 1098 -23.00 -10.30 -25.58
C VAL A 1098 -23.35 -9.02 -24.84
N ILE A 1099 -23.59 -9.12 -23.53
CA ILE A 1099 -24.09 -8.00 -22.76
C ILE A 1099 -23.27 -6.73 -22.93
N GLY A 1100 -22.06 -6.89 -23.44
CA GLY A 1100 -21.17 -5.76 -23.55
C GLY A 1100 -20.14 -5.85 -22.46
N THR A 1101 -19.92 -7.04 -21.90
CA THR A 1101 -18.84 -7.13 -20.95
C THR A 1101 -17.64 -7.34 -21.83
N THR A 1102 -17.10 -6.18 -22.18
CA THR A 1102 -15.83 -6.02 -22.85
C THR A 1102 -15.55 -4.52 -22.59
N VAL A 1103 -14.32 -4.19 -22.23
CA VAL A 1103 -13.97 -2.81 -21.90
C VAL A 1103 -12.86 -2.28 -22.81
N PRO A 1104 -13.12 -1.21 -23.57
CA PRO A 1104 -11.97 -0.70 -24.34
C PRO A 1104 -10.86 -0.27 -23.38
N HIS A 1105 -9.67 -0.81 -23.56
CA HIS A 1105 -8.57 -0.52 -22.65
C HIS A 1105 -7.75 0.68 -23.16
N PRO A 1106 -7.14 1.44 -22.23
CA PRO A 1106 -6.53 2.76 -22.46
C PRO A 1106 -5.65 2.95 -23.67
N LEU A 1107 -4.85 1.95 -24.02
CA LEU A 1107 -3.92 2.07 -25.14
C LEU A 1107 -4.59 2.62 -26.41
N GLU A 1108 -5.58 1.92 -26.98
CA GLU A 1108 -6.16 2.34 -28.26
C GLU A 1108 -7.03 3.59 -28.12
N MET A 1109 -7.75 3.72 -27.01
CA MET A 1109 -8.68 4.84 -26.88
C MET A 1109 -7.96 6.14 -26.53
N LEU A 1110 -7.07 6.10 -25.54
CA LEU A 1110 -6.30 7.28 -25.16
C LEU A 1110 -5.10 7.48 -26.06
N GLY A 1111 -4.53 6.40 -26.57
CA GLY A 1111 -3.44 6.51 -27.53
C GLY A 1111 -2.18 7.14 -26.94
N PRO A 1112 -1.27 7.59 -27.81
CA PRO A 1112 -0.08 8.23 -27.25
C PRO A 1112 -0.45 9.53 -26.55
N GLN A 1113 0.45 10.00 -25.70
CA GLN A 1113 0.21 11.18 -24.88
C GLN A 1113 0.40 12.48 -25.66
N HIS A 1114 -0.43 13.47 -25.38
CA HIS A 1114 -0.18 14.80 -25.92
C HIS A 1114 0.60 15.57 -24.88
N ARG A 1115 1.72 16.15 -25.28
CA ARG A 1115 2.55 16.88 -24.35
C ARG A 1115 2.15 18.36 -24.37
N LYS A 1116 1.65 18.83 -23.24
CA LYS A 1116 1.12 20.19 -23.11
C LYS A 1116 2.23 21.22 -23.14
N GLU A 1117 3.45 20.80 -22.82
CA GLU A 1117 4.61 21.66 -22.99
C GLU A 1117 4.74 22.11 -24.46
N THR A 1118 4.19 21.31 -25.37
CA THR A 1118 4.11 21.64 -26.80
C THR A 1118 2.70 22.20 -27.07
N PRO A 1119 2.35 22.48 -28.35
CA PRO A 1119 1.10 23.23 -28.45
C PRO A 1119 -0.17 22.51 -27.98
N CYS A 1120 -0.39 21.27 -28.42
CA CYS A 1120 -1.56 20.50 -27.99
C CYS A 1120 -2.88 21.15 -28.48
N ALA A 1121 -2.76 22.34 -29.10
CA ALA A 1121 -3.91 23.13 -29.53
C ALA A 1121 -4.78 22.40 -30.55
N PRO A 1122 -4.17 21.65 -31.49
CA PRO A 1122 -5.05 20.81 -32.30
C PRO A 1122 -5.57 19.64 -31.48
N CYS A 1123 -4.77 19.21 -30.50
CA CYS A 1123 -5.19 18.15 -29.61
C CYS A 1123 -6.45 18.59 -28.86
N ASN A 1124 -6.59 19.90 -28.61
CA ASN A 1124 -7.83 20.42 -28.01
C ASN A 1124 -9.09 20.05 -28.79
N THR A 1125 -10.01 19.38 -28.08
CA THR A 1125 -11.34 19.08 -28.57
C THR A 1125 -12.29 20.15 -28.05
N SER A 1126 -11.69 21.15 -27.41
CA SER A 1126 -12.34 21.88 -26.32
C SER A 1126 -12.75 20.81 -25.33
N GLY A 1127 -13.90 21.01 -24.69
CA GLY A 1127 -14.50 19.98 -23.88
C GLY A 1127 -13.55 19.56 -22.79
N PHE A 1128 -13.94 18.51 -22.08
CA PHE A 1128 -13.06 17.81 -21.17
C PHE A 1128 -12.58 16.45 -21.64
N ASN A 1129 -12.64 16.09 -22.94
CA ASN A 1129 -12.28 14.70 -23.22
C ASN A 1129 -10.79 14.72 -23.09
N TYR A 1130 -10.41 14.62 -21.82
CA TYR A 1130 -9.07 14.97 -21.42
C TYR A 1130 -8.73 14.48 -20.00
N VAL A 1131 -7.88 13.47 -19.88
CA VAL A 1131 -7.22 13.18 -18.60
C VAL A 1131 -5.97 14.00 -18.55
N SER A 1132 -5.46 14.30 -17.36
CA SER A 1132 -4.10 14.83 -17.35
C SER A 1132 -3.29 14.29 -16.20
N VAL A 1133 -1.97 14.44 -16.31
CA VAL A 1133 -1.11 14.17 -15.18
C VAL A 1133 -0.01 15.18 -15.08
N HIS A 1134 0.31 15.53 -13.84
CA HIS A 1134 1.36 16.48 -13.56
C HIS A 1134 2.55 15.74 -12.96
N CYS A 1135 3.74 16.20 -13.29
CA CYS A 1135 4.92 15.83 -12.50
C CYS A 1135 5.71 17.11 -12.24
N PRO A 1136 5.45 17.74 -11.09
CA PRO A 1136 6.31 18.85 -10.68
C PRO A 1136 7.66 18.28 -10.28
N ASP A 1137 8.75 18.96 -10.65
CA ASP A 1137 10.12 18.47 -10.47
C ASP A 1137 10.45 17.36 -11.48
N GLY A 1138 9.41 16.78 -12.08
CA GLY A 1138 9.57 15.75 -13.10
C GLY A 1138 9.96 14.40 -12.52
N ILE A 1139 9.82 13.37 -13.34
CA ILE A 1139 10.44 12.09 -13.07
C ILE A 1139 11.79 12.17 -13.71
N HIS A 1140 12.84 12.14 -12.89
CA HIS A 1140 14.20 12.24 -13.42
C HIS A 1140 15.06 11.15 -12.81
N ASP A 1141 15.21 11.19 -11.49
CA ASP A 1141 15.99 10.20 -10.77
C ASP A 1141 15.10 9.67 -9.66
N VAL A 1142 14.67 8.43 -9.78
CA VAL A 1142 13.80 7.85 -8.77
C VAL A 1142 14.48 6.63 -8.14
N PHE A 1143 13.85 6.10 -7.10
CA PHE A 1143 14.46 5.24 -6.07
C PHE A 1143 15.43 6.04 -5.19
N SER A 1144 15.79 7.25 -5.58
CA SER A 1144 16.80 8.03 -4.87
C SER A 1144 16.18 8.89 -3.78
N SER A 1145 14.85 8.97 -3.78
CA SER A 1145 14.11 9.66 -2.74
C SER A 1145 12.70 9.12 -2.73
N ARG A 1146 11.96 9.32 -1.65
CA ARG A 1146 10.60 8.82 -1.59
C ARG A 1146 9.78 9.46 -2.69
N GLY A 1147 9.90 10.78 -2.78
CA GLY A 1147 9.12 11.58 -3.69
C GLY A 1147 8.01 12.33 -2.97
N PRO A 1148 7.65 13.52 -3.49
CA PRO A 1148 6.66 14.34 -2.77
C PRO A 1148 5.21 13.84 -2.74
N LEU A 1149 4.64 13.52 -3.89
CA LEU A 1149 3.17 13.44 -3.98
C LEU A 1149 2.58 12.16 -3.42
N PRO A 1150 1.27 12.17 -3.14
CA PRO A 1150 0.88 11.04 -2.28
C PRO A 1150 1.01 9.65 -2.90
N ALA A 1151 0.29 9.37 -3.98
CA ALA A 1151 0.25 8.02 -4.57
C ALA A 1151 -0.84 7.95 -5.60
N TYR A 1152 -0.95 6.81 -6.28
CA TYR A 1152 -2.26 6.21 -6.57
C TYR A 1152 -2.03 4.73 -6.73
N LEU A 1153 -2.72 3.88 -5.98
CA LEU A 1153 -2.43 2.46 -6.08
C LEU A 1153 -3.20 1.70 -7.14
N GLY A 1154 -4.49 1.99 -7.27
CA GLY A 1154 -5.32 1.18 -8.13
C GLY A 1154 -6.77 1.14 -7.69
N SER A 1155 -7.45 0.06 -8.09
CA SER A 1155 -8.84 -0.13 -7.74
C SER A 1155 -8.94 -0.58 -6.29
N LYS A 1156 -10.18 -0.74 -5.80
CA LYS A 1156 -10.43 -0.99 -4.39
C LYS A 1156 -10.34 -2.47 -4.01
N THR A 1157 -11.22 -3.27 -4.59
CA THR A 1157 -11.42 -4.63 -4.14
C THR A 1157 -10.19 -5.50 -4.35
N SER A 1158 -9.94 -6.40 -3.39
CA SER A 1158 -8.75 -7.26 -3.39
C SER A 1158 -8.79 -8.35 -4.45
N GLU A 1159 -7.73 -9.16 -4.46
CA GLU A 1159 -7.62 -10.30 -5.36
C GLU A 1159 -6.92 -11.45 -4.64
N SER A 1160 -6.56 -12.48 -5.40
CA SER A 1160 -5.74 -13.58 -4.90
C SER A 1160 -4.32 -13.08 -4.58
N THR A 1161 -3.77 -13.56 -3.47
CA THR A 1161 -2.42 -13.15 -3.05
C THR A 1161 -1.36 -13.92 -3.81
N SER A 1162 -0.53 -13.20 -4.58
CA SER A 1162 0.56 -13.82 -5.35
C SER A 1162 1.93 -13.68 -4.68
N ILE A 1163 1.97 -13.08 -3.50
CA ILE A 1163 3.24 -12.88 -2.80
C ILE A 1163 3.70 -14.17 -2.11
N LEU A 1164 2.76 -15.02 -1.71
CA LEU A 1164 3.08 -16.28 -1.04
C LEU A 1164 2.42 -17.45 -1.77
N GLN A 1165 2.61 -18.68 -1.28
CA GLN A 1165 2.02 -19.85 -1.93
C GLN A 1165 1.31 -20.79 -0.96
N PRO A 1166 0.46 -20.26 -0.04
CA PRO A 1166 0.04 -21.34 0.86
C PRO A 1166 -1.01 -22.33 0.31
N TRP A 1167 -2.30 -21.94 0.28
CA TRP A 1167 -3.29 -22.44 -0.70
C TRP A 1167 -3.99 -21.34 -1.50
N GLU A 1168 -3.76 -20.07 -1.14
CA GLU A 1168 -4.87 -19.13 -1.17
C GLU A 1168 -5.10 -18.51 -2.55
N ARG A 1169 -6.21 -18.92 -3.14
CA ARG A 1169 -6.72 -18.36 -4.38
C ARG A 1169 -8.24 -18.14 -4.25
N GLU A 1170 -8.95 -19.26 -4.08
CA GLU A 1170 -10.42 -19.33 -4.03
C GLU A 1170 -11.01 -19.21 -2.62
N SER A 1171 -10.15 -18.90 -1.64
CA SER A 1171 -10.56 -18.80 -0.23
C SER A 1171 -11.83 -17.96 -0.07
N LYS A 1172 -11.97 -16.99 -0.94
CA LYS A 1172 -13.02 -15.98 -0.84
C LYS A 1172 -14.42 -16.58 -1.00
N VAL A 1173 -15.40 -15.98 -0.33
CA VAL A 1173 -16.82 -16.07 -0.70
C VAL A 1173 -17.43 -17.47 -0.85
N PRO A 1174 -17.79 -18.10 0.27
CA PRO A 1174 -18.49 -19.39 0.16
C PRO A 1174 -19.89 -19.30 -0.49
N LEU A 1175 -20.53 -20.47 -0.64
CA LEU A 1175 -21.71 -20.62 -1.50
C LEU A 1175 -22.95 -19.87 -1.03
N ILE A 1176 -23.28 -20.00 0.25
CA ILE A 1176 -24.47 -19.35 0.79
C ILE A 1176 -24.35 -17.84 0.57
N LYS A 1177 -23.13 -17.34 0.78
CA LYS A 1177 -22.83 -15.93 0.55
C LYS A 1177 -22.97 -15.58 -0.94
N ARG A 1178 -22.48 -16.45 -1.82
CA ARG A 1178 -22.73 -16.27 -3.27
C ARG A 1178 -24.23 -16.15 -3.61
N ALA A 1179 -25.02 -17.18 -3.27
CA ALA A 1179 -26.46 -17.15 -3.57
C ALA A 1179 -27.12 -15.89 -3.01
N THR A 1180 -26.83 -15.61 -1.74
CA THR A 1180 -27.27 -14.37 -1.12
C THR A 1180 -26.94 -13.16 -1.98
N ARG A 1181 -25.70 -13.05 -2.45
CA ARG A 1181 -25.32 -11.88 -3.24
C ARG A 1181 -25.96 -11.79 -4.65
N LEU A 1182 -26.08 -12.90 -5.36
CA LEU A 1182 -26.81 -12.81 -6.64
C LEU A 1182 -28.31 -12.61 -6.41
N ARG A 1183 -28.83 -12.92 -5.21
CA ARG A 1183 -30.13 -12.37 -4.78
C ARG A 1183 -29.99 -10.89 -4.40
N ASP A 1184 -28.83 -10.47 -3.91
CA ASP A 1184 -28.59 -9.04 -3.69
C ASP A 1184 -28.39 -8.33 -5.02
N ALA A 1185 -28.26 -9.08 -6.11
CA ALA A 1185 -28.46 -8.48 -7.44
C ALA A 1185 -29.94 -8.27 -7.81
N ILE A 1186 -30.63 -9.32 -8.26
CA ILE A 1186 -32.07 -9.24 -8.58
C ILE A 1186 -32.39 -7.98 -9.43
N SER A 1187 -33.07 -7.00 -8.82
CA SER A 1187 -33.67 -5.87 -9.53
C SER A 1187 -32.68 -5.16 -10.43
N TRP A 1188 -31.43 -5.20 -10.03
CA TRP A 1188 -30.37 -4.42 -10.67
C TRP A 1188 -30.45 -4.57 -12.20
N PHE A 1189 -30.08 -5.74 -12.70
CA PHE A 1189 -30.29 -6.13 -14.09
C PHE A 1189 -31.42 -7.13 -14.37
N VAL A 1190 -32.28 -7.45 -13.41
CA VAL A 1190 -33.40 -8.38 -13.73
C VAL A 1190 -34.79 -7.83 -13.40
N GLU A 1191 -35.00 -7.48 -12.13
CA GLU A 1191 -36.30 -7.11 -11.56
C GLU A 1191 -37.14 -8.32 -11.23
N PRO A 1192 -37.93 -8.23 -10.14
CA PRO A 1192 -38.79 -9.32 -9.69
C PRO A 1192 -39.96 -9.51 -10.62
N ASP A 1193 -40.26 -8.45 -11.37
CA ASP A 1193 -41.31 -8.48 -12.39
C ASP A 1193 -41.03 -9.62 -13.35
N SER A 1194 -39.76 -9.75 -13.72
CA SER A 1194 -39.29 -10.85 -14.55
C SER A 1194 -39.69 -12.18 -13.95
N LYS A 1195 -39.41 -12.31 -12.65
CA LYS A 1195 -39.98 -13.35 -11.80
C LYS A 1195 -39.50 -14.77 -12.14
N LEU A 1196 -38.90 -14.96 -13.32
CA LEU A 1196 -38.54 -16.30 -13.76
C LEU A 1196 -37.13 -16.63 -13.32
N ALA A 1197 -36.16 -15.97 -13.95
CA ALA A 1197 -34.79 -16.03 -13.48
C ALA A 1197 -34.79 -15.74 -11.97
N MET A 1198 -35.73 -14.91 -11.54
CA MET A 1198 -35.83 -14.48 -10.15
C MET A 1198 -36.37 -15.54 -9.18
N THR A 1199 -37.52 -16.13 -9.52
CA THR A 1199 -38.06 -17.19 -8.69
C THR A 1199 -36.95 -18.25 -8.63
N ILE A 1200 -36.24 -18.41 -9.74
CA ILE A 1200 -35.09 -19.31 -9.78
C ILE A 1200 -33.97 -18.91 -8.78
N LEU A 1201 -33.52 -17.67 -8.85
CA LEU A 1201 -32.51 -17.12 -7.92
C LEU A 1201 -32.84 -17.32 -6.44
N SER A 1202 -34.02 -16.86 -6.08
CA SER A 1202 -34.52 -17.04 -4.74
C SER A 1202 -34.57 -18.54 -4.43
N ASN A 1203 -35.00 -19.35 -5.40
CA ASN A 1203 -35.06 -20.79 -5.19
C ASN A 1203 -33.70 -21.45 -4.97
N ILE A 1204 -32.67 -20.95 -5.66
CA ILE A 1204 -31.31 -21.35 -5.37
C ILE A 1204 -31.03 -21.03 -3.90
N HIS A 1205 -31.29 -19.78 -3.52
CA HIS A 1205 -31.15 -19.42 -2.11
C HIS A 1205 -32.02 -20.31 -1.23
N SER A 1206 -33.13 -20.83 -1.77
CA SER A 1206 -33.99 -21.78 -1.04
C SER A 1206 -33.52 -23.21 -1.00
N LEU A 1207 -32.70 -23.60 -1.97
CA LEU A 1207 -32.14 -24.93 -1.95
C LEU A 1207 -30.92 -25.00 -1.04
N THR A 1208 -30.07 -23.98 -1.16
CA THR A 1208 -28.91 -23.84 -0.29
C THR A 1208 -29.40 -23.75 1.16
N GLY A 1209 -30.25 -22.76 1.41
CA GLY A 1209 -30.97 -22.60 2.66
C GLY A 1209 -32.37 -23.21 2.53
N GLU A 1210 -33.34 -22.54 3.14
CA GLU A 1210 -34.77 -22.80 2.90
C GLU A 1210 -35.37 -21.52 2.33
N GLU A 1211 -36.69 -21.46 2.12
CA GLU A 1211 -37.25 -20.27 1.48
C GLU A 1211 -37.47 -19.23 2.57
N TRP A 1212 -36.53 -18.29 2.64
CA TRP A 1212 -36.58 -17.18 3.59
C TRP A 1212 -37.02 -15.88 2.92
N THR A 1213 -37.41 -16.00 1.65
CA THR A 1213 -37.73 -14.86 0.81
C THR A 1213 -39.00 -14.10 1.22
N LYS A 1214 -38.81 -12.81 1.47
CA LYS A 1214 -39.87 -11.83 1.72
C LYS A 1214 -40.15 -11.01 0.45
N ARG A 1215 -39.63 -11.51 -0.67
CA ARG A 1215 -39.37 -10.80 -1.93
C ARG A 1215 -38.47 -9.57 -1.75
N GLN A 1216 -38.51 -8.67 -2.75
CA GLN A 1216 -37.81 -7.39 -2.75
C GLN A 1216 -38.54 -6.48 -3.75
N HIS A 1217 -38.70 -5.19 -3.46
CA HIS A 1217 -39.26 -4.25 -4.43
C HIS A 1217 -38.81 -2.79 -4.15
N GLY A 1218 -38.65 -1.99 -5.21
CA GLY A 1218 -38.23 -0.61 -5.09
C GLY A 1218 -36.72 -0.45 -5.03
N PHE A 1219 -36.02 -1.48 -5.50
CA PHE A 1219 -34.57 -1.60 -5.37
C PHE A 1219 -33.80 -1.13 -6.62
N LYS A 1220 -34.49 -0.40 -7.49
CA LYS A 1220 -33.97 -0.03 -8.81
C LYS A 1220 -32.53 0.50 -8.80
N ARG A 1221 -31.72 -0.06 -9.70
CA ARG A 1221 -30.28 0.24 -9.75
C ARG A 1221 -29.81 0.66 -11.15
N THR A 1222 -29.22 1.85 -11.22
CA THR A 1222 -28.81 2.48 -12.48
C THR A 1222 -27.34 2.21 -12.86
N GLY A 1223 -26.65 1.40 -12.05
CA GLY A 1223 -25.21 1.22 -12.18
C GLY A 1223 -24.75 0.53 -13.46
N SER A 1224 -23.45 0.65 -13.74
CA SER A 1224 -22.84 0.05 -14.94
C SER A 1224 -22.63 -1.45 -14.75
N ALA A 1225 -22.90 -2.22 -15.81
CA ALA A 1225 -23.02 -3.67 -15.68
C ALA A 1225 -21.78 -4.47 -16.04
N LEU A 1226 -20.71 -3.78 -16.41
CA LEU A 1226 -19.55 -4.46 -16.96
C LEU A 1226 -18.50 -4.73 -15.89
N HIS A 1227 -17.95 -3.67 -15.32
CA HIS A 1227 -16.92 -3.80 -14.30
C HIS A 1227 -17.52 -4.23 -12.97
N ARG A 1228 -18.69 -3.67 -12.65
CA ARG A 1228 -19.18 -3.72 -11.28
C ARG A 1228 -19.79 -5.06 -10.88
N PHE A 1229 -20.47 -5.73 -11.80
CA PHE A 1229 -21.24 -6.90 -11.36
C PHE A 1229 -20.36 -8.10 -11.09
N SER A 1230 -20.45 -8.54 -9.85
CA SER A 1230 -19.70 -9.67 -9.35
C SER A 1230 -20.32 -10.09 -8.04
N THR A 1231 -19.79 -11.16 -7.45
CA THR A 1231 -20.24 -11.59 -6.14
C THR A 1231 -19.16 -11.34 -5.10
N SER A 1232 -19.18 -10.17 -4.47
CA SER A 1232 -18.25 -9.82 -3.38
C SER A 1232 -16.75 -9.97 -3.74
N ARG A 1233 -16.47 -10.57 -4.91
CA ARG A 1233 -15.12 -10.92 -5.35
C ARG A 1233 -14.52 -9.66 -5.95
N MET A 1234 -13.46 -9.81 -6.71
CA MET A 1234 -12.89 -8.67 -7.39
C MET A 1234 -13.88 -8.18 -8.47
N SER A 1235 -14.37 -6.95 -8.30
CA SER A 1235 -15.15 -6.23 -9.30
C SER A 1235 -14.27 -5.20 -10.02
N HIS A 1236 -12.97 -5.29 -9.76
CA HIS A 1236 -12.07 -4.14 -9.85
C HIS A 1236 -11.92 -3.63 -11.27
N GLY A 1237 -11.19 -2.52 -11.39
CA GLY A 1237 -10.85 -1.94 -12.67
C GLY A 1237 -9.40 -2.11 -13.06
N GLY A 1238 -8.57 -2.42 -12.07
CA GLY A 1238 -7.16 -2.71 -12.31
C GLY A 1238 -6.31 -2.28 -11.15
N PHE A 1239 -5.02 -2.61 -11.21
CA PHE A 1239 -4.06 -2.12 -10.23
C PHE A 1239 -2.89 -1.53 -10.98
N ALA A 1240 -2.13 -0.67 -10.31
CA ALA A 1240 -0.93 -0.13 -10.92
C ALA A 1240 0.11 -1.23 -10.99
N SER A 1241 0.61 -1.48 -12.19
CA SER A 1241 1.80 -2.30 -12.33
C SER A 1241 2.93 -1.31 -12.54
N GLN A 1242 3.62 -1.02 -11.46
CA GLN A 1242 4.64 -0.01 -11.47
C GLN A 1242 5.18 0.09 -10.05
N SER A 1243 6.36 0.67 -9.91
CA SER A 1243 6.86 0.98 -8.59
C SER A 1243 6.06 2.13 -8.04
N THR A 1244 6.00 2.21 -6.72
CA THR A 1244 5.39 3.36 -6.08
C THR A 1244 6.17 4.62 -6.48
N ALA A 1245 7.43 4.45 -6.87
CA ALA A 1245 8.33 5.57 -7.18
C ALA A 1245 7.75 6.69 -8.07
N ALA A 1246 7.56 6.37 -9.35
CA ALA A 1246 7.03 7.37 -10.26
C ALA A 1246 5.65 7.84 -9.81
N LEU A 1247 4.85 6.90 -9.33
CA LEU A 1247 3.51 7.23 -8.86
C LEU A 1247 3.55 8.17 -7.66
N THR A 1248 4.68 8.23 -6.97
CA THR A 1248 4.89 9.25 -5.96
C THR A 1248 5.37 10.55 -6.58
N ARG A 1249 6.16 10.51 -7.65
CA ARG A 1249 6.50 11.77 -8.34
C ARG A 1249 5.37 12.38 -9.20
N LEU A 1250 4.34 11.59 -9.52
CA LEU A 1250 3.21 12.10 -10.31
C LEU A 1250 1.95 12.54 -9.59
N MET A 1251 1.07 13.17 -10.36
CA MET A 1251 -0.28 13.51 -9.93
C MET A 1251 -1.20 13.17 -11.07
N ALA A 1252 -2.05 12.18 -10.88
CA ALA A 1252 -3.07 11.87 -11.88
C ALA A 1252 -4.28 12.75 -11.64
N THR A 1253 -4.89 13.25 -12.70
CA THR A 1253 -6.08 14.07 -12.54
C THR A 1253 -7.20 13.74 -13.51
N THR A 1254 -8.33 13.57 -12.81
CA THR A 1254 -9.61 12.98 -13.21
C THR A 1254 -10.63 14.10 -13.36
N ASP A 1255 -10.78 14.86 -12.28
CA ASP A 1255 -11.83 15.87 -12.15
C ASP A 1255 -11.92 16.72 -13.39
N THR A 1256 -10.83 16.82 -14.14
CA THR A 1256 -10.91 17.42 -15.46
C THR A 1256 -11.98 16.72 -16.29
N MET A 1257 -12.07 15.39 -16.21
CA MET A 1257 -13.16 14.72 -16.91
C MET A 1257 -14.36 14.64 -16.01
N ARG A 1258 -15.28 15.59 -16.17
CA ARG A 1258 -16.65 15.45 -15.68
C ARG A 1258 -17.63 15.35 -16.84
N ASP A 1259 -17.13 15.58 -18.06
CA ASP A 1259 -17.99 15.83 -19.21
C ASP A 1259 -18.40 14.53 -19.91
N LEU A 1260 -17.74 13.44 -19.52
CA LEU A 1260 -18.06 12.11 -20.02
C LEU A 1260 -19.13 11.48 -19.14
N GLY A 1261 -19.71 12.29 -18.25
CA GLY A 1261 -20.80 11.85 -17.41
C GLY A 1261 -21.82 11.13 -18.26
N ASP A 1262 -22.30 11.80 -19.32
CA ASP A 1262 -23.03 11.14 -20.42
C ASP A 1262 -24.02 10.14 -19.83
N GLN A 1263 -23.86 8.87 -20.18
CA GLN A 1263 -24.67 7.78 -19.64
C GLN A 1263 -23.97 7.05 -18.50
N ASN A 1264 -22.81 7.57 -18.11
CA ASN A 1264 -21.97 6.85 -17.16
C ASN A 1264 -21.65 5.49 -17.78
N PHE A 1265 -20.81 5.52 -18.80
CA PHE A 1265 -20.61 4.40 -19.69
C PHE A 1265 -19.20 3.80 -19.60
N ASP A 1266 -18.87 2.91 -20.53
CA ASP A 1266 -17.87 1.84 -20.36
C ASP A 1266 -16.61 2.15 -19.57
N PHE A 1267 -15.75 3.00 -20.15
CA PHE A 1267 -14.32 2.99 -19.82
C PHE A 1267 -14.04 3.08 -18.31
N LEU A 1268 -13.01 2.36 -17.89
CA LEU A 1268 -12.66 2.28 -16.48
C LEU A 1268 -11.77 3.44 -16.07
N PHE A 1269 -12.28 4.26 -15.15
CA PHE A 1269 -11.52 5.41 -14.68
C PHE A 1269 -10.25 4.93 -14.00
N GLN A 1270 -10.38 3.80 -13.31
CA GLN A 1270 -9.25 3.14 -12.68
C GLN A 1270 -8.15 2.91 -13.71
N ALA A 1271 -8.46 2.03 -14.66
CA ALA A 1271 -7.49 1.63 -15.67
C ALA A 1271 -6.94 2.87 -16.38
N THR A 1272 -7.81 3.80 -16.73
CA THR A 1272 -7.39 4.99 -17.47
C THR A 1272 -6.33 5.77 -16.70
N LEU A 1273 -6.66 6.13 -15.47
CA LEU A 1273 -5.74 6.82 -14.61
C LEU A 1273 -4.40 6.06 -14.54
N LEU A 1274 -4.47 4.76 -14.24
CA LEU A 1274 -3.26 3.94 -14.13
C LEU A 1274 -2.42 4.04 -15.39
N TYR A 1275 -3.09 3.91 -16.53
CA TYR A 1275 -2.45 3.97 -17.83
C TYR A 1275 -1.75 5.30 -18.08
N ALA A 1276 -2.45 6.40 -17.77
CA ALA A 1276 -1.84 7.71 -17.85
C ALA A 1276 -0.55 7.73 -17.04
N GLN A 1277 -0.63 7.34 -15.77
CA GLN A 1277 0.57 7.24 -14.94
C GLN A 1277 1.75 6.51 -15.59
N ILE A 1278 1.58 5.21 -15.86
CA ILE A 1278 2.67 4.44 -16.47
C ILE A 1278 3.18 5.12 -17.72
N THR A 1279 2.29 5.39 -18.66
CA THR A 1279 2.71 5.90 -19.95
C THR A 1279 3.49 7.20 -19.78
N THR A 1280 3.08 8.03 -18.82
CA THR A 1280 3.78 9.27 -18.53
C THR A 1280 5.18 9.02 -18.05
N THR A 1281 5.31 8.19 -17.02
CA THR A 1281 6.61 7.81 -16.54
C THR A 1281 7.53 7.26 -17.63
N VAL A 1282 7.00 6.32 -18.39
CA VAL A 1282 7.73 5.71 -19.48
C VAL A 1282 8.20 6.74 -20.48
N ALA A 1283 7.27 7.59 -20.92
CA ALA A 1283 7.57 8.52 -22.01
C ALA A 1283 8.34 9.75 -21.54
N ARG A 1284 8.32 10.07 -20.25
CA ARG A 1284 9.25 11.05 -19.70
C ARG A 1284 10.64 10.48 -19.41
N ASP A 1285 10.70 9.37 -18.65
CA ASP A 1285 11.88 8.50 -18.48
C ASP A 1285 13.10 9.18 -17.86
N GLY A 1286 13.20 10.48 -18.06
CA GLY A 1286 13.81 11.40 -17.11
C GLY A 1286 13.55 12.78 -17.66
N TRP A 1287 13.18 13.70 -16.80
CA TRP A 1287 12.96 15.06 -17.20
C TRP A 1287 13.06 15.90 -15.93
N ILE A 1288 13.95 16.89 -15.87
CA ILE A 1288 14.12 17.62 -14.62
C ILE A 1288 13.41 18.96 -14.56
N THR A 1289 12.81 19.33 -15.68
CA THR A 1289 12.21 20.64 -15.88
C THR A 1289 10.75 20.63 -15.43
N SER A 1290 10.40 19.58 -14.69
CA SER A 1290 9.03 19.14 -14.42
C SER A 1290 8.28 18.84 -15.70
N CYS A 1291 6.96 18.80 -15.62
CA CYS A 1291 6.15 18.60 -16.82
C CYS A 1291 4.65 18.48 -16.53
N THR A 1292 3.86 18.65 -17.59
CA THR A 1292 2.42 18.35 -17.57
C THR A 1292 2.03 17.55 -18.82
N ASP A 1293 1.16 16.57 -18.66
CA ASP A 1293 0.78 15.70 -19.78
C ASP A 1293 -0.73 15.52 -19.94
N HIS A 1294 -1.14 15.56 -21.20
CA HIS A 1294 -2.53 15.41 -21.61
C HIS A 1294 -2.82 14.06 -22.25
N TYR A 1295 -3.98 13.50 -21.90
CA TYR A 1295 -4.49 12.35 -22.62
C TYR A 1295 -5.90 12.67 -23.07
N HIS A 1296 -6.09 12.79 -24.38
CA HIS A 1296 -7.41 13.07 -24.94
C HIS A 1296 -7.88 11.87 -25.72
N ILE A 1297 -9.14 11.47 -25.50
CA ILE A 1297 -9.66 10.26 -26.12
C ILE A 1297 -9.53 10.33 -27.64
N ALA A 1298 -8.78 9.38 -28.19
CA ALA A 1298 -8.61 9.29 -29.63
C ALA A 1298 -9.81 8.57 -30.25
N CYS A 1299 -10.33 7.56 -29.55
CA CYS A 1299 -11.43 6.76 -30.09
C CYS A 1299 -12.78 7.05 -29.46
N LYS A 1300 -13.54 7.89 -30.15
CA LYS A 1300 -14.82 8.34 -29.66
C LYS A 1300 -15.86 7.32 -30.06
N SER A 1301 -15.52 6.51 -31.06
CA SER A 1301 -16.41 5.48 -31.56
C SER A 1301 -16.52 4.34 -30.55
N CYS A 1302 -15.38 3.80 -30.16
CA CYS A 1302 -15.35 2.67 -29.24
C CYS A 1302 -15.16 3.16 -27.80
N LEU A 1303 -15.14 4.47 -27.62
CA LEU A 1303 -15.52 5.05 -26.33
C LEU A 1303 -16.86 4.48 -25.81
N ARG A 1304 -17.73 4.05 -26.72
CA ARG A 1304 -18.84 3.13 -26.39
C ARG A 1304 -19.80 3.52 -25.27
N PRO A 1305 -20.81 4.36 -25.56
CA PRO A 1305 -21.87 4.53 -24.55
C PRO A 1305 -22.57 3.22 -24.20
N ILE A 1306 -22.96 3.06 -22.94
CA ILE A 1306 -23.61 1.83 -22.47
C ILE A 1306 -25.12 1.86 -22.70
N GLU A 1307 -25.78 0.89 -22.09
CA GLU A 1307 -27.20 0.92 -21.82
C GLU A 1307 -27.38 0.20 -20.48
N GLU A 1308 -28.64 -0.05 -20.09
CA GLU A 1308 -28.92 -1.03 -19.04
C GLU A 1308 -29.97 -1.98 -19.57
N ILE A 1309 -29.54 -3.21 -19.84
CA ILE A 1309 -30.46 -4.24 -20.28
C ILE A 1309 -30.74 -5.07 -19.06
N THR A 1310 -32.01 -5.39 -18.88
CA THR A 1310 -32.40 -6.29 -17.81
C THR A 1310 -32.85 -7.61 -18.43
N LEU A 1311 -32.02 -8.64 -18.28
CA LEU A 1311 -32.31 -9.94 -18.86
C LEU A 1311 -33.47 -10.59 -18.14
N ASP A 1312 -34.15 -11.52 -18.81
CA ASP A 1312 -34.92 -12.55 -18.11
C ASP A 1312 -34.76 -13.93 -18.74
N SER A 1313 -35.33 -14.04 -19.94
CA SER A 1313 -35.59 -15.28 -20.64
C SER A 1313 -36.28 -16.30 -19.72
N SER A 1314 -36.12 -17.58 -20.06
CA SER A 1314 -36.30 -18.73 -19.15
C SER A 1314 -36.31 -19.99 -20.01
N MET A 1315 -35.90 -21.11 -19.43
CA MET A 1315 -36.25 -22.44 -19.93
C MET A 1315 -37.30 -23.10 -19.03
N ASP A 1316 -37.78 -22.35 -18.03
CA ASP A 1316 -38.55 -22.90 -16.93
C ASP A 1316 -37.73 -23.90 -16.10
N TYR A 1317 -36.73 -23.37 -15.38
CA TYR A 1317 -35.84 -24.19 -14.55
C TYR A 1317 -36.17 -23.98 -13.08
N THR A 1318 -35.93 -25.03 -12.30
CA THR A 1318 -36.03 -24.95 -10.84
C THR A 1318 -34.82 -25.65 -10.22
N PRO A 1319 -34.23 -25.06 -9.16
CA PRO A 1319 -33.14 -25.80 -8.51
C PRO A 1319 -33.62 -27.14 -7.91
N PRO A 1320 -33.06 -28.27 -8.36
CA PRO A 1320 -33.49 -29.59 -7.88
C PRO A 1320 -32.59 -30.15 -6.79
N ASP A 1321 -32.92 -31.34 -6.28
CA ASP A 1321 -32.06 -32.06 -5.33
C ASP A 1321 -31.83 -31.24 -4.05
N VAL A 1322 -32.86 -31.16 -3.21
CA VAL A 1322 -32.78 -30.37 -1.97
C VAL A 1322 -31.56 -30.78 -1.14
N SER A 1323 -30.75 -29.79 -0.81
CA SER A 1323 -29.45 -30.03 -0.19
C SER A 1323 -29.48 -29.88 1.33
N HIS A 1324 -30.67 -29.70 1.91
CA HIS A 1324 -30.76 -29.47 3.35
C HIS A 1324 -30.01 -30.56 4.17
N VAL A 1325 -29.89 -31.76 3.61
CA VAL A 1325 -29.01 -32.79 4.18
C VAL A 1325 -27.60 -32.22 4.31
N LEU A 1326 -27.09 -31.76 3.17
CA LEU A 1326 -25.80 -31.11 3.12
C LEU A 1326 -25.76 -29.91 4.07
N LYS A 1327 -26.79 -29.06 4.03
CA LYS A 1327 -26.84 -27.88 4.89
C LYS A 1327 -26.73 -28.29 6.35
N THR A 1328 -27.29 -29.46 6.67
CA THR A 1328 -27.12 -30.01 8.01
C THR A 1328 -25.67 -30.37 8.26
N TRP A 1329 -25.08 -31.18 7.38
CA TRP A 1329 -23.71 -31.65 7.63
C TRP A 1329 -22.63 -30.55 7.41
N ARG A 1330 -22.96 -29.49 6.69
CA ARG A 1330 -21.94 -28.54 6.28
C ARG A 1330 -21.49 -27.55 7.36
N ASN A 1331 -22.46 -26.93 8.05
CA ASN A 1331 -22.21 -25.60 8.62
C ASN A 1331 -21.82 -25.53 10.09
N GLY A 1332 -22.79 -25.79 10.98
CA GLY A 1332 -22.69 -25.30 12.35
C GLY A 1332 -23.42 -23.98 12.50
N GLU A 1333 -24.44 -23.78 11.65
CA GLU A 1333 -25.37 -22.64 11.72
C GLU A 1333 -24.70 -21.27 11.60
N GLY A 1334 -24.27 -20.94 10.39
CA GLY A 1334 -23.76 -19.62 10.07
C GLY A 1334 -24.78 -18.82 9.29
N GLN A 1358 -33.63 16.10 -4.68
CA GLN A 1358 -33.40 17.48 -4.28
C GLN A 1358 -32.06 17.58 -3.57
N SER A 1359 -31.32 16.47 -3.58
CA SER A 1359 -29.96 16.46 -3.08
C SER A 1359 -29.86 16.51 -1.54
N TYR A 1360 -30.91 16.97 -0.88
CA TYR A 1360 -30.95 16.95 0.58
C TYR A 1360 -30.96 15.50 0.96
N GLN A 1361 -31.41 14.69 0.03
CA GLN A 1361 -31.54 13.27 0.26
C GLN A 1361 -30.16 12.63 0.14
N VAL A 1362 -29.40 13.01 -0.88
CA VAL A 1362 -28.01 12.58 -0.99
C VAL A 1362 -27.27 12.99 0.29
N GLY A 1363 -27.47 14.23 0.70
CA GLY A 1363 -26.86 14.72 1.92
C GLY A 1363 -27.19 13.83 3.12
N ARG A 1364 -28.47 13.66 3.43
CA ARG A 1364 -28.83 12.84 4.58
C ARG A 1364 -28.28 11.45 4.46
N CYS A 1365 -28.34 10.92 3.24
CA CYS A 1365 -27.83 9.59 2.96
C CYS A 1365 -26.34 9.43 3.29
N ILE A 1366 -25.51 10.15 2.55
CA ILE A 1366 -24.06 10.03 2.73
C ILE A 1366 -23.65 10.54 4.12
N GLY A 1367 -24.37 11.53 4.66
CA GLY A 1367 -24.04 12.15 5.93
C GLY A 1367 -24.35 11.31 7.15
N PHE A 1368 -25.50 10.63 7.13
CA PHE A 1368 -25.82 9.67 8.15
C PHE A 1368 -24.93 8.45 7.99
N LEU A 1369 -24.83 7.95 6.75
CA LEU A 1369 -23.97 6.80 6.46
C LEU A 1369 -22.54 7.04 6.96
N TYR A 1370 -22.02 8.23 6.70
CA TYR A 1370 -20.69 8.60 7.19
C TYR A 1370 -20.67 8.78 8.70
N GLY A 1371 -21.72 9.35 9.29
CA GLY A 1371 -21.76 9.41 10.74
C GLY A 1371 -21.62 8.03 11.36
N ASP A 1372 -22.50 7.13 10.97
CA ASP A 1372 -22.55 5.78 11.54
C ASP A 1372 -21.25 5.02 11.22
N LEU A 1373 -20.87 5.02 9.95
CA LEU A 1373 -19.63 4.35 9.55
C LEU A 1373 -18.40 4.94 10.24
N ALA A 1374 -18.39 6.26 10.46
CA ALA A 1374 -17.26 6.91 11.14
C ALA A 1374 -17.20 6.50 12.60
N TYR A 1375 -18.38 6.28 13.20
CA TYR A 1375 -18.40 5.69 14.53
C TYR A 1375 -18.01 4.21 14.61
N ARG A 1376 -18.37 3.41 13.60
CA ARG A 1376 -17.88 2.02 13.54
C ARG A 1376 -16.38 1.92 13.29
N LYS A 1377 -15.81 2.95 12.66
CA LYS A 1377 -14.37 3.01 12.38
C LYS A 1377 -13.85 1.92 11.42
N SER A 1378 -14.23 1.99 10.13
CA SER A 1378 -13.60 1.13 9.11
C SER A 1378 -13.21 1.83 7.78
N THR A 1379 -14.21 2.11 6.93
CA THR A 1379 -13.98 2.50 5.52
C THR A 1379 -14.45 3.93 5.19
N HIS A 1380 -13.50 4.83 4.99
CA HIS A 1380 -13.83 6.22 4.65
C HIS A 1380 -13.84 6.47 3.13
N ALA A 1381 -13.70 5.41 2.33
CA ALA A 1381 -13.04 5.53 1.01
C ALA A 1381 -13.58 6.54 -0.02
N GLU A 1382 -14.53 6.14 -0.87
CA GLU A 1382 -15.21 7.08 -1.78
C GLU A 1382 -16.75 7.20 -1.62
N ASP A 1383 -17.29 6.60 -0.58
CA ASP A 1383 -18.71 6.77 -0.27
C ASP A 1383 -19.09 8.25 -0.19
N SER A 1384 -18.12 9.11 0.13
CA SER A 1384 -18.26 10.52 -0.21
C SER A 1384 -17.60 10.64 -1.58
N SER A 1385 -18.42 10.73 -2.61
CA SER A 1385 -17.96 10.56 -3.97
C SER A 1385 -17.74 11.92 -4.60
N LEU A 1386 -17.52 11.98 -5.91
CA LEU A 1386 -17.40 13.27 -6.59
C LEU A 1386 -18.58 13.63 -7.50
N PHE A 1387 -19.49 14.48 -7.00
CA PHE A 1387 -20.38 15.22 -7.89
C PHE A 1387 -21.32 14.20 -8.54
N PRO A 1388 -22.21 14.61 -9.47
CA PRO A 1388 -23.31 13.69 -9.80
C PRO A 1388 -22.89 12.25 -10.11
N LEU A 1389 -23.56 11.31 -9.45
CA LEU A 1389 -23.18 9.91 -9.41
C LEU A 1389 -24.11 9.08 -10.31
N SER A 1390 -23.97 7.76 -10.25
CA SER A 1390 -24.92 6.83 -10.85
C SER A 1390 -26.25 6.83 -10.09
N ILE A 1391 -26.28 7.57 -8.99
CA ILE A 1391 -27.50 7.85 -8.24
C ILE A 1391 -28.17 9.11 -8.85
N GLN A 1392 -27.56 9.62 -9.90
CA GLN A 1392 -27.86 10.90 -10.54
C GLN A 1392 -27.83 12.10 -9.59
N GLY A 1393 -28.52 13.16 -9.99
CA GLY A 1393 -28.66 14.37 -9.22
C GLY A 1393 -28.62 15.50 -10.24
N ARG A 1394 -28.84 16.74 -9.82
CA ARG A 1394 -28.24 17.89 -10.49
C ARG A 1394 -27.75 18.95 -9.51
N ILE A 1395 -28.70 19.66 -8.89
CA ILE A 1395 -28.36 20.64 -7.86
C ILE A 1395 -27.64 19.92 -6.75
N ARG A 1396 -26.47 20.41 -6.39
CA ARG A 1396 -25.88 20.03 -5.13
C ARG A 1396 -25.46 21.35 -4.47
N GLY A 1397 -26.29 21.77 -3.52
CA GLY A 1397 -26.13 23.03 -2.81
C GLY A 1397 -25.95 23.01 -1.30
N ARG A 1398 -26.46 24.11 -0.76
CA ARG A 1398 -26.95 24.16 0.61
C ARG A 1398 -27.98 23.05 0.83
N GLY A 1399 -28.60 22.56 -0.22
CA GLY A 1399 -29.45 21.38 -0.10
C GLY A 1399 -28.61 20.22 0.41
N PHE A 1400 -27.58 19.89 -0.37
CA PHE A 1400 -26.64 18.84 0.00
C PHE A 1400 -26.09 19.07 1.39
N LEU A 1401 -25.60 20.28 1.66
CA LEU A 1401 -25.01 20.52 2.98
C LEU A 1401 -26.02 20.45 4.12
N LYS A 1402 -27.17 21.10 3.98
CA LYS A 1402 -28.15 21.08 5.06
C LYS A 1402 -28.53 19.64 5.35
N GLY A 1403 -28.74 18.89 4.28
CA GLY A 1403 -29.04 17.47 4.42
C GLY A 1403 -27.91 16.72 5.10
N LEU A 1404 -26.68 17.02 4.70
CA LEU A 1404 -25.52 16.41 5.30
C LEU A 1404 -25.59 16.60 6.80
N LEU A 1405 -25.79 17.84 7.21
CA LEU A 1405 -25.89 18.17 8.63
C LEU A 1405 -27.00 17.35 9.28
N ASP A 1406 -28.12 17.25 8.58
CA ASP A 1406 -29.24 16.43 9.05
C ASP A 1406 -28.84 14.97 9.30
N GLY A 1407 -28.55 14.23 8.23
CA GLY A 1407 -28.29 12.80 8.33
C GLY A 1407 -27.18 12.54 9.34
N LEU A 1408 -26.15 13.37 9.26
CA LEU A 1408 -25.02 13.31 10.18
C LEU A 1408 -25.46 13.46 11.65
N MET A 1409 -26.15 14.57 11.93
CA MET A 1409 -26.75 14.82 13.24
C MET A 1409 -27.54 13.61 13.74
N ARG A 1410 -28.33 13.01 12.87
CA ARG A 1410 -29.04 11.79 13.22
C ARG A 1410 -28.08 10.66 13.62
N ALA A 1411 -27.07 10.45 12.79
CA ALA A 1411 -26.07 9.43 13.06
C ALA A 1411 -25.46 9.64 14.45
N SER A 1412 -25.18 10.90 14.78
CA SER A 1412 -24.69 11.21 16.12
C SER A 1412 -25.75 11.03 17.20
N CYS A 1413 -27.01 11.26 16.84
CA CYS A 1413 -28.11 10.94 17.74
C CYS A 1413 -27.98 9.48 18.18
N CYS A 1414 -27.99 8.57 17.19
CA CYS A 1414 -27.86 7.12 17.47
C CYS A 1414 -26.57 6.75 18.25
N GLN A 1415 -25.43 7.18 17.74
CA GLN A 1415 -24.20 6.91 18.48
C GLN A 1415 -24.21 7.52 19.87
N VAL A 1416 -24.97 8.60 20.09
CA VAL A 1416 -25.06 9.20 21.43
C VAL A 1416 -26.06 8.51 22.36
N ILE A 1417 -27.11 7.87 21.83
CA ILE A 1417 -27.87 6.98 22.72
C ILE A 1417 -27.00 5.84 23.17
N HIS A 1418 -26.21 5.25 22.28
CA HIS A 1418 -25.30 4.21 22.78
C HIS A 1418 -24.15 4.79 23.63
N ARG A 1419 -23.46 5.81 23.13
CA ARG A 1419 -22.26 6.41 23.76
C ARG A 1419 -22.40 6.78 25.25
N ARG A 1420 -23.64 7.03 25.68
CA ARG A 1420 -23.88 7.54 27.02
C ARG A 1420 -24.70 6.60 27.90
N SER A 1421 -24.51 6.74 29.21
CA SER A 1421 -25.33 6.07 30.21
C SER A 1421 -26.74 6.65 30.19
N LEU A 1422 -27.72 5.77 30.13
CA LEU A 1422 -29.10 6.20 29.99
C LEU A 1422 -29.55 7.08 31.15
N ALA A 1423 -29.28 6.62 32.38
CA ALA A 1423 -29.76 7.29 33.59
C ALA A 1423 -29.16 8.67 33.82
N HIS A 1424 -28.17 9.03 33.00
CA HIS A 1424 -27.69 10.41 32.95
C HIS A 1424 -28.20 11.04 31.68
N LEU A 1425 -29.24 11.86 31.83
CA LEU A 1425 -29.87 12.52 30.71
C LEU A 1425 -29.58 14.01 30.58
N LYS A 1426 -28.77 14.58 31.49
CA LYS A 1426 -28.72 16.03 31.61
C LYS A 1426 -28.43 16.67 30.26
N ARG A 1427 -29.34 17.51 29.80
CA ARG A 1427 -29.20 18.22 28.52
C ARG A 1427 -28.76 17.32 27.35
N PRO A 1428 -29.68 16.46 26.86
CA PRO A 1428 -29.37 15.60 25.70
C PRO A 1428 -28.91 16.40 24.50
N ALA A 1429 -29.37 17.65 24.42
CA ALA A 1429 -28.89 18.59 23.42
C ALA A 1429 -27.37 18.59 23.43
N ASN A 1430 -26.79 18.75 24.62
CA ASN A 1430 -25.33 18.78 24.74
C ASN A 1430 -24.70 17.47 24.30
N ALA A 1431 -25.38 16.35 24.57
CA ALA A 1431 -24.89 15.04 24.14
C ALA A 1431 -24.79 14.95 22.62
N VAL A 1432 -25.94 15.11 21.97
CA VAL A 1432 -26.00 14.94 20.52
C VAL A 1432 -25.16 16.00 19.83
N TYR A 1433 -25.31 17.25 20.27
CA TYR A 1433 -24.49 18.35 19.77
C TYR A 1433 -23.02 17.99 19.86
N GLY A 1434 -22.57 17.57 21.05
CA GLY A 1434 -21.20 17.14 21.24
C GLY A 1434 -20.75 16.08 20.25
N GLY A 1435 -21.51 14.99 20.16
CA GLY A 1435 -21.21 13.93 19.20
C GLY A 1435 -21.02 14.45 17.77
N LEU A 1436 -21.97 15.25 17.30
CA LEU A 1436 -21.88 15.82 15.96
C LEU A 1436 -20.67 16.73 15.80
N ILE A 1437 -20.39 17.52 16.82
CA ILE A 1437 -19.17 18.32 16.81
C ILE A 1437 -17.99 17.40 16.52
N TYR A 1438 -17.89 16.32 17.30
CA TYR A 1438 -16.78 15.37 17.12
C TYR A 1438 -16.74 14.86 15.68
N LEU A 1439 -17.88 14.42 15.18
CA LEU A 1439 -18.00 14.00 13.79
C LEU A 1439 -17.49 15.04 12.78
N ILE A 1440 -17.97 16.27 12.92
CA ILE A 1440 -17.61 17.34 12.02
C ILE A 1440 -16.11 17.55 12.00
N ASP A 1441 -15.51 17.73 13.17
CA ASP A 1441 -14.05 17.83 13.21
C ASP A 1441 -13.43 16.64 12.44
N LYS A 1442 -13.83 15.43 12.84
CA LYS A 1442 -13.36 14.20 12.20
C LYS A 1442 -13.54 14.25 10.66
N LEU A 1443 -14.60 14.89 10.21
CA LEU A 1443 -14.85 15.02 8.77
C LEU A 1443 -13.98 16.09 8.11
N SER A 1444 -13.72 17.17 8.82
CA SER A 1444 -12.88 18.24 8.28
C SER A 1444 -11.43 17.77 8.15
N VAL A 1445 -11.02 16.87 9.03
CA VAL A 1445 -9.74 16.19 8.83
C VAL A 1445 -9.82 15.17 7.69
N SER A 1446 -10.87 14.33 7.69
CA SER A 1446 -11.03 13.30 6.66
C SER A 1446 -11.01 13.83 5.21
N PRO A 1447 -10.03 13.36 4.40
CA PRO A 1447 -9.72 13.95 3.08
C PRO A 1447 -10.69 13.78 1.89
N PRO A 1448 -11.26 12.58 1.66
CA PRO A 1448 -11.98 12.40 0.39
C PRO A 1448 -13.14 13.39 0.22
N PHE A 1449 -13.93 13.50 1.29
CA PHE A 1449 -14.95 14.53 1.39
C PHE A 1449 -14.35 15.93 1.23
N LEU A 1450 -13.14 16.11 1.75
CA LEU A 1450 -12.45 17.40 1.70
C LEU A 1450 -12.04 17.84 0.28
N SER A 1451 -11.54 16.92 -0.54
CA SER A 1451 -11.36 17.24 -1.96
C SER A 1451 -12.71 17.46 -2.63
N LEU A 1452 -13.68 16.62 -2.30
CA LEU A 1452 -15.07 16.81 -2.76
C LEU A 1452 -15.54 18.24 -2.55
N THR A 1453 -15.27 18.80 -1.38
CA THR A 1453 -15.60 20.22 -1.16
C THR A 1453 -14.61 21.23 -1.76
N ARG A 1454 -13.35 20.87 -1.96
CA ARG A 1454 -12.47 21.71 -2.79
C ARG A 1454 -13.12 22.01 -4.14
N SER A 1455 -13.34 20.95 -4.90
CA SER A 1455 -13.87 21.11 -6.26
C SER A 1455 -15.38 21.40 -6.25
N GLY A 1456 -15.87 22.07 -7.28
CA GLY A 1456 -17.29 22.07 -7.56
C GLY A 1456 -18.16 23.14 -6.91
N PRO A 1457 -19.49 23.05 -7.13
CA PRO A 1457 -20.52 24.01 -6.71
C PRO A 1457 -20.80 24.04 -5.20
N ILE A 1458 -20.32 23.02 -4.49
CA ILE A 1458 -20.41 22.96 -3.04
C ILE A 1458 -19.48 23.99 -2.37
N ARG A 1459 -18.35 24.23 -3.04
CA ARG A 1459 -17.42 25.28 -2.64
C ARG A 1459 -18.18 26.58 -2.43
N ASP A 1460 -19.08 26.88 -3.36
CA ASP A 1460 -19.90 28.09 -3.31
C ASP A 1460 -20.68 28.19 -2.00
N GLU A 1461 -21.46 27.15 -1.73
CA GLU A 1461 -22.30 27.11 -0.54
C GLU A 1461 -21.42 27.25 0.69
N LEU A 1462 -20.15 26.84 0.56
CA LEU A 1462 -19.16 27.17 1.58
C LEU A 1462 -18.44 28.50 1.41
N GLU A 1463 -18.55 29.11 0.23
CA GLU A 1463 -17.98 30.44 0.03
C GLU A 1463 -19.00 31.56 0.29
N THR A 1464 -20.27 31.20 0.44
CA THR A 1464 -21.29 32.18 0.82
C THR A 1464 -21.08 32.73 2.23
N ILE A 1465 -20.87 31.82 3.18
CA ILE A 1465 -20.59 32.20 4.55
C ILE A 1465 -19.24 32.89 4.61
N PRO A 1466 -19.15 34.00 5.35
CA PRO A 1466 -17.84 34.66 5.45
C PRO A 1466 -16.85 33.80 6.20
N HIS A 1467 -15.66 33.61 5.68
CA HIS A 1467 -14.63 32.91 6.44
C HIS A 1467 -13.32 33.65 6.53
N LYS A 1468 -12.54 33.52 5.48
CA LYS A 1468 -11.18 34.01 5.39
C LYS A 1468 -10.72 33.34 4.13
N ILE A 1469 -9.72 33.88 3.47
CA ILE A 1469 -9.23 33.22 2.29
C ILE A 1469 -8.25 32.17 2.77
N PRO A 1470 -8.09 31.09 2.00
CA PRO A 1470 -6.92 30.25 2.22
C PRO A 1470 -5.61 31.00 1.91
N THR A 1471 -4.51 30.30 2.03
CA THR A 1471 -3.20 30.85 1.71
C THR A 1471 -2.53 29.87 0.75
N SER A 1472 -2.43 28.62 1.17
CA SER A 1472 -1.88 27.55 0.33
C SER A 1472 -2.49 27.61 -1.06
N TYR A 1473 -1.64 27.61 -2.09
CA TYR A 1473 -2.11 27.85 -3.44
C TYR A 1473 -3.21 26.84 -3.80
N PRO A 1474 -2.87 25.54 -3.80
CA PRO A 1474 -3.86 24.50 -4.02
C PRO A 1474 -4.85 24.32 -2.84
N THR A 1475 -4.63 25.00 -1.72
CA THR A 1475 -5.56 24.94 -0.59
C THR A 1475 -5.58 23.58 0.09
N SER A 1476 -4.61 23.42 0.98
CA SER A 1476 -4.38 22.19 1.74
C SER A 1476 -5.57 21.74 2.58
N ASN A 1477 -5.50 20.48 2.97
CA ASN A 1477 -6.51 19.89 3.82
C ASN A 1477 -6.74 20.77 5.05
N ARG A 1478 -5.71 21.51 5.43
CA ARG A 1478 -5.83 22.44 6.55
C ARG A 1478 -6.85 23.56 6.29
N ASP A 1479 -6.69 24.29 5.20
CA ASP A 1479 -7.57 25.40 4.88
C ASP A 1479 -8.96 24.89 4.50
N MET A 1480 -9.01 23.73 3.88
CA MET A 1480 -10.31 23.14 3.62
C MET A 1480 -11.04 22.76 4.91
N GLY A 1481 -10.35 22.05 5.80
CA GLY A 1481 -10.87 21.76 7.12
C GLY A 1481 -11.37 23.01 7.79
N VAL A 1482 -10.56 24.07 7.76
CA VAL A 1482 -10.99 25.38 8.25
C VAL A 1482 -12.36 25.72 7.67
N ILE A 1483 -12.44 25.95 6.36
CA ILE A 1483 -13.68 26.45 5.75
C ILE A 1483 -14.89 25.58 6.06
N VAL A 1484 -14.71 24.28 5.93
CA VAL A 1484 -15.76 23.33 6.26
C VAL A 1484 -16.22 23.50 7.71
N ARG A 1485 -15.28 23.48 8.65
CA ARG A 1485 -15.63 23.67 10.06
C ARG A 1485 -16.37 24.99 10.22
N ASN A 1486 -15.75 26.07 9.80
CA ASN A 1486 -16.32 27.42 9.86
C ASN A 1486 -17.80 27.46 9.45
N TYR A 1487 -18.08 27.06 8.22
CA TYR A 1487 -19.47 26.99 7.76
C TYR A 1487 -20.37 26.12 8.66
N PHE A 1488 -19.86 24.97 9.03
CA PHE A 1488 -20.61 24.11 9.91
C PHE A 1488 -20.84 24.69 11.28
N LYS A 1489 -19.90 25.47 11.82
CA LYS A 1489 -20.07 26.09 13.16
C LYS A 1489 -21.07 27.22 13.06
N TYR A 1490 -21.08 27.88 11.91
CA TYR A 1490 -22.15 28.82 11.56
C TYR A 1490 -23.54 28.18 11.65
N GLN A 1491 -23.76 27.19 10.79
CA GLN A 1491 -25.04 26.49 10.80
C GLN A 1491 -25.37 25.80 12.15
N CYS A 1492 -24.42 25.02 12.65
CA CYS A 1492 -24.57 24.39 13.96
C CYS A 1492 -24.80 25.39 15.10
N ARG A 1493 -24.24 26.60 15.02
CA ARG A 1493 -24.57 27.66 15.98
C ARG A 1493 -26.06 27.92 15.91
N LEU A 1494 -26.54 28.20 14.70
CA LEU A 1494 -27.97 28.32 14.49
C LEU A 1494 -28.74 27.14 15.10
N ILE A 1495 -28.15 25.93 15.08
CA ILE A 1495 -28.72 24.77 15.82
C ILE A 1495 -28.67 24.82 17.35
N GLU A 1496 -27.52 25.10 17.93
CA GLU A 1496 -27.40 25.12 19.39
C GLU A 1496 -28.37 26.12 20.01
N LYS A 1497 -28.67 27.21 19.30
CA LYS A 1497 -29.69 28.14 19.84
C LYS A 1497 -31.10 27.54 19.79
N GLY A 1498 -31.64 27.40 18.59
CA GLY A 1498 -33.04 27.04 18.41
C GLY A 1498 -33.32 25.57 18.27
N LYS A 1499 -34.31 25.27 17.43
CA LYS A 1499 -34.71 23.91 17.12
C LYS A 1499 -34.18 23.54 15.75
N TYR A 1500 -33.88 22.26 15.59
CA TYR A 1500 -33.40 21.73 14.34
C TYR A 1500 -34.51 21.00 13.58
N ARG A 1501 -34.97 21.63 12.50
CA ARG A 1501 -35.92 20.99 11.60
C ARG A 1501 -35.14 20.35 10.47
N SER A 1502 -35.62 19.17 10.04
CA SER A 1502 -34.98 18.40 8.98
C SER A 1502 -35.58 18.67 7.58
N HIS A 1503 -36.49 19.64 7.51
CA HIS A 1503 -37.29 19.92 6.31
C HIS A 1503 -37.93 18.65 5.77
N TYR A 1504 -38.19 18.61 4.46
CA TYR A 1504 -38.26 17.38 3.66
C TYR A 1504 -38.96 16.23 4.44
N SER A 1505 -38.15 15.26 4.89
CA SER A 1505 -38.59 14.16 5.77
C SER A 1505 -39.04 12.92 4.98
N GLN A 1506 -39.11 13.04 3.65
CA GLN A 1506 -39.19 11.84 2.85
C GLN A 1506 -37.80 11.26 2.81
N LEU A 1507 -37.64 10.05 3.33
CA LEU A 1507 -36.32 9.46 3.35
C LEU A 1507 -36.19 8.74 2.03
N TRP A 1508 -35.37 9.32 1.16
CA TRP A 1508 -35.09 8.69 -0.11
C TRP A 1508 -33.86 7.86 0.20
N LEU A 1509 -34.05 6.55 0.26
CA LEU A 1509 -32.94 5.63 0.35
C LEU A 1509 -32.45 5.48 -1.07
N PHE A 1510 -31.17 5.15 -1.25
CA PHE A 1510 -30.61 5.06 -2.58
C PHE A 1510 -30.04 3.69 -2.91
N SER A 1511 -29.85 3.46 -4.21
CA SER A 1511 -29.35 2.20 -4.73
C SER A 1511 -27.97 1.85 -4.19
N ASP A 1512 -27.26 2.86 -3.71
CA ASP A 1512 -25.90 2.69 -3.20
C ASP A 1512 -25.86 2.29 -1.72
N VAL A 1513 -27.04 2.11 -1.13
CA VAL A 1513 -27.16 1.59 0.23
C VAL A 1513 -27.84 0.22 0.21
N LEU A 1514 -27.08 -0.81 0.56
CA LEU A 1514 -27.58 -2.18 0.58
C LEU A 1514 -27.91 -2.61 2.03
N SER A 1515 -28.95 -3.43 2.15
CA SER A 1515 -29.47 -3.93 3.43
C SER A 1515 -29.89 -2.84 4.45
N ILE A 1516 -29.76 -3.18 5.74
CA ILE A 1516 -30.34 -2.39 6.84
C ILE A 1516 -29.33 -1.54 7.61
N ASP A 1517 -28.08 -1.53 7.16
CA ASP A 1517 -27.01 -0.78 7.83
C ASP A 1517 -27.32 0.71 7.94
N PHE A 1518 -28.35 1.11 7.19
CA PHE A 1518 -28.80 2.49 7.11
C PHE A 1518 -30.24 2.56 7.60
N ILE A 1519 -31.09 1.77 6.95
CA ILE A 1519 -32.54 1.79 7.10
C ILE A 1519 -33.01 1.89 8.57
N GLY A 1520 -32.74 0.84 9.35
CA GLY A 1520 -33.26 0.79 10.71
C GLY A 1520 -32.87 2.00 11.54
N PRO A 1521 -31.55 2.24 11.67
CA PRO A 1521 -31.09 3.40 12.45
C PRO A 1521 -31.61 4.71 11.90
N PHE A 1522 -31.78 4.83 10.58
CA PHE A 1522 -32.33 6.05 10.02
C PHE A 1522 -33.75 6.29 10.53
N SER A 1523 -34.65 5.32 10.34
CA SER A 1523 -36.02 5.47 10.87
C SER A 1523 -35.97 5.82 12.37
N ILE A 1524 -35.26 4.96 13.08
CA ILE A 1524 -35.10 5.11 14.51
C ILE A 1524 -34.46 6.47 14.84
N SER A 1525 -33.66 7.02 13.92
CA SER A 1525 -33.00 8.30 14.17
C SER A 1525 -33.94 9.49 13.98
N THR A 1526 -34.83 9.47 12.99
CA THR A 1526 -35.84 10.53 12.96
C THR A 1526 -36.57 10.55 14.28
N THR A 1527 -37.07 9.38 14.70
CA THR A 1527 -37.81 9.33 15.97
C THR A 1527 -36.89 9.82 17.11
N LEU A 1528 -35.63 9.35 17.07
CA LEU A 1528 -34.65 9.65 18.12
C LEU A 1528 -34.17 11.11 18.15
N LEU A 1529 -34.22 11.79 17.01
CA LEU A 1529 -33.93 13.22 17.01
C LEU A 1529 -35.10 13.91 17.67
N GLN A 1530 -36.30 13.55 17.21
CA GLN A 1530 -37.54 14.11 17.77
C GLN A 1530 -37.68 13.83 19.26
N ILE A 1531 -37.12 12.71 19.71
CA ILE A 1531 -37.05 12.42 21.15
C ILE A 1531 -35.91 13.11 21.90
N LEU A 1532 -34.69 13.06 21.36
CA LEU A 1532 -33.51 13.57 22.06
C LEU A 1532 -33.16 15.05 21.94
N TYR A 1533 -33.28 15.62 20.74
CA TYR A 1533 -32.90 17.01 20.60
C TYR A 1533 -34.03 17.92 21.06
N LYS A 1534 -35.24 17.37 21.03
CA LYS A 1534 -36.45 18.13 21.32
C LYS A 1534 -36.50 18.71 22.74
N PRO A 1535 -36.36 17.87 23.77
CA PRO A 1535 -36.72 18.27 25.13
C PRO A 1535 -35.82 19.33 25.75
N PHE A 1536 -34.51 19.21 25.55
CA PHE A 1536 -33.54 19.92 26.38
C PHE A 1536 -33.80 19.53 27.85
N LEU A 1537 -34.37 18.33 28.05
CA LEU A 1537 -34.98 17.93 29.32
C LEU A 1537 -35.02 16.41 29.48
N SER A 1538 -35.78 15.95 30.47
CA SER A 1538 -35.99 14.54 30.75
C SER A 1538 -37.48 14.17 30.76
N GLY A 1539 -37.80 12.87 30.78
CA GLY A 1539 -39.17 12.40 30.73
C GLY A 1539 -39.29 10.89 30.69
N LYS A 1540 -40.39 10.37 30.14
CA LYS A 1540 -40.53 8.94 29.90
C LYS A 1540 -39.61 8.45 28.77
N ASP A 1541 -38.94 9.41 28.11
CA ASP A 1541 -38.11 9.11 26.96
C ASP A 1541 -37.08 8.03 27.22
N LYS A 1542 -36.57 7.95 28.45
CA LYS A 1542 -35.56 6.97 28.83
C LYS A 1542 -35.98 5.55 28.44
N ASN A 1543 -37.23 5.22 28.73
CA ASN A 1543 -37.80 3.93 28.34
C ASN A 1543 -37.63 3.74 26.85
N GLU A 1544 -38.00 4.79 26.11
CA GLU A 1544 -37.99 4.76 24.66
C GLU A 1544 -36.58 4.60 24.10
N LEU A 1545 -35.64 5.34 24.67
CA LEU A 1545 -34.24 5.18 24.32
C LEU A 1545 -33.81 3.74 24.52
N ARG A 1546 -33.98 3.23 25.74
CA ARG A 1546 -33.60 1.85 26.07
C ARG A 1546 -34.18 0.86 25.06
N GLU A 1547 -35.49 0.96 24.89
CA GLU A 1547 -36.22 0.19 23.89
C GLU A 1547 -35.55 0.25 22.52
N LEU A 1548 -35.48 1.44 21.95
CA LEU A 1548 -35.04 1.64 20.58
C LEU A 1548 -33.56 1.26 20.36
N ALA A 1549 -32.69 1.55 21.34
CA ALA A 1549 -31.27 1.15 21.27
C ALA A 1549 -31.18 -0.37 21.26
N ASN A 1550 -31.97 -1.00 22.14
CA ASN A 1550 -32.10 -2.44 22.09
C ASN A 1550 -32.63 -2.90 20.71
N LEU A 1551 -33.58 -2.14 20.15
CA LEU A 1551 -34.10 -2.49 18.82
C LEU A 1551 -32.99 -2.38 17.77
N SER A 1552 -32.13 -1.37 17.87
CA SER A 1552 -31.00 -1.19 16.94
C SER A 1552 -30.00 -2.35 17.02
N SER A 1553 -29.52 -2.62 18.24
CA SER A 1553 -28.63 -3.73 18.46
C SER A 1553 -29.33 -5.06 18.10
N LEU A 1554 -30.66 -5.08 18.18
CA LEU A 1554 -31.46 -6.20 17.69
C LEU A 1554 -31.87 -6.06 16.21
N LEU A 1555 -31.71 -4.86 15.65
CA LEU A 1555 -32.02 -4.64 14.23
C LEU A 1555 -30.85 -5.09 13.38
N ARG A 1556 -29.64 -5.00 13.92
CA ARG A 1556 -28.49 -5.59 13.25
C ARG A 1556 -28.42 -7.10 13.44
N SER A 1557 -29.41 -7.69 14.11
CA SER A 1557 -29.52 -9.15 14.27
C SER A 1557 -29.80 -9.87 12.95
N TYR A 1598 -20.04 39.58 -9.54
CA TYR A 1598 -19.00 40.43 -8.94
C TYR A 1598 -19.43 40.98 -7.56
N PRO A 1599 -18.53 40.86 -6.54
CA PRO A 1599 -18.93 41.24 -5.19
C PRO A 1599 -18.77 42.73 -4.96
N PRO A 1600 -19.59 43.29 -4.06
CA PRO A 1600 -19.45 44.73 -3.80
C PRO A 1600 -18.07 45.05 -3.24
N TRP A 1601 -17.56 46.23 -3.53
CA TRP A 1601 -16.19 46.56 -3.16
C TRP A 1601 -16.02 48.04 -2.90
N GLY A 1602 -14.78 48.48 -2.79
CA GLY A 1602 -14.50 49.87 -2.52
C GLY A 1602 -13.03 50.19 -2.48
N ARG A 1603 -12.72 51.27 -1.78
CA ARG A 1603 -11.34 51.71 -1.59
C ARG A 1603 -10.64 50.78 -0.62
N GLU A 1604 -9.37 51.07 -0.34
CA GLU A 1604 -8.55 50.22 0.52
C GLU A 1604 -7.41 51.02 1.14
N SER A 1605 -6.77 50.43 2.16
CA SER A 1605 -5.61 51.06 2.79
C SER A 1605 -4.52 51.40 1.76
N ARG A 1606 -4.06 52.65 1.81
CA ARG A 1606 -2.97 53.10 0.97
C ARG A 1606 -1.89 53.69 1.87
N GLY A 1607 -0.72 53.06 1.87
CA GLY A 1607 0.32 53.40 2.84
C GLY A 1607 1.29 54.49 2.44
N THR A 1608 2.39 54.54 3.20
CA THR A 1608 3.47 55.48 2.97
C THR A 1608 4.66 54.75 2.36
N ILE A 1609 5.34 55.43 1.46
CA ILE A 1609 6.55 54.89 0.86
C ILE A 1609 7.80 55.49 1.46
N THR A 1610 8.59 54.66 2.13
CA THR A 1610 9.92 55.07 2.53
C THR A 1610 10.76 54.71 1.32
N THR A 1611 11.31 55.75 0.68
CA THR A 1611 11.87 55.59 -0.64
C THR A 1611 13.39 55.50 -0.56
N ILE A 1612 13.96 54.73 -1.48
CA ILE A 1612 15.39 54.72 -1.72
C ILE A 1612 15.67 54.88 -3.21
N PRO A 1613 15.88 56.14 -3.66
CA PRO A 1613 16.37 56.29 -5.02
C PRO A 1613 17.82 55.86 -5.06
N VAL A 1614 18.22 55.28 -6.18
CA VAL A 1614 19.55 54.75 -6.35
C VAL A 1614 19.96 54.90 -7.80
N TYR A 1615 21.26 55.00 -8.04
CA TYR A 1615 21.78 54.99 -9.40
C TYR A 1615 22.96 54.06 -9.47
N TYR A 1616 23.30 53.67 -10.70
CA TYR A 1616 24.52 52.95 -10.94
C TYR A 1616 25.23 53.60 -12.10
N THR A 1617 26.38 54.19 -11.80
CA THR A 1617 27.22 54.81 -12.83
C THR A 1617 28.57 54.11 -12.94
N THR A 1618 28.70 53.29 -13.97
CA THR A 1618 29.99 52.68 -14.32
C THR A 1618 30.64 52.02 -13.10
N THR A 1619 31.77 52.57 -12.65
CA THR A 1619 32.60 51.97 -11.62
C THR A 1619 31.90 51.71 -10.28
N PRO A 1620 32.24 50.59 -9.60
CA PRO A 1620 31.74 50.33 -8.25
C PRO A 1620 32.48 51.05 -7.11
N TYR A 1621 31.80 51.20 -5.98
CA TYR A 1621 32.41 51.66 -4.72
C TYR A 1621 32.03 50.66 -3.61
N PRO A 1622 32.35 49.38 -3.85
CA PRO A 1622 31.54 48.22 -3.44
C PRO A 1622 31.46 47.81 -1.97
N LYS A 1623 30.34 47.17 -1.66
CA LYS A 1623 30.14 46.30 -0.49
C LYS A 1623 29.96 46.97 0.86
N MET A 1624 30.33 48.24 1.02
CA MET A 1624 30.34 48.77 2.38
C MET A 1624 28.91 49.05 2.79
N LEU A 1625 28.42 48.22 3.70
CA LEU A 1625 27.04 48.36 4.15
C LEU A 1625 26.81 47.66 5.49
N GLU A 1626 25.92 48.21 6.30
CA GLU A 1626 25.42 47.51 7.47
C GLU A 1626 24.48 46.41 7.02
N MET A 1627 24.74 45.17 7.41
CA MET A 1627 23.81 44.10 7.15
C MET A 1627 22.80 44.04 8.27
N PRO A 1628 21.50 44.11 7.93
CA PRO A 1628 20.51 44.31 8.99
C PRO A 1628 20.42 43.17 9.98
N PRO A 1629 19.82 43.46 11.14
CA PRO A 1629 19.43 42.39 12.06
C PRO A 1629 18.11 41.76 11.60
N ARG A 1630 17.66 40.71 12.27
CA ARG A 1630 16.40 40.07 11.90
C ARG A 1630 15.51 39.83 13.11
N ILE A 1631 14.43 40.60 13.17
CA ILE A 1631 13.37 40.39 14.14
C ILE A 1631 12.17 39.92 13.33
N GLN A 1632 11.42 38.95 13.86
CA GLN A 1632 10.24 38.44 13.15
C GLN A 1632 8.88 39.08 13.52
N ASN A 1633 8.79 39.77 14.66
CA ASN A 1633 7.72 40.76 14.93
C ASN A 1633 6.34 40.47 14.34
N PRO A 1634 5.63 39.51 14.91
CA PRO A 1634 4.25 39.24 14.46
C PRO A 1634 3.37 40.48 14.55
N LEU A 1635 3.87 41.51 15.25
CA LEU A 1635 3.12 42.72 15.56
C LEU A 1635 2.31 43.29 14.42
N LEU A 1636 2.99 43.89 13.47
CA LEU A 1636 2.28 44.59 12.42
C LEU A 1636 1.60 43.60 11.47
N SER A 1637 2.19 42.42 11.32
CA SER A 1637 1.57 41.32 10.58
C SER A 1637 0.20 41.01 11.17
N GLY A 1638 0.09 41.22 12.48
CA GLY A 1638 -1.20 41.20 13.15
C GLY A 1638 -2.04 42.45 12.98
N ILE A 1639 -1.44 43.62 13.17
CA ILE A 1639 -2.20 44.86 13.10
C ILE A 1639 -2.90 45.03 11.76
N ARG A 1640 -2.29 44.53 10.68
CA ARG A 1640 -3.03 44.43 9.43
C ARG A 1640 -4.28 43.59 9.71
N LEU A 1641 -5.44 44.19 9.50
CA LEU A 1641 -6.67 43.66 10.08
C LEU A 1641 -7.47 42.89 9.06
N GLY A 1642 -7.87 43.59 8.01
CA GLY A 1642 -8.83 43.07 7.07
C GLY A 1642 -8.16 42.19 6.02
N GLN A 1643 -7.03 41.61 6.40
CA GLN A 1643 -6.23 40.85 5.47
C GLN A 1643 -6.99 39.74 4.76
N LEU A 1644 -6.91 39.80 3.43
CA LEU A 1644 -7.17 38.69 2.52
C LEU A 1644 -5.97 37.78 2.67
N PRO A 1645 -5.73 36.84 1.73
CA PRO A 1645 -4.77 35.81 2.13
C PRO A 1645 -3.47 36.36 2.75
N THR A 1646 -3.01 37.52 2.29
CA THR A 1646 -2.03 38.28 3.06
C THR A 1646 -2.04 39.76 2.70
N GLY A 1647 -1.61 40.58 3.66
CA GLY A 1647 -1.62 42.02 3.54
C GLY A 1647 -0.60 42.57 2.55
N ALA A 1648 0.18 41.71 1.90
CA ALA A 1648 1.05 42.15 0.80
C ALA A 1648 0.20 42.89 -0.20
N HIS A 1649 -1.07 42.51 -0.16
CA HIS A 1649 -2.18 43.25 -0.71
C HIS A 1649 -2.02 44.78 -0.49
N TYR A 1650 -2.04 45.23 0.76
CA TYR A 1650 -1.88 46.66 1.05
C TYR A 1650 -0.55 47.20 0.53
N LYS A 1651 0.50 46.37 0.59
CA LYS A 1651 1.86 46.79 0.22
C LYS A 1651 1.86 47.25 -1.20
N ILE A 1652 1.31 46.39 -2.04
CA ILE A 1652 1.18 46.70 -3.44
C ILE A 1652 0.28 47.91 -3.64
N ARG A 1653 -0.83 47.99 -2.91
CA ARG A 1653 -1.60 49.24 -2.96
C ARG A 1653 -0.74 50.48 -2.66
N SER A 1654 0.13 50.36 -1.67
CA SER A 1654 0.99 51.47 -1.29
C SER A 1654 2.01 51.80 -2.38
N ILE A 1655 2.61 50.77 -2.98
CA ILE A 1655 3.45 50.97 -4.16
C ILE A 1655 2.67 51.76 -5.21
N LEU A 1656 1.59 51.15 -5.70
CA LEU A 1656 0.82 51.73 -6.80
C LEU A 1656 0.03 52.95 -6.39
N HIS A 1657 0.02 53.24 -5.08
CA HIS A 1657 -0.44 54.54 -4.60
C HIS A 1657 0.64 55.59 -4.79
N GLY A 1658 1.70 55.47 -4.00
CA GLY A 1658 2.75 56.47 -3.98
C GLY A 1658 3.65 56.43 -5.18
N MET A 1659 4.20 55.25 -5.46
CA MET A 1659 5.21 55.12 -6.50
C MET A 1659 4.62 55.44 -7.87
N GLY A 1660 3.30 55.59 -7.92
CA GLY A 1660 2.63 56.15 -9.08
C GLY A 1660 2.72 55.32 -10.34
N ILE A 1661 2.23 54.08 -10.28
CA ILE A 1661 2.17 53.23 -11.46
C ILE A 1661 0.80 53.30 -12.11
N HIS A 1662 0.80 53.44 -13.42
CA HIS A 1662 -0.38 53.14 -14.20
C HIS A 1662 -0.04 51.98 -15.10
N TYR A 1663 -0.59 50.83 -14.76
CA TYR A 1663 -0.38 49.59 -15.51
C TYR A 1663 -1.73 49.16 -16.08
N ARG A 1664 -1.77 48.91 -17.38
CA ARG A 1664 -2.97 48.42 -18.03
C ARG A 1664 -3.05 46.91 -17.86
N ASP A 1665 -1.89 46.25 -17.84
CA ASP A 1665 -1.85 44.80 -17.69
C ASP A 1665 -0.58 44.33 -17.00
N PHE A 1666 -0.69 43.21 -16.29
CA PHE A 1666 0.43 42.80 -15.44
C PHE A 1666 0.79 41.32 -15.47
N LEU A 1667 1.97 41.05 -14.93
CA LEU A 1667 2.43 39.70 -14.66
C LEU A 1667 2.86 39.60 -13.20
N SER A 1668 2.10 38.82 -12.46
CA SER A 1668 2.30 38.68 -11.03
C SER A 1668 2.80 37.26 -10.75
N CYS A 1669 4.07 37.16 -10.35
CA CYS A 1669 4.70 35.86 -10.18
C CYS A 1669 5.26 35.64 -8.78
N GLY A 1670 4.88 34.51 -8.18
CA GLY A 1670 5.28 34.18 -6.82
C GLY A 1670 4.18 34.43 -5.80
N ASP A 1671 2.96 34.66 -6.29
CA ASP A 1671 1.80 34.79 -5.40
C ASP A 1671 1.33 33.45 -4.90
N GLY A 1672 1.09 33.33 -3.60
CA GLY A 1672 0.68 32.04 -3.08
C GLY A 1672 -0.70 31.67 -3.58
N SER A 1673 -1.72 32.36 -3.10
CA SER A 1673 -3.09 32.05 -3.50
C SER A 1673 -3.52 33.03 -4.58
N GLY A 1674 -2.58 33.84 -5.06
CA GLY A 1674 -2.86 34.97 -5.93
C GLY A 1674 -3.26 36.24 -5.21
N GLY A 1675 -2.62 36.52 -4.07
CA GLY A 1675 -2.95 37.68 -3.27
C GLY A 1675 -2.74 39.00 -3.98
N MET A 1676 -1.51 39.22 -4.44
CA MET A 1676 -1.20 40.46 -5.14
C MET A 1676 -1.88 40.48 -6.50
N THR A 1677 -2.11 39.30 -7.08
CA THR A 1677 -2.91 39.23 -8.30
C THR A 1677 -4.28 39.84 -8.05
N ALA A 1678 -5.00 39.27 -7.09
CA ALA A 1678 -6.30 39.76 -6.71
C ALA A 1678 -6.24 41.25 -6.47
N ALA A 1679 -5.25 41.68 -5.69
CA ALA A 1679 -5.10 43.10 -5.36
C ALA A 1679 -5.03 43.96 -6.62
N LEU A 1680 -4.08 43.66 -7.50
CA LEU A 1680 -3.91 44.41 -8.74
C LEU A 1680 -5.22 44.43 -9.51
N LEU A 1681 -5.73 43.23 -9.71
CA LEU A 1681 -6.91 42.99 -10.54
C LEU A 1681 -8.19 43.72 -10.08
N ARG A 1682 -8.40 43.78 -8.77
CA ARG A 1682 -9.53 44.53 -8.23
C ARG A 1682 -9.23 46.03 -8.22
N GLU A 1683 -7.99 46.39 -7.90
CA GLU A 1683 -7.62 47.81 -7.76
C GLU A 1683 -7.82 48.51 -9.09
N ASN A 1684 -7.15 48.02 -10.14
CA ASN A 1684 -7.38 48.57 -11.47
C ASN A 1684 -8.26 47.59 -12.22
N VAL A 1685 -9.52 47.98 -12.36
CA VAL A 1685 -10.57 47.05 -12.67
C VAL A 1685 -10.50 46.60 -14.12
N HIS A 1686 -9.91 47.43 -14.97
CA HIS A 1686 -9.86 47.17 -16.41
C HIS A 1686 -8.60 46.43 -16.79
N SER A 1687 -7.80 46.07 -15.81
CA SER A 1687 -6.53 45.42 -16.07
C SER A 1687 -6.67 43.91 -16.31
N ARG A 1688 -5.82 43.36 -17.16
CA ARG A 1688 -5.72 41.92 -17.33
C ARG A 1688 -4.37 41.47 -16.78
N GLY A 1689 -4.32 40.22 -16.33
CA GLY A 1689 -3.12 39.76 -15.67
C GLY A 1689 -2.73 38.31 -15.84
N ILE A 1690 -1.42 38.12 -15.68
CA ILE A 1690 -0.78 36.84 -15.80
C ILE A 1690 -0.40 36.34 -14.42
N PHE A 1691 -1.07 35.29 -13.98
CA PHE A 1691 -0.84 34.79 -12.63
C PHE A 1691 0.16 33.65 -12.62
N ASN A 1692 1.13 33.70 -11.72
CA ASN A 1692 2.03 32.57 -11.56
C ASN A 1692 2.37 32.21 -10.13
N SER A 1693 2.21 30.93 -9.82
CA SER A 1693 2.44 30.42 -8.47
C SER A 1693 3.21 29.14 -8.49
N LEU A 1694 4.29 29.09 -7.72
CA LEU A 1694 4.93 27.82 -7.41
C LEU A 1694 3.81 26.94 -6.88
N LEU A 1695 3.69 25.76 -7.43
CA LEU A 1695 2.57 24.91 -7.11
C LEU A 1695 2.96 24.02 -5.93
N GLU A 1696 2.41 24.32 -4.76
CA GLU A 1696 2.84 23.66 -3.53
C GLU A 1696 1.94 22.47 -3.31
N LEU A 1697 2.46 21.29 -3.55
CA LEU A 1697 1.61 20.12 -3.71
C LEU A 1697 1.67 19.23 -2.49
N SER A 1698 2.86 18.77 -2.16
CA SER A 1698 3.06 17.63 -1.26
C SER A 1698 2.18 17.67 0.01
N GLY A 1699 1.88 18.87 0.50
CA GLY A 1699 1.11 19.04 1.72
C GLY A 1699 -0.37 18.76 1.58
N SER A 1700 -0.82 18.41 0.38
CA SER A 1700 -2.24 18.13 0.16
C SER A 1700 -2.45 16.88 -0.69
N VAL A 1701 -3.50 16.14 -0.39
CA VAL A 1701 -3.86 14.98 -1.16
C VAL A 1701 -5.01 15.35 -2.08
N MET A 1702 -4.72 15.33 -3.38
CA MET A 1702 -5.74 15.55 -4.39
C MET A 1702 -6.29 14.21 -4.79
N ARG A 1703 -7.49 13.91 -4.32
CA ARG A 1703 -8.06 12.61 -4.59
C ARG A 1703 -8.87 12.79 -5.87
N GLY A 1704 -8.31 12.32 -6.97
CA GLY A 1704 -8.92 12.47 -8.27
C GLY A 1704 -9.39 13.90 -8.53
N ALA A 1705 -8.50 14.89 -8.36
CA ALA A 1705 -8.89 16.27 -8.65
C ALA A 1705 -7.72 17.16 -9.01
N SER A 1706 -8.02 18.19 -9.80
CA SER A 1706 -7.04 19.18 -10.23
C SER A 1706 -6.88 20.25 -9.15
N PRO A 1707 -5.68 20.80 -9.01
CA PRO A 1707 -5.35 21.72 -7.91
C PRO A 1707 -6.25 22.95 -7.79
N GLU A 1708 -7.07 23.22 -8.80
CA GLU A 1708 -8.06 24.33 -8.75
C GLU A 1708 -7.39 25.68 -8.93
N PRO A 1709 -8.21 26.72 -9.11
CA PRO A 1709 -7.65 28.07 -9.26
C PRO A 1709 -6.94 28.58 -8.02
N PRO A 1710 -6.33 29.76 -8.12
CA PRO A 1710 -5.81 30.47 -6.95
C PRO A 1710 -6.95 30.98 -6.09
N SER A 1711 -6.90 30.69 -4.81
CA SER A 1711 -8.07 30.88 -3.98
C SER A 1711 -8.44 32.35 -3.95
N ALA A 1712 -7.41 33.19 -3.96
CA ALA A 1712 -7.60 34.64 -3.86
C ALA A 1712 -8.57 35.18 -4.91
N LEU A 1713 -8.74 34.46 -6.01
CA LEU A 1713 -9.50 35.02 -7.10
C LEU A 1713 -10.99 34.73 -6.88
N GLU A 1714 -11.32 34.21 -5.70
CA GLU A 1714 -12.69 34.32 -5.17
C GLU A 1714 -13.06 35.79 -4.94
N THR A 1715 -12.04 36.61 -4.69
CA THR A 1715 -12.24 38.03 -4.45
C THR A 1715 -13.10 38.74 -5.48
N LEU A 1716 -12.98 38.30 -6.73
CA LEU A 1716 -13.59 39.00 -7.86
C LEU A 1716 -15.05 38.61 -8.09
N GLY A 1717 -15.58 37.76 -7.20
CA GLY A 1717 -16.98 37.38 -7.21
C GLY A 1717 -17.24 36.20 -8.13
N GLY A 1718 -16.21 35.37 -8.31
CA GLY A 1718 -16.32 34.23 -9.19
C GLY A 1718 -16.06 34.55 -10.64
N ASP A 1719 -15.95 35.85 -10.98
CA ASP A 1719 -15.64 36.21 -12.36
C ASP A 1719 -14.16 36.55 -12.46
N LYS A 1720 -13.41 35.54 -12.87
CA LYS A 1720 -11.96 35.59 -12.96
C LYS A 1720 -11.52 35.86 -14.39
N SER A 1721 -12.51 36.04 -15.26
CA SER A 1721 -12.29 36.12 -16.71
C SER A 1721 -11.22 37.14 -17.06
N ARG A 1722 -11.08 38.14 -16.20
CA ARG A 1722 -10.13 39.21 -16.42
C ARG A 1722 -8.69 38.77 -16.09
N CYS A 1723 -8.56 37.68 -15.33
CA CYS A 1723 -7.29 37.00 -15.17
C CYS A 1723 -7.22 35.89 -16.20
N VAL A 1724 -6.39 36.07 -17.20
CA VAL A 1724 -6.40 35.19 -18.35
C VAL A 1724 -5.92 33.79 -18.02
N ASN A 1725 -5.00 33.72 -17.07
CA ASN A 1725 -4.37 32.46 -16.75
C ASN A 1725 -5.11 31.69 -15.67
N GLY A 1726 -6.23 32.22 -15.22
CA GLY A 1726 -7.03 31.56 -14.22
C GLY A 1726 -7.50 30.19 -14.70
N GLU A 1727 -7.55 29.26 -13.76
CA GLU A 1727 -8.11 27.91 -13.95
C GLU A 1727 -7.23 26.98 -14.75
N THR A 1728 -6.34 27.54 -15.56
CA THR A 1728 -5.35 26.74 -16.29
C THR A 1728 -3.95 26.86 -15.69
N CYS A 1729 -3.83 27.68 -14.66
CA CYS A 1729 -2.52 28.14 -14.18
C CYS A 1729 -1.48 27.03 -14.00
N TRP A 1730 -1.92 25.89 -13.49
CA TRP A 1730 -1.03 24.85 -13.00
C TRP A 1730 -0.40 23.97 -14.10
N GLU A 1731 -1.00 24.00 -15.28
CA GLU A 1731 -0.65 23.07 -16.32
C GLU A 1731 0.47 23.55 -17.23
N TYR A 1732 1.12 24.64 -16.82
CA TYR A 1732 2.22 25.20 -17.58
C TYR A 1732 3.47 25.11 -16.74
N PRO A 1733 4.62 25.57 -17.27
CA PRO A 1733 5.79 25.54 -16.41
C PRO A 1733 5.64 26.52 -15.27
N SER A 1734 4.90 26.13 -14.23
CA SER A 1734 4.88 27.01 -13.08
C SER A 1734 6.12 26.58 -12.35
N ASP A 1735 7.19 27.26 -12.71
CA ASP A 1735 8.43 27.31 -11.99
C ASP A 1735 9.01 28.63 -12.44
N LEU A 1736 9.46 29.46 -11.52
CA LEU A 1736 10.11 30.69 -11.93
C LEU A 1736 11.63 30.61 -11.83
N CYS A 1737 12.13 29.50 -11.30
CA CYS A 1737 13.54 29.34 -11.04
C CYS A 1737 14.34 29.23 -12.35
N ASP A 1738 13.67 28.77 -13.40
CA ASP A 1738 14.33 28.47 -14.67
C ASP A 1738 13.64 29.17 -15.84
N PRO A 1739 14.19 29.03 -17.06
CA PRO A 1739 13.54 29.50 -18.28
C PRO A 1739 12.35 28.65 -18.64
N ARG A 1740 11.84 28.86 -19.85
CA ARG A 1740 10.73 28.09 -20.41
C ARG A 1740 9.40 28.56 -19.87
N THR A 1741 9.44 29.10 -18.66
CA THR A 1741 8.29 29.76 -18.10
C THR A 1741 8.17 31.11 -18.78
N TRP A 1742 9.30 31.70 -19.09
CA TRP A 1742 9.36 32.99 -19.76
C TRP A 1742 8.99 32.87 -21.22
N ASP A 1743 9.39 31.76 -21.83
CA ASP A 1743 8.94 31.44 -23.17
C ASP A 1743 7.42 31.30 -23.16
N TYR A 1744 6.89 30.61 -22.15
CA TYR A 1744 5.45 30.56 -21.98
C TYR A 1744 4.74 31.92 -21.71
N PHE A 1745 5.31 32.78 -20.88
CA PHE A 1745 4.71 34.12 -20.70
C PHE A 1745 4.70 34.88 -22.01
N LEU A 1746 5.87 34.97 -22.65
CA LEU A 1746 5.95 35.67 -23.92
C LEU A 1746 4.93 35.05 -24.88
N ARG A 1747 4.75 33.73 -24.80
CA ARG A 1747 3.65 33.09 -25.52
C ARG A 1747 2.33 33.74 -25.16
N LEU A 1748 2.04 33.84 -23.87
CA LEU A 1748 0.77 34.42 -23.44
C LEU A 1748 0.64 35.90 -23.81
N LYS A 1749 1.79 36.57 -23.94
CA LYS A 1749 1.82 37.95 -24.37
C LYS A 1749 1.44 38.07 -25.83
N ALA A 1750 2.16 37.34 -26.67
CA ALA A 1750 1.88 37.32 -28.11
C ALA A 1750 0.57 36.59 -28.36
N GLY A 1751 0.15 35.77 -27.40
CA GLY A 1751 -1.09 35.01 -27.52
C GLY A 1751 -2.35 35.82 -27.27
N LEU A 1752 -2.41 36.51 -26.13
CA LEU A 1752 -3.55 37.37 -25.80
C LEU A 1752 -3.29 38.87 -26.00
N GLY A 1753 -2.09 39.21 -26.48
CA GLY A 1753 -1.75 40.59 -26.81
C GLY A 1753 -1.75 41.47 -25.58
N LEU A 1754 -1.23 40.92 -24.49
CA LEU A 1754 -1.38 41.53 -23.17
C LEU A 1754 -0.58 42.82 -22.98
N GLN A 1755 0.65 42.82 -23.46
CA GLN A 1755 1.57 43.96 -23.38
C GLN A 1755 2.24 44.14 -22.01
N ILE A 1756 1.66 43.52 -20.96
CA ILE A 1756 2.32 43.39 -19.65
C ILE A 1756 3.08 44.65 -19.27
N ASP A 1757 2.32 45.70 -18.95
CA ASP A 1757 2.92 46.94 -18.47
C ASP A 1757 3.72 46.68 -17.19
N LEU A 1758 3.19 45.79 -16.35
CA LEU A 1758 3.74 45.58 -15.02
C LEU A 1758 4.31 44.19 -14.74
N ILE A 1759 5.49 44.14 -14.11
CA ILE A 1759 6.02 42.89 -13.54
C ILE A 1759 6.07 43.01 -12.03
N VAL A 1760 5.58 41.98 -11.35
CA VAL A 1760 5.68 41.96 -9.90
C VAL A 1760 6.08 40.60 -9.41
N MET A 1761 7.13 40.57 -8.61
CA MET A 1761 7.54 39.30 -8.01
C MET A 1761 7.84 39.33 -6.52
N ASP A 1762 6.99 38.62 -5.79
CA ASP A 1762 7.27 38.28 -4.42
C ASP A 1762 7.81 36.87 -4.50
N MET A 1763 9.12 36.77 -4.33
CA MET A 1763 9.78 35.49 -4.43
C MET A 1763 9.71 34.73 -3.12
N GLU A 1764 9.94 35.44 -2.02
CA GLU A 1764 10.21 34.81 -0.74
C GLU A 1764 11.39 33.86 -0.94
N VAL A 1765 12.55 34.46 -1.18
CA VAL A 1765 13.72 33.73 -1.67
C VAL A 1765 14.44 32.97 -0.57
N ARG A 1766 14.48 31.65 -0.71
CA ARG A 1766 15.19 30.80 0.24
C ARG A 1766 16.57 30.35 -0.23
N ASP A 1767 16.94 30.69 -1.46
CA ASP A 1767 18.21 30.22 -2.04
C ASP A 1767 18.93 31.29 -2.86
N SER A 1768 20.20 31.52 -2.56
CA SER A 1768 21.02 32.49 -3.31
C SER A 1768 21.19 32.01 -4.72
N SER A 1769 21.25 30.69 -4.85
CA SER A 1769 21.31 30.03 -6.13
C SER A 1769 20.08 30.37 -6.96
N THR A 1770 18.92 30.03 -6.41
CA THR A 1770 17.65 30.25 -7.08
C THR A 1770 17.49 31.72 -7.42
N SER A 1771 17.87 32.56 -6.47
CA SER A 1771 17.81 34.00 -6.66
C SER A 1771 18.65 34.43 -7.86
N LEU A 1772 19.94 34.11 -7.85
CA LEU A 1772 20.80 34.50 -8.95
C LEU A 1772 20.27 33.92 -10.26
N LYS A 1773 19.73 32.70 -10.19
CA LYS A 1773 19.11 32.07 -11.36
C LYS A 1773 17.97 32.91 -11.94
N ILE A 1774 17.00 33.24 -11.09
CA ILE A 1774 15.89 34.03 -11.58
C ILE A 1774 16.36 35.42 -12.03
N GLU A 1775 17.35 35.98 -11.34
CA GLU A 1775 17.96 37.25 -11.76
C GLU A 1775 18.46 37.16 -13.20
N THR A 1776 19.18 36.10 -13.50
CA THR A 1776 19.60 35.84 -14.88
C THR A 1776 18.39 35.68 -15.83
N ASN A 1777 17.37 34.94 -15.40
CA ASN A 1777 16.16 34.80 -16.21
C ASN A 1777 15.55 36.13 -16.64
N VAL A 1778 15.25 36.99 -15.67
CA VAL A 1778 14.75 38.31 -16.02
C VAL A 1778 15.79 39.02 -16.88
N ARG A 1779 17.05 38.94 -16.47
CA ARG A 1779 18.15 39.56 -17.21
C ARG A 1779 18.03 39.22 -18.70
N ASN A 1780 17.66 37.98 -18.98
CA ASN A 1780 17.42 37.56 -20.37
C ASN A 1780 16.11 38.03 -20.99
N TYR A 1781 15.00 37.76 -20.33
CA TYR A 1781 13.70 37.94 -20.97
C TYR A 1781 13.04 39.29 -20.76
N VAL A 1782 13.59 40.12 -19.89
CA VAL A 1782 12.87 41.30 -19.42
C VAL A 1782 12.40 42.24 -20.54
N HIS A 1783 13.32 42.85 -21.28
CA HIS A 1783 12.94 43.95 -22.17
C HIS A 1783 12.43 43.42 -23.51
N ARG A 1784 12.29 42.10 -23.63
CA ARG A 1784 11.50 41.51 -24.70
C ARG A 1784 10.09 41.09 -24.26
N ILE A 1785 9.76 41.36 -23.00
CA ILE A 1785 8.44 41.07 -22.42
C ILE A 1785 7.81 42.33 -21.84
N LEU A 1786 8.52 42.94 -20.90
CA LEU A 1786 8.11 44.20 -20.30
C LEU A 1786 8.03 45.33 -21.33
N ASP A 1787 7.05 46.21 -21.13
CA ASP A 1787 6.72 47.21 -22.14
C ASP A 1787 7.73 48.35 -22.19
N GLU A 1788 7.39 49.38 -22.96
CA GLU A 1788 8.29 50.52 -23.21
C GLU A 1788 8.29 51.62 -22.12
N GLN A 1789 7.19 51.78 -21.39
CA GLN A 1789 7.17 52.64 -20.18
C GLN A 1789 7.28 51.79 -18.92
N GLY A 1790 7.64 50.52 -19.10
CA GLY A 1790 7.14 49.44 -18.26
C GLY A 1790 7.69 49.43 -16.85
N VAL A 1791 7.12 48.57 -16.01
CA VAL A 1791 7.46 48.54 -14.60
C VAL A 1791 7.89 47.15 -14.14
N LEU A 1792 8.93 47.10 -13.29
CA LEU A 1792 9.31 45.88 -12.59
C LEU A 1792 9.50 46.09 -11.08
N ILE A 1793 8.70 45.37 -10.30
CA ILE A 1793 8.83 45.33 -8.84
C ILE A 1793 9.40 43.98 -8.43
N TYR A 1794 10.50 44.03 -7.71
CA TYR A 1794 11.12 42.82 -7.20
C TYR A 1794 11.26 42.87 -5.68
N LYS A 1795 10.55 42.00 -4.98
CA LYS A 1795 10.62 41.99 -3.52
C LYS A 1795 11.94 41.37 -3.11
N THR A 1796 12.71 42.09 -2.30
CA THR A 1796 14.07 41.70 -1.93
C THR A 1796 14.29 41.70 -0.42
N TYR A 1797 15.21 40.87 0.03
CA TYR A 1797 15.56 40.80 1.45
C TYR A 1797 16.81 41.58 1.78
N GLY A 1798 16.74 42.37 2.84
CA GLY A 1798 17.83 43.24 3.21
C GLY A 1798 19.16 42.54 3.41
N THR A 1799 19.16 41.49 4.24
CA THR A 1799 20.36 40.69 4.43
C THR A 1799 20.83 40.17 3.09
N TYR A 1800 19.89 39.62 2.32
CA TYR A 1800 20.24 38.99 1.06
C TYR A 1800 20.82 39.97 0.03
N ILE A 1801 20.37 41.22 0.06
CA ILE A 1801 20.88 42.23 -0.88
C ILE A 1801 22.22 42.79 -0.40
N CYS A 1802 22.39 43.02 0.91
CA CYS A 1802 23.71 43.36 1.42
C CYS A 1802 24.66 42.18 1.32
N GLU A 1803 24.10 40.97 1.24
CA GLU A 1803 24.88 39.73 1.28
C GLU A 1803 26.07 39.65 0.32
N SER A 1804 25.82 39.36 -0.96
CA SER A 1804 26.92 39.12 -1.89
C SER A 1804 26.70 39.76 -3.25
N GLU A 1805 25.80 39.13 -3.98
CA GLU A 1805 25.55 39.44 -5.38
C GLU A 1805 24.24 40.22 -5.47
N LYS A 1806 24.37 41.52 -5.69
CA LYS A 1806 23.23 42.40 -5.71
C LYS A 1806 22.42 42.12 -6.96
N ASN A 1807 21.14 41.83 -6.77
CA ASN A 1807 20.22 41.71 -7.89
C ASN A 1807 19.85 43.10 -8.35
N ALA A 1808 20.00 44.03 -7.42
CA ALA A 1808 20.00 45.45 -7.71
C ALA A 1808 21.08 45.77 -8.75
N VAL A 1809 22.26 45.17 -8.57
CA VAL A 1809 23.36 45.33 -9.51
C VAL A 1809 23.04 44.61 -10.81
N THR A 1810 22.64 43.35 -10.69
CA THR A 1810 22.32 42.51 -11.85
C THR A 1810 21.38 43.22 -12.79
N ILE A 1811 20.28 43.71 -12.24
CA ILE A 1811 19.27 44.37 -13.05
C ILE A 1811 19.31 45.87 -12.82
N LEU A 1812 19.79 46.58 -13.84
CA LEU A 1812 19.70 48.04 -13.87
C LEU A 1812 19.11 48.46 -15.21
N GLY A 1813 17.89 49.00 -15.16
CA GLY A 1813 17.23 49.57 -16.31
C GLY A 1813 17.16 51.07 -16.12
N PRO A 1814 16.37 51.76 -16.94
CA PRO A 1814 16.35 53.22 -17.02
C PRO A 1814 16.14 53.97 -15.69
N MET A 1815 15.14 53.61 -14.88
CA MET A 1815 14.90 54.32 -13.61
C MET A 1815 14.77 53.33 -12.46
N PHE A 1816 15.75 53.35 -11.56
CA PHE A 1816 15.97 52.27 -10.62
C PHE A 1816 15.89 52.73 -9.17
N LYS A 1817 15.15 52.00 -8.34
CA LYS A 1817 15.01 52.36 -6.93
C LYS A 1817 14.69 51.14 -6.06
N THR A 1818 14.64 51.35 -4.75
CA THR A 1818 14.05 50.35 -3.85
C THR A 1818 13.28 51.11 -2.79
N VAL A 1819 12.30 50.44 -2.19
CA VAL A 1819 11.48 51.06 -1.16
C VAL A 1819 11.15 50.13 -0.04
N ASP A 1820 10.79 50.73 1.09
CA ASP A 1820 10.17 50.03 2.19
C ASP A 1820 8.79 50.67 2.30
N LEU A 1821 7.76 49.84 2.50
CA LEU A 1821 6.42 50.36 2.64
C LEU A 1821 5.75 49.82 3.87
N VAL A 1822 5.61 50.69 4.84
CA VAL A 1822 4.87 50.36 6.03
C VAL A 1822 3.50 50.98 5.89
N GLN A 1823 2.75 50.96 6.99
CA GLN A 1823 1.29 50.98 6.96
C GLN A 1823 0.86 49.75 6.15
N THR A 1824 1.83 48.86 5.97
CA THR A 1824 1.66 47.51 5.49
C THR A 1824 2.66 46.62 6.21
N GLU A 1825 3.94 46.87 5.93
CA GLU A 1825 4.98 45.86 6.14
C GLU A 1825 5.33 45.59 7.59
N PHE A 1826 5.61 44.31 7.87
CA PHE A 1826 5.79 43.85 9.25
C PHE A 1826 7.00 44.51 9.87
N SER A 1827 7.04 44.49 11.20
CA SER A 1827 7.90 45.38 11.96
C SER A 1827 9.34 44.92 12.11
N SER A 1828 10.26 45.89 12.13
CA SER A 1828 11.66 45.59 12.23
C SER A 1828 12.08 44.70 11.05
N SER A 1829 11.60 45.05 9.86
CA SER A 1829 11.76 44.21 8.69
C SER A 1829 12.72 44.74 7.65
N GLN A 1830 13.73 43.92 7.39
CA GLN A 1830 14.72 44.23 6.38
C GLN A 1830 14.16 44.15 4.97
N THR A 1831 13.11 43.36 4.82
CA THR A 1831 12.50 43.13 3.52
C THR A 1831 12.05 44.45 2.87
N SER A 1832 12.33 44.58 1.56
CA SER A 1832 12.06 45.82 0.83
C SER A 1832 11.80 45.58 -0.66
N GLU A 1833 10.97 46.43 -1.26
CA GLU A 1833 10.57 46.24 -2.64
C GLU A 1833 11.49 47.01 -3.59
N VAL A 1834 12.32 46.29 -4.34
CA VAL A 1834 13.14 46.94 -5.39
C VAL A 1834 12.22 47.27 -6.53
N TYR A 1835 12.65 48.23 -7.33
CA TYR A 1835 11.79 48.81 -8.32
C TYR A 1835 12.61 49.27 -9.55
N MET A 1836 12.03 49.04 -10.73
CA MET A 1836 12.58 49.59 -11.97
C MET A 1836 11.47 50.09 -12.92
N VAL A 1837 11.49 51.38 -13.24
CA VAL A 1837 10.76 51.87 -14.40
C VAL A 1837 11.72 51.67 -15.56
N CYS A 1838 11.31 50.88 -16.55
CA CYS A 1838 12.18 50.59 -17.67
C CYS A 1838 11.49 50.75 -19.01
N LYS A 1839 12.33 50.81 -20.04
CA LYS A 1839 11.90 51.15 -21.37
C LYS A 1839 12.75 50.35 -22.37
N PRO A 1850 29.72 57.30 -3.52
CA PRO A 1850 28.67 58.31 -3.33
C PRO A 1850 27.24 57.74 -3.42
N ASP A 1851 26.87 57.23 -4.59
CA ASP A 1851 25.57 56.58 -4.76
C ASP A 1851 25.46 55.45 -3.75
N TRP A 1852 26.53 54.70 -3.62
CA TRP A 1852 26.61 53.64 -2.64
C TRP A 1852 26.49 54.17 -1.21
N SER A 1853 27.02 55.38 -0.97
CA SER A 1853 26.91 55.98 0.36
C SER A 1853 25.47 56.40 0.65
N SER A 1854 24.80 56.96 -0.35
CA SER A 1854 23.38 57.31 -0.21
C SER A 1854 22.59 56.03 0.06
N ILE A 1855 22.94 54.96 -0.65
CA ILE A 1855 22.39 53.64 -0.35
C ILE A 1855 22.58 53.35 1.15
N ASN A 1856 23.82 53.40 1.64
CA ASN A 1856 24.08 53.20 3.07
C ASN A 1856 23.17 54.04 3.98
N GLU A 1857 23.06 55.33 3.66
CA GLU A 1857 22.17 56.22 4.38
C GLU A 1857 20.74 55.67 4.47
N SER A 1858 20.19 55.36 3.30
CA SER A 1858 18.86 54.77 3.24
C SER A 1858 18.76 53.48 4.08
N TRP A 1859 19.77 52.63 4.00
CA TRP A 1859 19.81 51.42 4.83
C TRP A 1859 19.70 51.74 6.31
N LYS A 1860 20.36 52.82 6.75
CA LYS A 1860 20.09 53.31 8.10
C LYS A 1860 18.66 53.85 8.27
N ASN A 1861 18.07 54.37 7.18
CA ASN A 1861 16.64 54.72 7.16
C ASN A 1861 15.67 53.54 6.95
N LEU A 1862 16.21 52.36 6.67
CA LEU A 1862 15.44 51.10 6.65
C LEU A 1862 15.06 50.54 8.02
N TYR A 1863 14.02 49.71 8.02
CA TYR A 1863 13.31 49.32 9.24
C TYR A 1863 13.97 48.29 10.16
N ALA A 1864 14.70 47.34 9.59
CA ALA A 1864 15.36 46.34 10.42
C ALA A 1864 16.31 47.02 11.40
N PHE A 1865 17.04 48.00 10.87
CA PHE A 1865 17.97 48.77 11.70
C PHE A 1865 17.22 49.46 12.84
N GLN A 1866 16.15 50.15 12.48
CA GLN A 1866 15.43 50.98 13.44
C GLN A 1866 14.86 50.11 14.54
N SER A 1867 14.47 50.76 15.64
CA SER A 1867 14.22 50.06 16.90
C SER A 1867 12.75 50.01 17.32
N SER A 1868 12.53 49.37 18.46
CA SER A 1868 11.21 49.06 18.96
C SER A 1868 10.29 50.27 19.11
N GLU A 1869 10.85 51.47 19.25
CA GLU A 1869 10.01 52.66 19.35
C GLU A 1869 9.45 53.01 17.99
N GLN A 1870 10.30 52.92 16.97
CA GLN A 1870 9.87 53.09 15.59
C GLN A 1870 8.86 52.02 15.21
N GLU A 1871 9.27 50.77 15.43
CA GLU A 1871 8.41 49.60 15.27
C GLU A 1871 7.00 49.85 15.87
N PHE A 1872 6.96 49.94 17.19
CA PHE A 1872 5.73 50.08 17.97
C PHE A 1872 4.88 51.31 17.63
N ALA A 1873 5.50 52.49 17.56
CA ALA A 1873 4.76 53.71 17.22
C ALA A 1873 4.16 53.64 15.82
N ARG A 1874 4.95 53.09 14.90
CA ARG A 1874 4.46 52.86 13.55
C ARG A 1874 3.25 51.91 13.60
N ALA A 1875 3.35 50.84 14.37
CA ALA A 1875 2.20 49.93 14.48
C ALA A 1875 0.98 50.60 15.11
N LYS A 1876 1.19 51.53 16.05
CA LYS A 1876 0.09 52.38 16.51
C LYS A 1876 -0.53 53.13 15.34
N LYS A 1877 0.31 53.77 14.53
CA LYS A 1877 -0.17 54.46 13.32
C LYS A 1877 -1.09 53.55 12.49
N VAL A 1878 -0.63 52.32 12.26
CA VAL A 1878 -1.44 51.33 11.56
C VAL A 1878 -2.73 51.00 12.30
N SER A 1879 -2.64 50.91 13.63
CA SER A 1879 -3.83 50.70 14.44
C SER A 1879 -4.84 51.80 14.15
N THR A 1880 -4.33 53.02 14.00
CA THR A 1880 -5.17 54.19 13.69
C THR A 1880 -5.80 54.13 12.31
N TYR A 1881 -5.03 53.67 11.32
CA TYR A 1881 -5.63 53.38 10.02
C TYR A 1881 -6.82 52.42 10.15
N PHE A 1882 -7.81 52.59 9.28
CA PHE A 1882 -8.87 51.61 9.14
C PHE A 1882 -8.32 50.64 8.13
N THR A 1883 -7.98 49.45 8.57
CA THR A 1883 -7.26 48.53 7.71
C THR A 1883 -8.22 47.65 6.91
N LEU A 1884 -9.48 47.71 7.28
CA LEU A 1884 -10.49 46.81 6.71
C LEU A 1884 -11.31 47.46 5.59
N THR A 1885 -12.03 48.52 5.93
CA THR A 1885 -12.66 49.43 4.96
C THR A 1885 -13.42 48.70 3.82
N GLY A 1886 -13.01 48.91 2.57
CA GLY A 1886 -13.83 48.54 1.43
C GLY A 1886 -14.03 47.06 1.20
N ILE A 1887 -13.41 46.24 2.05
CA ILE A 1887 -13.59 44.79 1.97
C ILE A 1887 -15.06 44.41 2.14
N PRO A 1888 -15.60 43.62 1.19
CA PRO A 1888 -16.95 43.10 1.41
C PRO A 1888 -17.00 42.00 2.46
N SER A 1889 -18.11 41.96 3.19
CA SER A 1889 -18.28 41.06 4.33
C SER A 1889 -18.02 39.59 4.03
N GLN A 1890 -18.18 39.18 2.78
CA GLN A 1890 -17.99 37.79 2.41
C GLN A 1890 -16.58 37.32 2.73
N PHE A 1891 -15.65 38.26 2.67
CA PHE A 1891 -14.24 37.96 2.82
C PHE A 1891 -13.75 37.90 4.27
N ILE A 1892 -14.24 38.83 5.08
CA ILE A 1892 -13.88 38.91 6.49
C ILE A 1892 -14.42 37.70 7.26
N PRO A 1893 -13.77 37.33 8.39
CA PRO A 1893 -14.47 36.37 9.26
C PRO A 1893 -15.64 37.02 9.98
N ASP A 1894 -16.50 36.20 10.57
CA ASP A 1894 -17.51 36.69 11.52
C ASP A 1894 -16.78 37.07 12.81
N PRO A 1895 -16.80 38.36 13.22
CA PRO A 1895 -15.82 38.74 14.25
C PRO A 1895 -16.15 38.21 15.64
N PHE A 1896 -16.63 36.97 15.70
CA PHE A 1896 -16.82 36.24 16.92
C PHE A 1896 -16.48 34.81 16.62
N VAL A 1897 -17.16 34.27 15.62
CA VAL A 1897 -17.00 32.89 15.20
C VAL A 1897 -15.52 32.52 15.05
N ASN A 1898 -14.69 33.47 14.64
CA ASN A 1898 -13.25 33.24 14.63
C ASN A 1898 -12.70 33.13 16.05
N ILE A 1899 -13.24 33.93 16.98
CA ILE A 1899 -12.85 33.82 18.39
C ILE A 1899 -13.25 32.48 18.96
N GLU A 1900 -14.54 32.16 18.82
CA GLU A 1900 -15.10 30.89 19.28
C GLU A 1900 -14.27 29.72 18.75
N THR A 1901 -14.07 29.70 17.43
CA THR A 1901 -13.30 28.63 16.84
C THR A 1901 -11.84 28.66 17.31
N MET A 1902 -11.25 29.85 17.47
CA MET A 1902 -9.86 29.92 17.93
C MET A 1902 -9.70 29.36 19.35
N LEU A 1903 -10.46 29.88 20.31
CA LEU A 1903 -10.43 29.30 21.64
C LEU A 1903 -10.71 27.81 21.51
N GLN A 1904 -11.58 27.43 20.57
CA GLN A 1904 -11.83 26.01 20.28
C GLN A 1904 -10.65 25.33 19.56
N ILE A 1905 -9.75 26.11 18.94
CA ILE A 1905 -8.49 25.57 18.41
C ILE A 1905 -7.50 25.33 19.56
N PHE A 1906 -7.63 26.16 20.59
CA PHE A 1906 -6.75 26.09 21.77
C PHE A 1906 -7.22 25.17 22.90
N GLY A 1907 -8.29 24.40 22.68
CA GLY A 1907 -8.64 23.27 23.53
C GLY A 1907 -9.81 23.41 24.49
N VAL A 1908 -10.49 24.56 24.50
CA VAL A 1908 -11.62 24.77 25.42
C VAL A 1908 -12.92 24.17 24.86
N PRO A 1909 -13.95 24.05 25.71
CA PRO A 1909 -15.28 23.64 25.23
C PRO A 1909 -16.00 24.73 24.45
N THR A 1910 -16.79 24.34 23.45
CA THR A 1910 -17.46 25.31 22.59
C THR A 1910 -18.43 26.18 23.39
N GLY A 1911 -19.01 25.59 24.44
CA GLY A 1911 -19.96 26.31 25.27
C GLY A 1911 -19.25 27.51 25.82
N VAL A 1912 -18.12 27.24 26.45
CA VAL A 1912 -17.25 28.28 26.99
C VAL A 1912 -16.80 29.26 25.90
N SER A 1913 -16.36 28.71 24.77
CA SER A 1913 -15.96 29.53 23.63
C SER A 1913 -17.05 30.55 23.30
N HIS A 1914 -18.28 30.06 23.32
CA HIS A 1914 -19.42 30.85 22.92
C HIS A 1914 -19.79 31.87 23.98
N ALA A 1915 -19.79 31.47 25.24
CA ALA A 1915 -20.03 32.41 26.33
C ALA A 1915 -18.99 33.52 26.25
N ALA A 1916 -17.76 33.14 25.95
CA ALA A 1916 -16.70 34.10 25.77
C ALA A 1916 -17.05 35.06 24.63
N ALA A 1917 -17.23 34.50 23.44
CA ALA A 1917 -17.50 35.31 22.24
C ALA A 1917 -18.69 36.25 22.45
N LEU A 1918 -19.69 35.77 23.17
CA LEU A 1918 -20.78 36.62 23.59
C LEU A 1918 -20.27 37.74 24.48
N LYS A 1919 -19.52 37.42 25.52
CA LYS A 1919 -19.01 38.45 26.44
C LYS A 1919 -18.12 39.47 25.71
N SER A 1920 -17.45 39.03 24.65
CA SER A 1920 -16.70 39.93 23.78
C SER A 1920 -17.65 40.85 23.03
N SER A 1921 -18.72 40.27 22.49
CA SER A 1921 -19.77 41.07 21.88
C SER A 1921 -20.36 42.10 22.85
N ASP A 1922 -20.68 41.65 24.07
CA ASP A 1922 -21.37 42.46 25.06
C ASP A 1922 -20.48 43.54 25.66
N ARG A 1923 -19.19 43.23 25.83
CA ARG A 1923 -18.28 44.15 26.46
C ARG A 1923 -17.17 44.62 25.52
N PRO A 1924 -17.52 45.37 24.46
CA PRO A 1924 -16.45 45.96 23.67
C PRO A 1924 -15.72 47.01 24.48
N ALA A 1925 -16.46 47.67 25.37
CA ALA A 1925 -15.92 48.74 26.19
C ALA A 1925 -14.72 48.24 26.99
N ASP A 1926 -14.94 47.23 27.83
CA ASP A 1926 -13.83 46.69 28.60
C ASP A 1926 -13.36 45.43 27.91
N LEU A 1927 -12.36 45.62 27.07
CA LEU A 1927 -11.84 44.54 26.26
C LEU A 1927 -10.79 43.79 27.04
N LEU A 1928 -9.94 44.57 27.69
CA LEU A 1928 -8.71 44.09 28.30
C LEU A 1928 -9.02 42.97 29.26
N THR A 1929 -10.12 43.16 29.98
CA THR A 1929 -10.60 42.20 30.95
C THR A 1929 -10.90 40.87 30.30
N ILE A 1930 -11.48 40.95 29.11
CA ILE A 1930 -11.94 39.76 28.41
C ILE A 1930 -10.74 39.05 27.79
N SER A 1931 -9.79 39.85 27.32
CA SER A 1931 -8.56 39.32 26.77
C SER A 1931 -7.84 38.52 27.83
N LEU A 1932 -7.58 39.18 28.96
CA LEU A 1932 -6.98 38.51 30.09
C LEU A 1932 -7.84 37.31 30.46
N PHE A 1933 -9.15 37.45 30.33
CA PHE A 1933 -10.03 36.30 30.55
C PHE A 1933 -9.80 35.17 29.55
N TYR A 1934 -9.43 35.50 28.31
CA TYR A 1934 -9.08 34.45 27.34
C TYR A 1934 -7.81 33.76 27.78
N MET A 1935 -6.84 34.57 28.21
CA MET A 1935 -5.61 34.03 28.77
C MET A 1935 -5.96 33.03 29.85
N ALA A 1936 -6.78 33.48 30.79
CA ALA A 1936 -7.23 32.63 31.88
C ALA A 1936 -7.87 31.36 31.35
N ILE A 1937 -8.94 31.51 30.57
CA ILE A 1937 -9.78 30.37 30.20
C ILE A 1937 -8.95 29.31 29.43
N ILE A 1938 -8.10 29.78 28.51
CA ILE A 1938 -7.24 28.88 27.76
C ILE A 1938 -6.28 28.22 28.72
N SER A 1939 -5.71 29.00 29.63
CA SER A 1939 -4.80 28.48 30.63
C SER A 1939 -5.45 27.37 31.49
N TYR A 1940 -6.60 27.67 32.12
CA TYR A 1940 -7.24 26.69 32.99
C TYR A 1940 -7.73 25.45 32.24
N TYR A 1941 -8.22 25.61 31.02
CA TYR A 1941 -8.64 24.42 30.26
C TYR A 1941 -7.47 23.66 29.65
N ASN A 1942 -6.33 24.32 29.43
CA ASN A 1942 -5.12 23.62 28.96
C ASN A 1942 -4.32 22.97 30.07
N ILE A 1943 -3.82 23.82 30.97
CA ILE A 1943 -2.92 23.42 32.06
C ILE A 1943 -3.52 23.28 33.47
N ASN A 1944 -4.78 23.70 33.68
CA ASN A 1944 -5.46 23.54 34.98
C ASN A 1944 -4.71 24.09 36.20
N HIS A 1945 -4.57 25.41 36.29
CA HIS A 1945 -3.91 26.00 37.45
C HIS A 1945 -4.66 25.61 38.73
N ILE A 1946 -5.91 25.16 38.58
CA ILE A 1946 -6.66 24.55 39.67
C ILE A 1946 -7.34 23.24 39.28
N ARG A 1947 -7.19 22.24 40.15
CA ARG A 1947 -8.15 21.16 40.35
C ARG A 1947 -7.45 20.15 41.25
N VAL A 1948 -8.17 19.09 41.62
CA VAL A 1948 -7.57 17.98 42.35
C VAL A 1948 -7.57 16.72 41.48
N GLY A 1949 -6.47 15.96 41.54
CA GLY A 1949 -6.44 14.68 40.87
C GLY A 1949 -5.31 13.76 41.33
N PRO A 1950 -5.52 12.45 41.21
CA PRO A 1950 -4.56 11.36 41.43
C PRO A 1950 -3.54 11.23 40.30
N ILE A 1951 -2.39 11.89 40.45
CA ILE A 1951 -1.29 11.74 39.47
C ILE A 1951 -1.56 12.32 38.08
N PRO A 1952 -1.46 13.66 37.96
CA PRO A 1952 -1.42 14.41 36.70
C PRO A 1952 0.00 14.60 36.15
N PRO A 1953 0.55 13.59 35.45
CA PRO A 1953 1.94 13.68 34.97
C PRO A 1953 2.19 14.65 33.82
N ASN A 1954 3.16 15.54 33.98
CA ASN A 1954 3.65 16.40 32.90
C ASN A 1954 2.59 16.86 31.90
N PRO A 1955 1.51 17.50 32.37
CA PRO A 1955 0.67 18.04 31.30
C PRO A 1955 1.11 19.42 30.78
N PRO A 1956 2.43 19.68 30.70
CA PRO A 1956 2.84 20.54 29.58
C PRO A 1956 2.86 19.81 28.25
N SER A 1957 3.53 18.65 28.20
CA SER A 1957 3.54 17.74 27.06
C SER A 1957 3.49 18.43 25.69
N ASP A 1958 4.51 19.23 25.37
CA ASP A 1958 4.56 19.89 24.06
C ASP A 1958 3.30 20.71 23.74
N GLY A 1959 2.44 20.20 22.85
CA GLY A 1959 1.44 21.00 22.17
C GLY A 1959 0.62 21.92 23.06
N ILE A 1960 -0.06 21.39 24.08
CA ILE A 1960 -0.93 22.25 24.90
C ILE A 1960 -0.12 23.45 25.39
N ALA A 1961 1.08 23.18 25.90
CA ALA A 1961 1.99 24.24 26.30
C ALA A 1961 2.29 25.16 25.10
N GLN A 1962 2.51 24.58 23.93
CA GLN A 1962 2.76 25.39 22.76
C GLN A 1962 1.62 26.37 22.54
N ASN A 1963 0.39 25.88 22.41
CA ASN A 1963 -0.65 26.81 22.02
C ASN A 1963 -0.98 27.79 23.16
N VAL A 1964 -0.78 27.40 24.42
CA VAL A 1964 -0.98 28.37 25.51
C VAL A 1964 0.11 29.44 25.53
N GLY A 1965 1.34 29.04 25.21
CA GLY A 1965 2.41 30.00 25.06
C GLY A 1965 2.11 31.00 23.95
N ILE A 1966 1.85 30.50 22.74
CA ILE A 1966 1.56 31.40 21.63
C ILE A 1966 0.34 32.26 21.91
N ALA A 1967 -0.65 31.68 22.58
CA ALA A 1967 -1.81 32.45 22.98
C ALA A 1967 -1.37 33.64 23.82
N ILE A 1968 -0.64 33.33 24.89
CA ILE A 1968 -0.14 34.38 25.77
C ILE A 1968 0.63 35.41 24.95
N THR A 1969 1.42 34.96 23.99
CA THR A 1969 2.18 35.90 23.17
C THR A 1969 1.27 36.84 22.35
N GLY A 1970 0.41 36.29 21.51
CA GLY A 1970 -0.44 37.12 20.67
C GLY A 1970 -1.29 38.08 21.51
N ILE A 1971 -1.91 37.51 22.52
CA ILE A 1971 -2.75 38.28 23.40
C ILE A 1971 -1.92 39.42 23.97
N SER A 1972 -0.84 39.07 24.66
CA SER A 1972 -0.03 40.08 25.34
C SER A 1972 0.57 41.08 24.34
N PHE A 1973 0.71 40.65 23.09
CA PHE A 1973 1.12 41.56 22.04
C PHE A 1973 0.11 42.67 21.90
N TRP A 1974 -1.07 42.31 21.40
CA TRP A 1974 -2.02 43.36 21.01
C TRP A 1974 -2.50 44.06 22.28
N LEU A 1975 -2.40 43.35 23.40
CA LEU A 1975 -2.64 43.93 24.71
C LEU A 1975 -1.62 45.01 24.96
N SER A 1976 -0.35 44.67 24.82
CA SER A 1976 0.73 45.62 25.05
C SER A 1976 0.52 46.83 24.18
N LEU A 1977 0.09 46.57 22.94
CA LEU A 1977 -0.21 47.65 22.00
C LEU A 1977 -1.40 48.52 22.48
N MET A 1978 -2.40 47.88 23.08
CA MET A 1978 -3.51 48.63 23.67
C MET A 1978 -3.16 49.31 25.00
N GLU A 1979 -2.84 48.52 26.01
CA GLU A 1979 -2.38 49.00 27.32
C GLU A 1979 -1.05 49.78 27.25
N LYS A 1980 -0.40 49.79 26.08
CA LYS A 1980 0.73 50.69 25.76
C LYS A 1980 2.07 50.30 26.38
N ASP A 1981 2.09 49.28 27.22
CA ASP A 1981 3.29 48.91 27.95
C ASP A 1981 4.36 48.31 27.02
N ILE A 1982 5.51 48.95 26.98
CA ILE A 1982 6.61 48.53 26.12
C ILE A 1982 7.24 47.21 26.58
N PRO A 1983 7.63 47.12 27.85
CA PRO A 1983 8.42 45.95 28.24
C PRO A 1983 7.70 44.62 27.97
N LEU A 1984 6.37 44.67 27.89
CA LEU A 1984 5.61 43.53 27.37
C LEU A 1984 6.10 43.25 26.00
N TYR A 1985 6.14 44.30 25.19
CA TYR A 1985 6.51 44.21 23.79
C TYR A 1985 7.95 43.75 23.64
N GLN A 1986 8.85 44.34 24.42
CA GLN A 1986 10.26 43.94 24.41
C GLN A 1986 10.38 42.46 24.76
N GLN A 1987 9.74 42.11 25.88
CA GLN A 1987 9.65 40.72 26.32
C GLN A 1987 9.12 39.84 25.21
N CYS A 1988 8.04 40.28 24.59
CA CYS A 1988 7.39 39.56 23.53
C CYS A 1988 8.37 39.23 22.46
N LEU A 1989 9.12 40.24 22.02
CA LEU A 1989 10.12 40.04 20.99
C LEU A 1989 11.17 39.02 21.45
N ALA A 1990 11.77 39.25 22.60
CA ALA A 1990 12.80 38.33 23.12
C ALA A 1990 12.25 36.90 23.25
N VAL A 1991 10.97 36.80 23.56
CA VAL A 1991 10.29 35.51 23.70
C VAL A 1991 10.10 34.82 22.35
N ILE A 1992 9.49 35.53 21.40
CA ILE A 1992 9.25 34.93 20.09
C ILE A 1992 10.58 34.51 19.50
N GLN A 1993 11.61 35.30 19.75
CA GLN A 1993 12.95 34.88 19.39
C GLN A 1993 13.27 33.57 20.07
N GLN A 1994 13.38 33.61 21.40
CA GLN A 1994 13.80 32.43 22.14
C GLN A 1994 13.04 32.13 23.43
N SER A 1995 12.53 30.89 23.49
CA SER A 1995 12.16 30.24 24.74
C SER A 1995 11.11 30.92 25.65
N PHE A 1996 9.83 30.86 25.29
CA PHE A 1996 8.77 31.25 26.23
C PHE A 1996 8.70 30.30 27.43
N PRO A 1997 9.00 30.79 28.63
CA PRO A 1997 9.12 29.87 29.78
C PRO A 1997 7.83 29.18 30.19
N ILE A 1998 7.91 27.87 30.40
CA ILE A 1998 6.90 27.14 31.15
C ILE A 1998 7.63 26.22 32.13
N ARG A 1999 7.49 26.50 33.42
CA ARG A 1999 8.22 25.78 34.46
C ARG A 1999 7.25 24.96 35.28
N TRP A 2000 7.45 23.65 35.24
CA TRP A 2000 6.43 22.66 35.62
C TRP A 2000 6.62 22.04 36.98
N GLU A 2001 5.52 21.86 37.70
CA GLU A 2001 5.52 21.22 39.01
C GLU A 2001 4.19 20.48 39.26
N ALA A 2002 4.22 19.47 40.11
CA ALA A 2002 3.00 18.84 40.60
C ALA A 2002 3.06 18.76 42.14
N VAL A 2003 2.24 19.56 42.79
CA VAL A 2003 2.24 19.69 44.26
C VAL A 2003 1.14 18.85 44.88
N SER A 2004 1.45 18.20 46.00
CA SER A 2004 0.49 17.30 46.64
C SER A 2004 -0.19 17.91 47.86
N VAL A 2005 -1.45 18.26 47.65
CA VAL A 2005 -2.39 18.71 48.68
C VAL A 2005 -3.27 17.51 49.07
N LYS A 2006 -2.79 16.32 48.76
CA LYS A 2006 -3.54 15.07 48.72
C LYS A 2006 -4.61 15.03 47.62
N GLY A 2007 -5.67 14.26 47.86
CA GLY A 2007 -6.62 13.91 46.82
C GLY A 2007 -5.95 13.46 45.53
N GLY A 2008 -4.83 12.73 45.63
CA GLY A 2008 -3.92 12.67 44.51
C GLY A 2008 -3.00 13.85 44.65
N TYR A 2009 -2.75 14.59 43.57
CA TYR A 2009 -2.15 15.91 43.74
C TYR A 2009 -2.42 16.96 42.65
N LYS A 2010 -2.43 18.23 43.08
CA LYS A 2010 -2.60 19.42 42.22
C LYS A 2010 -1.40 19.64 41.30
N GLN A 2011 -1.56 20.48 40.27
CA GLN A 2011 -0.44 20.82 39.39
C GLN A 2011 -0.19 22.35 39.24
N LYS A 2012 1.07 22.69 38.95
CA LYS A 2012 1.60 24.06 38.96
C LYS A 2012 2.47 24.37 37.74
N TRP A 2013 2.25 25.50 37.09
CA TRP A 2013 3.16 26.00 36.04
C TRP A 2013 3.57 27.44 36.31
N SER A 2014 4.77 27.81 35.89
CA SER A 2014 5.20 29.20 36.07
C SER A 2014 6.28 29.67 35.10
N THR A 2015 6.86 30.82 35.42
CA THR A 2015 8.04 31.31 34.75
C THR A 2015 9.12 31.64 35.76
N ARG A 2016 8.85 32.58 36.67
CA ARG A 2016 9.87 33.10 37.59
C ARG A 2016 10.46 32.05 38.53
N GLY A 2017 9.83 30.88 38.64
CA GLY A 2017 10.37 29.78 39.42
C GLY A 2017 11.08 28.82 38.49
N ASP A 2018 11.72 27.78 39.03
CA ASP A 2018 12.23 26.71 38.18
C ASP A 2018 11.82 25.32 38.67
N GLY A 2019 10.91 24.74 37.89
CA GLY A 2019 10.51 23.36 38.01
C GLY A 2019 11.16 22.62 36.87
N LEU A 2020 10.42 21.66 36.32
CA LEU A 2020 10.71 21.06 35.03
C LEU A 2020 10.37 22.03 33.89
N PRO A 2021 11.39 22.48 33.14
CA PRO A 2021 11.22 23.49 32.08
C PRO A 2021 10.80 22.95 30.70
N LYS A 2022 9.49 22.88 30.43
CA LYS A 2022 8.97 22.45 29.13
C LYS A 2022 8.96 23.62 28.16
N ASP A 2023 9.79 24.61 28.49
CA ASP A 2023 9.82 25.93 27.87
C ASP A 2023 9.68 25.88 26.35
N THR A 2024 8.76 26.67 25.83
CA THR A 2024 8.32 26.55 24.44
C THR A 2024 8.96 27.53 23.47
N ARG A 2025 9.54 26.96 22.43
CA ARG A 2025 10.02 27.73 21.30
C ARG A 2025 8.89 28.09 20.34
N ILE A 2026 8.95 29.30 19.77
CA ILE A 2026 8.03 29.68 18.71
C ILE A 2026 8.79 30.32 17.54
N SER A 2027 8.70 29.64 16.39
CA SER A 2027 9.40 30.00 15.17
C SER A 2027 8.40 30.07 14.02
N ASP A 2028 7.71 28.95 13.82
CA ASP A 2028 6.68 28.82 12.80
C ASP A 2028 5.36 29.44 13.27
N SER A 2029 5.41 30.03 14.45
CA SER A 2029 4.21 30.40 15.19
C SER A 2029 3.74 31.85 14.99
N LEU A 2030 4.34 32.60 14.07
CA LEU A 2030 3.88 33.97 13.84
C LEU A 2030 2.49 33.98 13.26
N ALA A 2031 2.14 32.93 12.53
CA ALA A 2031 0.86 32.89 11.82
C ALA A 2031 -0.29 32.89 12.83
N PRO A 2032 -0.28 31.94 13.79
CA PRO A 2032 -1.43 32.05 14.70
C PRO A 2032 -1.34 33.28 15.62
N ILE A 2033 -0.15 33.74 15.99
CA ILE A 2033 -0.04 35.00 16.74
C ILE A 2033 -0.79 36.07 15.95
N GLY A 2034 -0.48 36.11 14.65
CA GLY A 2034 -1.18 36.96 13.71
C GLY A 2034 -2.67 36.75 13.83
N ASN A 2035 -3.13 35.50 13.83
CA ASN A 2035 -4.56 35.24 14.01
C ASN A 2035 -5.06 35.93 15.26
N TRP A 2036 -4.30 35.83 16.35
CA TRP A 2036 -4.73 36.42 17.62
C TRP A 2036 -4.86 37.92 17.55
N ILE A 2037 -3.77 38.57 17.16
CA ILE A 2037 -3.80 40.01 17.05
C ILE A 2037 -4.93 40.42 16.13
N ARG A 2038 -5.09 39.70 15.02
CA ARG A 2038 -6.09 40.05 14.02
C ARG A 2038 -7.50 39.92 14.59
N SER A 2039 -7.76 38.79 15.22
CA SER A 2039 -9.05 38.55 15.83
C SER A 2039 -9.38 39.64 16.80
N LEU A 2040 -8.48 39.89 17.74
CA LEU A 2040 -8.84 40.84 18.79
C LEU A 2040 -8.86 42.29 18.30
N GLU A 2041 -7.99 42.62 17.36
CA GLU A 2041 -8.12 43.87 16.63
C GLU A 2041 -9.45 43.89 15.89
N LEU A 2042 -9.88 42.72 15.43
CA LEU A 2042 -11.10 42.62 14.65
C LEU A 2042 -12.35 42.75 15.52
N VAL A 2043 -12.32 42.23 16.75
CA VAL A 2043 -13.45 42.40 17.65
C VAL A 2043 -13.43 43.77 18.31
N ARG A 2044 -12.24 44.34 18.48
CA ARG A 2044 -12.16 45.70 19.00
C ARG A 2044 -12.90 46.66 18.08
N ASN A 2045 -12.93 46.36 16.78
CA ASN A 2045 -13.74 47.11 15.83
C ASN A 2045 -13.45 48.60 15.85
N GLN A 2046 -12.22 48.97 16.15
CA GLN A 2046 -11.84 50.38 16.31
C GLN A 2046 -12.49 50.99 17.56
N VAL A 2047 -13.31 50.20 18.26
CA VAL A 2047 -13.99 50.68 19.46
C VAL A 2047 -12.95 51.00 20.51
N ARG A 2048 -13.30 51.85 21.46
CA ARG A 2048 -12.38 52.23 22.51
C ARG A 2048 -12.15 51.08 23.49
N LEU A 2049 -11.29 51.36 24.46
CA LEU A 2049 -10.98 50.41 25.52
C LEU A 2049 -11.13 51.10 26.85
N ASN A 2050 -11.30 50.30 27.89
CA ASN A 2050 -11.45 50.80 29.24
C ASN A 2050 -10.59 49.94 30.16
N PRO A 2051 -10.31 50.44 31.37
CA PRO A 2051 -9.36 49.78 32.26
C PRO A 2051 -9.66 48.30 32.44
N PHE A 2052 -8.62 47.53 32.74
CA PHE A 2052 -8.82 46.14 33.05
C PHE A 2052 -9.60 46.12 34.36
N ASN A 2053 -10.79 45.56 34.32
CA ASN A 2053 -11.70 45.59 35.45
C ASN A 2053 -11.62 44.27 36.18
N GLU A 2054 -10.95 44.28 37.31
CA GLU A 2054 -10.60 43.04 37.98
C GLU A 2054 -11.87 42.32 38.42
N ILE A 2055 -12.86 43.10 38.83
CA ILE A 2055 -14.15 42.57 39.24
C ILE A 2055 -14.71 41.74 38.09
N LEU A 2056 -14.84 42.37 36.92
CA LEU A 2056 -15.36 41.69 35.75
C LEU A 2056 -14.56 40.43 35.45
N PHE A 2057 -13.24 40.55 35.43
CA PHE A 2057 -12.36 39.41 35.21
C PHE A 2057 -12.78 38.27 36.13
N ASN A 2058 -12.98 38.60 37.40
CA ASN A 2058 -13.46 37.61 38.36
C ASN A 2058 -14.81 37.05 37.93
N GLN A 2059 -15.74 37.94 37.58
CA GLN A 2059 -17.07 37.55 37.11
C GLN A 2059 -16.92 36.49 36.02
N LEU A 2060 -16.28 36.88 34.92
CA LEU A 2060 -16.01 35.99 33.79
C LEU A 2060 -15.41 34.66 34.25
N CYS A 2061 -14.37 34.74 35.06
CA CYS A 2061 -13.62 33.56 35.48
C CYS A 2061 -14.45 32.56 36.30
N ARG A 2062 -15.08 33.02 37.37
CA ARG A 2062 -15.87 32.13 38.21
C ARG A 2062 -17.17 31.74 37.53
N THR A 2063 -17.66 32.62 36.66
CA THR A 2063 -18.82 32.33 35.83
C THR A 2063 -18.53 31.09 34.97
N VAL A 2064 -17.46 31.20 34.19
CA VAL A 2064 -17.14 30.17 33.20
C VAL A 2064 -16.38 28.96 33.77
N ASP A 2065 -15.64 29.17 34.86
CA ASP A 2065 -14.82 28.12 35.46
C ASP A 2065 -15.18 27.87 36.92
N ASN A 2066 -14.41 27.01 37.58
CA ASN A 2066 -14.90 26.33 38.78
C ASN A 2066 -15.40 27.29 39.85
N HIS A 2067 -14.54 27.76 40.75
CA HIS A 2067 -14.65 29.09 41.31
C HIS A 2067 -13.37 29.89 41.20
N LEU A 2068 -12.41 29.34 40.46
CA LEU A 2068 -11.06 29.86 40.41
C LEU A 2068 -11.01 31.34 40.12
N LYS A 2069 -10.00 31.97 40.68
CA LYS A 2069 -9.94 33.42 40.73
C LYS A 2069 -8.63 34.03 40.26
N TRP A 2070 -8.65 35.36 40.25
CA TRP A 2070 -7.46 36.15 39.99
C TRP A 2070 -6.35 35.69 40.92
N SER A 2071 -6.70 35.20 42.09
CA SER A 2071 -5.75 34.63 43.05
C SER A 2071 -5.00 33.41 42.51
N ASN A 2072 -5.77 32.38 42.17
CA ASN A 2072 -5.19 31.14 41.61
C ASN A 2072 -4.36 31.45 40.40
N LEU A 2073 -4.83 32.43 39.65
CA LEU A 2073 -4.03 33.00 38.57
C LEU A 2073 -2.84 33.79 39.15
N ARG A 2074 -3.08 34.52 40.23
CA ARG A 2074 -2.11 35.50 40.74
C ARG A 2074 -0.82 34.82 41.11
N ARG A 2075 -0.94 33.86 42.01
CA ARG A 2075 0.22 33.23 42.62
C ARG A 2075 0.26 31.77 42.22
N ASN A 2076 -0.80 31.02 42.59
CA ASN A 2076 -0.76 29.57 42.69
C ASN A 2076 0.00 29.00 41.53
N THR A 2077 -0.56 29.20 40.36
CA THR A 2077 0.23 29.01 39.17
C THR A 2077 -0.40 29.83 38.03
N GLY A 2078 0.44 30.42 37.18
CA GLY A 2078 -0.07 31.27 36.11
C GLY A 2078 0.92 32.18 35.36
N MET A 2079 0.30 33.09 34.61
CA MET A 2079 0.96 34.02 33.69
C MET A 2079 1.12 35.48 34.14
N ILE A 2080 0.75 35.81 35.38
CA ILE A 2080 0.87 37.19 35.88
C ILE A 2080 2.25 37.75 35.61
N GLU A 2081 3.20 36.83 35.45
CA GLU A 2081 4.56 37.13 35.05
C GLU A 2081 4.48 38.11 33.90
N TRP A 2082 3.42 37.96 33.13
CA TRP A 2082 3.15 38.82 32.00
C TRP A 2082 2.52 40.13 32.48
N ILE A 2083 2.74 40.46 33.75
CA ILE A 2083 2.61 41.85 34.15
C ILE A 2083 3.89 42.55 33.64
N ASN A 2084 5.02 42.53 34.36
CA ASN A 2084 6.34 42.78 33.74
C ASN A 2084 7.41 41.69 33.90
N ARG A 2085 7.03 40.55 34.47
CA ARG A 2085 8.00 39.59 35.00
C ARG A 2085 8.24 38.34 34.12
N ARG A 2086 9.45 37.79 34.16
CA ARG A 2086 9.81 36.66 33.30
C ARG A 2086 11.06 35.97 33.85
N ILE A 2087 11.65 35.09 33.05
CA ILE A 2087 13.00 34.55 33.33
C ILE A 2087 13.81 34.43 32.04
N SER A 2088 15.14 34.41 32.19
CA SER A 2088 16.04 34.23 31.05
C SER A 2088 15.87 32.84 30.45
N LYS A 2089 16.29 32.69 29.20
CA LYS A 2089 16.10 31.44 28.46
C LYS A 2089 16.66 30.26 29.24
N GLU A 2090 15.96 29.13 29.13
CA GLU A 2090 16.46 27.89 29.70
C GLU A 2090 16.45 26.82 28.62
N ASP A 2091 15.26 26.47 28.15
CA ASP A 2091 15.11 25.30 27.32
C ASP A 2091 14.74 25.58 25.87
N ARG A 2092 15.37 24.79 25.00
CA ARG A 2092 15.01 24.64 23.61
C ARG A 2092 14.15 23.39 23.42
N SER A 2093 13.72 22.80 24.54
CA SER A 2093 13.33 21.40 24.58
C SER A 2093 11.95 21.04 23.99
N ILE A 2094 11.26 21.98 23.36
CA ILE A 2094 10.16 21.61 22.44
C ILE A 2094 10.85 21.07 21.16
N LEU A 2095 12.14 21.39 21.02
CA LEU A 2095 13.00 20.80 20.00
C LEU A 2095 13.53 19.46 20.51
N MET A 2096 13.05 19.05 21.69
CA MET A 2096 13.12 17.66 22.16
C MET A 2096 11.96 16.89 21.50
N LEU A 2097 11.30 17.52 20.54
CA LEU A 2097 10.35 16.91 19.60
C LEU A 2097 9.17 16.21 20.24
N LYS A 2098 8.66 15.15 19.60
CA LYS A 2098 7.52 14.37 20.10
C LYS A 2098 7.33 13.15 19.21
N SER A 2099 6.24 12.42 19.43
CA SER A 2099 5.83 11.34 18.50
C SER A 2099 4.32 11.29 18.24
N ASP A 2100 3.92 10.97 17.00
CA ASP A 2100 2.49 10.77 16.71
C ASP A 2100 2.15 9.52 15.86
N LEU A 2101 2.40 9.62 14.56
CA LEU A 2101 2.12 8.60 13.55
C LEU A 2101 2.37 9.42 12.29
N HIS A 2102 2.57 8.78 11.14
CA HIS A 2102 2.80 9.56 9.93
C HIS A 2102 1.74 9.37 8.86
N GLU A 2103 1.39 10.48 8.21
CA GLU A 2103 0.33 10.49 7.24
C GLU A 2103 0.95 10.24 5.86
N GLU A 2104 0.69 9.06 5.31
CA GLU A 2104 1.14 8.71 3.97
C GLU A 2104 -0.02 8.11 3.21
N ASN A 2105 -0.46 8.82 2.17
CA ASN A 2105 -1.74 8.55 1.54
C ASN A 2105 -1.67 7.81 0.21
N SER A 2106 -2.30 6.63 0.16
CA SER A 2106 -2.76 6.10 -1.11
C SER A 2106 -4.18 5.53 -1.05
N TRP A 2107 -5.18 6.29 -1.51
CA TRP A 2107 -6.35 5.77 -2.21
C TRP A 2107 -6.80 4.37 -1.81
N ARG A 2108 -6.68 3.44 -2.76
CA ARG A 2108 -7.31 2.13 -2.68
C ARG A 2108 -6.34 1.01 -2.28
N ASP A 2109 -6.88 -0.22 -2.18
CA ASP A 2109 -6.15 -1.35 -1.63
C ASP A 2109 -5.83 -2.41 -2.67
ZN ZN B . -11.05 2.56 -29.53
ZN ZN C . -4.76 18.92 -24.53
#